data_5IV8
#
_entry.id   5IV8
#
_cell.length_a   75.020
_cell.length_b   173.050
_cell.length_c   84.757
_cell.angle_alpha   90.00
_cell.angle_beta   111.26
_cell.angle_gamma   90.00
#
_symmetry.space_group_name_H-M   'P 1 21 1'
#
loop_
_entity.id
_entity.type
_entity.pdbx_description
1 polymer 'LPS biosynthesis protein'
2 polymer 'LPS-assembly lipoprotein LptE'
3 non-polymer (HYDROXYETHYLOXY)TRI(ETHYLOXY)OCTANE
4 water water
#
loop_
_entity_poly.entity_id
_entity_poly.type
_entity_poly.pdbx_seq_one_letter_code
_entity_poly.pdbx_strand_id
1 'polypeptide(L)'
;MSNHHHHHHHHHHENLYFQSMFKLGSVPIFYSPYLQLPVGDKRRSGFLIPNAKYSTKNGVEFSLPYYWNIAPNFDATITP
HYMNKRGGVMWENEFRYLTQLGSGLTEFDYLPSDKVYEDDHSSDSNSRRWLFYWNHSGVIDQVWRLNADYTKVSDPDYFN
DFSSKYGSSTDGYATQKFSAGYVNQNFDATVSTKQFQVFDRESSNSYSAEPQLDVNYYQNDVGPFDTHLYGQVAHFVNSN
NNMPEATRVHFEPTINLPLSNGWGSLNTEAKLLATHYQQSNLDKYNAANGTDYKESVSRVMPQFKVDGKMVFERDLQEGF
TQTLEPRVQYLYVPYRDQSEIGNYDSTLLQSDYTGLFRDRTYSGLDRIASANQVTTGLTSRVYDAAAVERFNISVGQIYY
FTESRTGDDNINWENNDTTGSLVWAGDTYWRIADEWGLRGGIQYDTRLDNVATGNGTIEYRRDENRLVQLNYRYASPEYI
QATLPSYSTAAQYKQGISQVGMTASWPIVDRWSVVGAYYYDTNTRKAANQMLGVQYNSCCYAIRLGYERKVNGWNSNDNG
GESKYDNTFGINIELRGLSSNYGLGTQQMLRSNILPYQSSL
;
A,C
2 'polypeptide(L)'
;APNTSGWHLRSTTKVPTTMKTMILQSSDPNGPLSRAVRNQLRLNGVDLIDASTLRKDVPSLRLDGSSIQKDTASVFQDGR
TAEYQMVMTVHASVLIPGHDIYPITTKVYRSFFDNPQAALAKDAEQDMIIQEMYDKAAEQLIRKLPSVQVADVEATQQEE
KPVAGSTAPASSGNRVSTTLGQ
;
B,D
#
loop_
_chem_comp.id
_chem_comp.type
_chem_comp.name
_chem_comp.formula
C8E non-polymer (HYDROXYETHYLOXY)TRI(ETHYLOXY)OCTANE 'C16 H34 O5'
#
# COMPACT_ATOMS: atom_id res chain seq x y z
N GLY A 40 49.30 -11.01 -6.18
CA GLY A 40 50.51 -10.48 -6.79
C GLY A 40 50.50 -8.97 -6.92
N ASP A 41 50.06 -8.49 -8.08
CA ASP A 41 49.88 -7.07 -8.35
C ASP A 41 51.19 -6.29 -8.29
N LYS A 42 51.82 -6.08 -9.43
CA LYS A 42 52.98 -5.20 -9.51
C LYS A 42 53.05 -4.63 -10.93
N ARG A 43 54.10 -3.85 -11.19
CA ARG A 43 54.18 -2.98 -12.37
C ARG A 43 52.95 -2.07 -12.42
N ARG A 44 52.85 -1.22 -11.41
CA ARG A 44 51.63 -0.47 -11.13
C ARG A 44 51.93 1.02 -10.91
N SER A 45 50.93 1.76 -10.45
CA SER A 45 51.12 3.12 -9.98
C SER A 45 51.32 3.15 -8.47
N GLY A 46 50.49 2.43 -7.72
CA GLY A 46 50.65 2.30 -6.30
C GLY A 46 49.32 2.49 -5.59
N PHE A 47 49.40 2.61 -4.26
CA PHE A 47 48.22 2.85 -3.44
C PHE A 47 47.65 4.23 -3.72
N LEU A 48 46.33 4.32 -3.76
CA LEU A 48 45.65 5.60 -3.84
C LEU A 48 45.38 6.15 -2.44
N ILE A 49 45.12 7.44 -2.36
CA ILE A 49 44.87 8.09 -1.06
C ILE A 49 43.51 7.64 -0.53
N PRO A 50 43.44 7.11 0.69
CA PRO A 50 42.17 6.60 1.21
C PRO A 50 41.15 7.71 1.44
N ASN A 51 39.91 7.29 1.64
CA ASN A 51 38.83 8.23 1.93
C ASN A 51 37.95 7.68 3.04
N ALA A 52 37.34 8.59 3.79
CA ALA A 52 36.58 8.25 4.98
C ALA A 52 35.14 8.70 4.85
N LYS A 53 34.26 8.05 5.61
CA LYS A 53 32.84 8.38 5.57
C LYS A 53 32.21 8.01 6.90
N TYR A 54 31.11 8.69 7.23
CA TYR A 54 30.31 8.36 8.41
C TYR A 54 28.85 8.46 8.01
N SER A 55 28.17 7.31 7.94
CA SER A 55 26.77 7.23 7.61
C SER A 55 26.00 6.58 8.76
N THR A 56 24.68 6.67 8.68
CA THR A 56 23.84 6.13 9.75
C THR A 56 23.73 4.61 9.68
N LYS A 57 23.64 4.05 8.47
CA LYS A 57 23.47 2.62 8.32
C LYS A 57 24.78 1.84 8.37
N ASN A 58 25.92 2.49 8.09
CA ASN A 58 27.21 1.81 8.09
C ASN A 58 28.16 2.28 9.19
N GLY A 59 27.88 3.42 9.82
CA GLY A 59 28.77 3.94 10.84
C GLY A 59 29.99 4.61 10.26
N VAL A 60 31.16 4.35 10.84
CA VAL A 60 32.42 4.83 10.28
C VAL A 60 32.87 3.89 9.17
N GLU A 61 33.44 4.47 8.12
CA GLU A 61 33.81 3.75 6.91
C GLU A 61 35.17 4.23 6.46
N PHE A 62 36.04 3.28 6.09
CA PHE A 62 37.41 3.59 5.70
C PHE A 62 37.74 2.81 4.43
N SER A 63 37.85 3.51 3.30
CA SER A 63 38.16 2.88 2.03
C SER A 63 39.60 3.19 1.65
N LEU A 64 40.39 2.13 1.38
CA LEU A 64 41.79 2.26 1.03
C LEU A 64 42.01 1.67 -0.36
N PRO A 65 41.89 2.47 -1.42
CA PRO A 65 42.01 1.94 -2.78
C PRO A 65 43.43 1.53 -3.11
N TYR A 66 43.55 0.57 -4.02
CA TYR A 66 44.84 0.04 -4.48
C TYR A 66 44.73 -0.21 -5.98
N TYR A 67 45.39 0.64 -6.76
CA TYR A 67 45.30 0.59 -8.22
C TYR A 67 46.40 -0.30 -8.79
N TRP A 68 46.07 -1.01 -9.86
CA TRP A 68 47.00 -1.91 -10.54
C TRP A 68 46.91 -1.68 -12.04
N ASN A 69 47.95 -1.08 -12.61
CA ASN A 69 48.00 -0.82 -14.05
C ASN A 69 48.62 -2.04 -14.73
N ILE A 70 47.76 -3.01 -15.06
CA ILE A 70 48.23 -4.26 -15.64
C ILE A 70 48.88 -4.01 -17.00
N ALA A 71 48.27 -3.17 -17.82
CA ALA A 71 48.71 -2.93 -19.18
C ALA A 71 48.18 -1.57 -19.62
N PRO A 72 48.70 -1.03 -20.73
CA PRO A 72 48.17 0.26 -21.21
C PRO A 72 46.71 0.22 -21.62
N ASN A 73 46.16 -0.95 -21.97
CA ASN A 73 44.79 -1.03 -22.47
C ASN A 73 43.83 -1.77 -21.53
N PHE A 74 44.28 -2.17 -20.34
CA PHE A 74 43.38 -2.74 -19.35
C PHE A 74 44.05 -2.68 -17.98
N ASP A 75 43.25 -2.39 -16.96
CA ASP A 75 43.78 -2.23 -15.61
C ASP A 75 42.74 -2.70 -14.59
N ALA A 76 43.15 -2.71 -13.32
CA ALA A 76 42.29 -3.19 -12.24
C ALA A 76 42.48 -2.31 -11.01
N THR A 77 41.56 -2.48 -10.05
CA THR A 77 41.56 -1.68 -8.83
C THR A 77 40.89 -2.49 -7.72
N ILE A 78 41.61 -2.74 -6.64
CA ILE A 78 41.09 -3.47 -5.49
C ILE A 78 40.97 -2.51 -4.32
N THR A 79 39.78 -2.44 -3.72
CA THR A 79 39.50 -1.48 -2.66
C THR A 79 38.92 -2.17 -1.44
N PRO A 80 39.72 -2.37 -0.39
CA PRO A 80 39.14 -2.71 0.92
C PRO A 80 38.35 -1.53 1.49
N HIS A 81 37.09 -1.80 1.86
CA HIS A 81 36.15 -0.78 2.32
C HIS A 81 35.61 -1.23 3.67
N TYR A 82 36.26 -0.79 4.74
CA TYR A 82 35.89 -1.21 6.09
C TYR A 82 34.64 -0.49 6.55
N MET A 83 33.69 -1.25 7.09
CA MET A 83 32.44 -0.73 7.63
C MET A 83 32.33 -1.12 9.09
N ASN A 84 31.80 -0.20 9.91
CA ASN A 84 31.77 -0.39 11.35
C ASN A 84 30.67 -1.36 11.78
N LYS A 85 29.42 -0.90 11.79
CA LYS A 85 28.33 -1.73 12.30
C LYS A 85 27.96 -2.85 11.34
N ARG A 86 28.50 -2.88 10.14
CA ARG A 86 28.38 -4.05 9.28
C ARG A 86 29.28 -5.18 9.73
N GLY A 87 30.32 -4.86 10.52
CA GLY A 87 31.19 -5.87 11.09
C GLY A 87 32.11 -6.55 10.09
N GLY A 88 32.69 -5.80 9.17
CA GLY A 88 33.60 -6.39 8.22
C GLY A 88 34.10 -5.39 7.19
N VAL A 89 34.84 -5.92 6.23
CA VAL A 89 35.43 -5.15 5.15
C VAL A 89 34.81 -5.63 3.85
N MET A 90 34.06 -4.76 3.18
CA MET A 90 33.56 -5.06 1.85
C MET A 90 34.68 -4.84 0.83
N TRP A 91 34.98 -5.88 0.07
CA TRP A 91 36.00 -5.80 -0.99
C TRP A 91 35.32 -5.34 -2.27
N GLU A 92 35.64 -4.12 -2.70
CA GLU A 92 35.10 -3.55 -3.93
C GLU A 92 36.16 -3.71 -5.03
N ASN A 93 35.84 -4.52 -6.04
CA ASN A 93 36.77 -4.86 -7.10
C ASN A 93 36.31 -4.24 -8.41
N GLU A 94 37.22 -3.56 -9.10
CA GLU A 94 36.94 -2.95 -10.39
C GLU A 94 37.97 -3.41 -11.41
N PHE A 95 37.53 -3.54 -12.65
CA PHE A 95 38.41 -3.94 -13.75
C PHE A 95 37.93 -3.24 -15.01
N ARG A 96 38.87 -2.79 -15.83
CA ARG A 96 38.54 -2.07 -17.06
C ARG A 96 39.40 -2.60 -18.19
N TYR A 97 38.81 -2.67 -19.39
CA TYR A 97 39.51 -3.22 -20.55
C TYR A 97 39.12 -2.46 -21.81
N LEU A 98 40.06 -2.41 -22.75
CA LEU A 98 39.90 -1.77 -24.05
C LEU A 98 40.39 -2.75 -25.10
N THR A 99 39.46 -3.23 -25.94
CA THR A 99 39.79 -4.24 -26.94
C THR A 99 39.22 -3.85 -28.30
N GLN A 100 39.57 -4.64 -29.31
CA GLN A 100 39.01 -4.44 -30.63
C GLN A 100 37.53 -4.82 -30.68
N LEU A 101 37.10 -5.71 -29.78
CA LEU A 101 35.68 -6.06 -29.71
C LEU A 101 34.87 -5.01 -28.97
N GLY A 102 35.50 -4.14 -28.20
CA GLY A 102 34.80 -3.06 -27.54
C GLY A 102 35.45 -2.70 -26.22
N SER A 103 35.04 -1.56 -25.69
CA SER A 103 35.47 -1.09 -24.39
C SER A 103 34.52 -1.58 -23.32
N GLY A 104 35.06 -1.91 -22.15
CA GLY A 104 34.21 -2.48 -21.11
C GLY A 104 34.77 -2.29 -19.72
N LEU A 105 33.87 -2.45 -18.74
CA LEU A 105 34.17 -2.32 -17.32
C LEU A 105 33.40 -3.38 -16.55
N THR A 106 34.01 -3.93 -15.51
CA THR A 106 33.41 -4.97 -14.69
C THR A 106 33.65 -4.65 -13.23
N GLU A 107 32.65 -4.89 -12.40
CA GLU A 107 32.71 -4.58 -10.98
C GLU A 107 32.17 -5.75 -10.18
N PHE A 108 32.78 -6.01 -9.02
CA PHE A 108 32.30 -7.03 -8.10
C PHE A 108 32.61 -6.58 -6.68
N ASP A 109 31.56 -6.17 -5.96
CA ASP A 109 31.66 -5.83 -4.55
C ASP A 109 31.19 -7.02 -3.72
N TYR A 110 31.89 -7.33 -2.64
CA TYR A 110 31.57 -8.52 -1.87
C TYR A 110 31.79 -8.27 -0.38
N LEU A 111 30.76 -8.59 0.41
CA LEU A 111 30.82 -8.53 1.86
C LEU A 111 30.47 -9.91 2.41
N PRO A 112 31.39 -10.60 3.08
CA PRO A 112 31.13 -11.99 3.47
C PRO A 112 30.01 -12.14 4.48
N SER A 113 29.83 -11.18 5.38
CA SER A 113 28.79 -11.27 6.39
C SER A 113 28.33 -9.88 6.77
N ASP A 114 27.02 -9.73 7.00
CA ASP A 114 26.41 -8.47 7.38
C ASP A 114 25.62 -8.68 8.66
N LYS A 115 25.90 -7.87 9.68
CA LYS A 115 25.28 -8.06 10.98
C LYS A 115 23.86 -7.49 11.03
N VAL A 116 23.69 -6.26 10.54
CA VAL A 116 22.37 -5.63 10.55
C VAL A 116 21.40 -6.41 9.65
N TYR A 117 21.87 -6.78 8.45
CA TYR A 117 21.04 -7.59 7.57
C TYR A 117 20.71 -8.94 8.18
N GLU A 118 21.63 -9.49 8.97
CA GLU A 118 21.34 -10.73 9.69
C GLU A 118 20.31 -10.53 10.78
N ASP A 119 20.29 -9.34 11.41
CA ASP A 119 19.25 -9.04 12.39
C ASP A 119 17.89 -8.91 11.73
N ASP A 120 17.82 -8.22 10.59
CA ASP A 120 16.54 -8.04 9.91
C ASP A 120 16.09 -9.33 9.23
N HIS A 121 17.01 -10.11 8.70
CA HIS A 121 16.70 -11.36 8.00
C HIS A 121 17.50 -12.48 8.64
N SER A 122 16.92 -13.11 9.67
CA SER A 122 17.58 -14.16 10.42
C SER A 122 17.06 -15.55 10.06
N SER A 123 16.33 -15.67 8.94
CA SER A 123 15.81 -16.97 8.53
C SER A 123 16.93 -17.89 8.06
N ASP A 124 17.82 -17.39 7.22
CA ASP A 124 18.94 -18.15 6.70
C ASP A 124 20.23 -17.67 7.34
N SER A 125 21.11 -18.63 7.68
CA SER A 125 22.38 -18.28 8.30
C SER A 125 23.32 -17.56 7.35
N ASN A 126 23.14 -17.75 6.04
CA ASN A 126 23.99 -17.07 5.07
C ASN A 126 23.63 -15.59 5.01
N SER A 127 24.64 -14.73 5.20
CA SER A 127 24.42 -13.29 5.24
C SER A 127 25.39 -12.53 4.33
N ARG A 128 25.96 -13.19 3.33
CA ARG A 128 26.84 -12.50 2.40
C ARG A 128 26.03 -11.62 1.46
N ARG A 129 26.59 -10.46 1.12
CA ARG A 129 25.92 -9.51 0.23
C ARG A 129 26.91 -8.98 -0.79
N TRP A 130 26.51 -8.95 -2.06
CA TRP A 130 27.45 -8.68 -3.13
C TRP A 130 26.74 -7.99 -4.29
N LEU A 131 27.55 -7.47 -5.21
CA LEU A 131 27.10 -6.82 -6.43
C LEU A 131 28.03 -7.21 -7.57
N PHE A 132 27.44 -7.53 -8.72
CA PHE A 132 28.19 -7.79 -9.94
C PHE A 132 27.65 -6.92 -11.06
N TYR A 133 28.55 -6.22 -11.75
CA TYR A 133 28.20 -5.33 -12.84
C TYR A 133 29.12 -5.57 -14.02
N TRP A 134 28.56 -5.49 -15.22
CA TRP A 134 29.36 -5.60 -16.44
C TRP A 134 28.77 -4.69 -17.51
N ASN A 135 29.57 -3.73 -17.95
CA ASN A 135 29.21 -2.86 -19.07
C ASN A 135 30.18 -3.10 -20.22
N HIS A 136 29.64 -3.15 -21.42
CA HIS A 136 30.45 -3.37 -22.61
C HIS A 136 29.79 -2.68 -23.79
N SER A 137 30.61 -2.07 -24.65
CA SER A 137 30.10 -1.40 -25.84
C SER A 137 31.19 -1.39 -26.90
N GLY A 138 30.84 -1.82 -28.10
CA GLY A 138 31.80 -1.89 -29.19
C GLY A 138 31.17 -1.94 -30.56
N VAL A 139 31.78 -1.23 -31.51
CA VAL A 139 31.33 -1.20 -32.90
C VAL A 139 32.51 -1.69 -33.74
N ILE A 140 32.47 -2.97 -34.11
CA ILE A 140 33.55 -3.58 -34.89
C ILE A 140 33.25 -3.40 -36.36
N ASP A 141 34.23 -2.87 -37.10
CA ASP A 141 34.17 -2.72 -38.56
C ASP A 141 32.98 -1.87 -39.01
N GLN A 142 32.54 -0.95 -38.14
CA GLN A 142 31.44 -0.02 -38.41
C GLN A 142 30.12 -0.73 -38.70
N VAL A 143 30.02 -2.03 -38.43
CA VAL A 143 28.79 -2.77 -38.73
C VAL A 143 28.35 -3.59 -37.51
N TRP A 144 29.28 -4.33 -36.91
CA TRP A 144 28.95 -5.19 -35.79
C TRP A 144 28.82 -4.36 -34.52
N ARG A 145 27.76 -4.63 -33.74
CA ARG A 145 27.47 -3.88 -32.53
C ARG A 145 27.30 -4.86 -31.37
N LEU A 146 28.26 -4.83 -30.45
CA LEU A 146 28.24 -5.65 -29.25
C LEU A 146 28.00 -4.75 -28.05
N ASN A 147 26.99 -5.09 -27.25
CA ASN A 147 26.61 -4.27 -26.10
C ASN A 147 26.17 -5.18 -24.96
N ALA A 148 26.54 -4.78 -23.73
CA ALA A 148 26.14 -5.51 -22.53
C ALA A 148 25.97 -4.52 -21.39
N ASP A 149 24.86 -4.66 -20.65
CA ASP A 149 24.55 -3.82 -19.50
C ASP A 149 23.92 -4.74 -18.44
N TYR A 150 24.78 -5.38 -17.66
CA TYR A 150 24.37 -6.43 -16.72
C TYR A 150 24.59 -5.95 -15.29
N THR A 151 23.54 -6.05 -14.48
CA THR A 151 23.61 -5.70 -13.06
C THR A 151 22.87 -6.77 -12.27
N LYS A 152 23.57 -7.40 -11.32
CA LYS A 152 22.93 -8.39 -10.46
C LYS A 152 23.39 -8.17 -9.03
N VAL A 153 22.44 -8.32 -8.09
CA VAL A 153 22.71 -8.13 -6.68
C VAL A 153 22.20 -9.35 -5.90
N SER A 154 22.68 -9.48 -4.66
CA SER A 154 22.35 -10.65 -3.85
C SER A 154 20.96 -10.56 -3.25
N ASP A 155 20.50 -9.36 -2.93
CA ASP A 155 19.22 -9.13 -2.28
C ASP A 155 18.63 -7.84 -2.81
N PRO A 156 17.30 -7.67 -2.70
CA PRO A 156 16.68 -6.42 -3.17
C PRO A 156 17.08 -5.20 -2.35
N ASP A 157 17.60 -5.38 -1.14
CA ASP A 157 17.98 -4.27 -0.27
C ASP A 157 19.48 -3.97 -0.32
N TYR A 158 20.12 -4.25 -1.46
CA TYR A 158 21.55 -3.97 -1.58
C TYR A 158 21.80 -2.49 -1.85
N PHE A 159 21.25 -1.97 -2.95
CA PHE A 159 21.48 -0.58 -3.32
C PHE A 159 20.90 0.40 -2.31
N ASN A 160 19.93 -0.03 -1.49
CA ASN A 160 19.41 0.84 -0.45
C ASN A 160 20.46 1.11 0.63
N ASP A 161 21.31 0.12 0.91
CA ASP A 161 22.33 0.21 1.94
C ASP A 161 23.70 0.62 1.38
N PHE A 162 24.15 -0.04 0.31
CA PHE A 162 25.44 0.26 -0.29
C PHE A 162 25.22 1.10 -1.54
N SER A 163 25.70 2.35 -1.50
CA SER A 163 25.61 3.24 -2.65
C SER A 163 26.88 3.14 -3.48
N SER A 164 26.72 3.32 -4.79
CA SER A 164 27.84 3.19 -5.73
C SER A 164 27.46 3.86 -7.03
N LYS A 165 28.37 3.78 -8.01
CA LYS A 165 28.14 4.36 -9.32
C LYS A 165 27.06 3.61 -10.09
N TYR A 166 26.90 2.31 -9.81
CA TYR A 166 26.06 1.43 -10.61
C TYR A 166 24.69 1.20 -9.99
N GLY A 167 24.34 1.96 -8.95
CA GLY A 167 23.05 1.82 -8.32
C GLY A 167 22.93 2.63 -7.04
N SER A 168 21.70 2.94 -6.64
CA SER A 168 21.47 3.73 -5.44
C SER A 168 20.09 3.38 -4.89
N SER A 169 19.70 4.08 -3.83
CA SER A 169 18.41 3.82 -3.18
C SER A 169 17.24 4.10 -4.09
N THR A 170 17.41 4.95 -5.11
CA THR A 170 16.31 5.33 -5.98
C THR A 170 15.96 4.24 -7.00
N ASP A 171 16.83 3.26 -7.20
CA ASP A 171 16.58 2.22 -8.20
C ASP A 171 15.53 1.23 -7.69
N GLY A 172 14.58 0.90 -8.55
CA GLY A 172 13.55 -0.05 -8.20
C GLY A 172 13.80 -1.44 -8.77
N TYR A 173 14.72 -1.52 -9.73
CA TYR A 173 15.06 -2.80 -10.34
C TYR A 173 16.42 -2.69 -11.01
N ALA A 174 17.10 -3.83 -11.12
CA ALA A 174 18.38 -3.91 -11.83
C ALA A 174 18.14 -4.44 -13.23
N THR A 175 18.86 -3.88 -14.19
CA THR A 175 18.72 -4.26 -15.59
C THR A 175 19.81 -5.23 -16.00
N GLN A 176 19.46 -6.16 -16.89
CA GLN A 176 20.36 -7.21 -17.36
C GLN A 176 20.10 -7.40 -18.86
N LYS A 177 20.79 -6.61 -19.67
CA LYS A 177 20.58 -6.60 -21.12
C LYS A 177 21.85 -7.04 -21.84
N PHE A 178 21.69 -7.88 -22.85
CA PHE A 178 22.76 -8.25 -23.76
C PHE A 178 22.26 -8.06 -25.18
N SER A 179 23.13 -7.60 -26.07
CA SER A 179 22.71 -7.31 -27.44
C SER A 179 23.89 -7.45 -28.39
N ALA A 180 23.66 -8.15 -29.51
CA ALA A 180 24.63 -8.27 -30.58
C ALA A 180 23.89 -8.13 -31.90
N GLY A 181 24.39 -7.24 -32.77
CA GLY A 181 23.69 -6.95 -34.00
C GLY A 181 24.63 -6.58 -35.14
N TYR A 182 24.02 -6.47 -36.32
CA TYR A 182 24.71 -6.08 -37.55
C TYR A 182 23.93 -4.96 -38.19
N VAL A 183 24.57 -3.82 -38.42
CA VAL A 183 23.91 -2.61 -38.90
C VAL A 183 24.71 -2.03 -40.05
N ASN A 184 24.03 -1.73 -41.16
CA ASN A 184 24.69 -1.09 -42.30
C ASN A 184 23.63 -0.41 -43.17
N GLN A 185 23.56 0.92 -43.09
CA GLN A 185 22.82 1.75 -44.03
C GLN A 185 21.39 1.32 -44.26
N ASN A 186 21.19 0.36 -45.18
CA ASN A 186 19.86 -0.03 -45.61
C ASN A 186 19.28 -1.23 -44.87
N PHE A 187 20.06 -1.86 -44.00
CA PHE A 187 19.62 -3.08 -43.34
C PHE A 187 20.24 -3.17 -41.95
N ASP A 188 19.49 -3.74 -41.02
CA ASP A 188 20.05 -4.03 -39.69
C ASP A 188 19.27 -5.17 -39.05
N ALA A 189 19.98 -5.98 -38.27
CA ALA A 189 19.40 -7.12 -37.59
C ALA A 189 20.12 -7.32 -36.26
N THR A 190 19.39 -7.23 -35.16
CA THR A 190 19.97 -7.32 -33.82
C THR A 190 19.24 -8.40 -33.02
N VAL A 191 20.01 -9.18 -32.28
CA VAL A 191 19.47 -10.18 -31.36
C VAL A 191 19.88 -9.80 -29.95
N SER A 192 18.95 -9.92 -29.00
CA SER A 192 19.19 -9.43 -27.65
C SER A 192 18.45 -10.29 -26.64
N THR A 193 18.87 -10.18 -25.38
CA THR A 193 18.20 -10.81 -24.25
C THR A 193 18.07 -9.79 -23.13
N LYS A 194 16.84 -9.62 -22.64
CA LYS A 194 16.52 -8.60 -21.64
C LYS A 194 15.91 -9.28 -20.42
N GLN A 195 16.52 -9.05 -19.26
CA GLN A 195 15.99 -9.53 -17.99
C GLN A 195 16.09 -8.40 -16.97
N PHE A 196 15.26 -8.49 -15.92
CA PHE A 196 15.18 -7.44 -14.92
C PHE A 196 14.95 -8.04 -13.55
N GLN A 197 15.76 -7.63 -12.58
CA GLN A 197 15.67 -8.10 -11.20
C GLN A 197 14.94 -7.02 -10.39
N VAL A 198 13.67 -7.26 -10.11
CA VAL A 198 12.84 -6.27 -9.43
C VAL A 198 13.14 -6.30 -7.93
N PHE A 199 13.30 -5.13 -7.33
CA PHE A 199 13.65 -5.01 -5.91
C PHE A 199 12.37 -4.89 -5.09
N ASP A 200 11.72 -6.03 -4.86
CA ASP A 200 10.53 -6.08 -4.01
C ASP A 200 10.32 -7.51 -3.57
N ARG A 201 10.30 -7.74 -2.25
CA ARG A 201 10.23 -9.11 -1.74
C ARG A 201 8.85 -9.73 -1.88
N GLU A 202 7.81 -8.91 -2.06
CA GLU A 202 6.44 -9.40 -2.18
C GLU A 202 5.99 -9.55 -3.63
N SER A 203 6.35 -8.61 -4.50
CA SER A 203 5.93 -8.62 -5.91
C SER A 203 7.15 -8.36 -6.77
N SER A 204 7.78 -9.43 -7.25
CA SER A 204 8.94 -9.35 -8.14
C SER A 204 8.64 -9.98 -9.49
N ASN A 205 7.39 -9.89 -9.94
CA ASN A 205 6.99 -10.47 -11.21
C ASN A 205 7.35 -9.51 -12.34
N SER A 206 8.19 -9.98 -13.27
CA SER A 206 8.60 -9.17 -14.41
C SER A 206 8.93 -10.09 -15.56
N TYR A 207 8.49 -9.71 -16.76
CA TYR A 207 8.72 -10.51 -17.95
C TYR A 207 10.14 -10.32 -18.45
N SER A 208 10.54 -11.19 -19.37
CA SER A 208 11.89 -11.19 -19.93
C SER A 208 11.83 -11.75 -21.34
N ALA A 209 12.55 -11.08 -22.25
CA ALA A 209 12.63 -11.50 -23.64
C ALA A 209 13.86 -12.38 -23.81
N GLU A 210 13.64 -13.67 -24.08
CA GLU A 210 14.73 -14.62 -24.19
C GLU A 210 14.52 -15.59 -25.36
N PRO A 211 14.99 -15.21 -26.57
CA PRO A 211 15.57 -13.91 -26.90
C PRO A 211 14.62 -13.05 -27.73
N GLN A 212 15.15 -11.98 -28.30
CA GLN A 212 14.37 -11.03 -29.09
C GLN A 212 15.16 -10.64 -30.33
N LEU A 213 14.54 -10.79 -31.51
CA LEU A 213 15.18 -10.52 -32.78
C LEU A 213 14.46 -9.39 -33.49
N ASP A 214 15.22 -8.36 -33.89
CA ASP A 214 14.68 -7.18 -34.55
C ASP A 214 15.39 -6.98 -35.87
N VAL A 215 14.64 -7.00 -36.97
CA VAL A 215 15.18 -6.87 -38.32
C VAL A 215 14.52 -5.68 -39.00
N ASN A 216 15.29 -4.95 -39.80
CA ASN A 216 14.83 -3.74 -40.48
C ASN A 216 15.46 -3.64 -41.86
N TYR A 217 14.62 -3.35 -42.85
CA TYR A 217 15.04 -3.09 -44.22
C TYR A 217 14.58 -1.71 -44.65
N TYR A 218 15.37 -1.05 -45.49
CA TYR A 218 15.07 0.30 -45.95
C TYR A 218 15.33 0.41 -47.45
N GLN A 219 14.56 1.28 -48.10
CA GLN A 219 14.77 1.63 -49.50
C GLN A 219 14.04 2.92 -49.77
N ASN A 220 14.77 3.98 -50.14
CA ASN A 220 14.22 5.33 -50.10
C ASN A 220 13.55 5.76 -51.40
N ASP A 221 14.05 5.32 -52.56
CA ASP A 221 13.54 5.86 -53.82
C ASP A 221 12.71 4.84 -54.60
N VAL A 222 11.74 4.21 -53.94
CA VAL A 222 10.80 3.32 -54.63
C VAL A 222 9.78 4.19 -55.35
N GLY A 223 10.14 4.65 -56.54
CA GLY A 223 9.35 5.65 -57.23
C GLY A 223 9.38 6.95 -56.46
N PRO A 224 8.21 7.41 -56.01
CA PRO A 224 8.14 8.52 -55.05
C PRO A 224 8.02 8.08 -53.59
N PHE A 225 7.98 6.78 -53.33
CA PHE A 225 7.75 6.26 -51.99
C PHE A 225 9.06 5.88 -51.32
N ASP A 226 9.14 6.17 -50.03
CA ASP A 226 10.18 5.63 -49.15
C ASP A 226 9.59 4.47 -48.38
N THR A 227 10.15 3.28 -48.58
CA THR A 227 9.67 2.07 -47.94
C THR A 227 10.50 1.75 -46.69
N HIS A 228 9.92 0.91 -45.84
CA HIS A 228 10.53 0.58 -44.55
C HIS A 228 9.88 -0.68 -44.01
N LEU A 229 10.63 -1.78 -43.99
CA LEU A 229 10.13 -3.05 -43.48
C LEU A 229 10.71 -3.31 -42.10
N TYR A 230 9.87 -3.81 -41.19
CA TYR A 230 10.29 -4.11 -39.83
C TYR A 230 9.71 -5.45 -39.40
N GLY A 231 10.55 -6.30 -38.84
CA GLY A 231 10.11 -7.60 -38.37
C GLY A 231 10.71 -7.89 -37.01
N GLN A 232 9.98 -8.66 -36.21
CA GLN A 232 10.44 -8.98 -34.87
C GLN A 232 9.98 -10.38 -34.50
N VAL A 233 10.83 -11.11 -33.76
CA VAL A 233 10.49 -12.43 -33.24
C VAL A 233 10.96 -12.47 -31.78
N ALA A 234 10.02 -12.56 -30.84
CA ALA A 234 10.34 -12.48 -29.43
C ALA A 234 9.75 -13.67 -28.68
N HIS A 235 10.44 -14.07 -27.62
CA HIS A 235 9.99 -15.15 -26.73
C HIS A 235 9.97 -14.60 -25.31
N PHE A 236 8.77 -14.43 -24.76
CA PHE A 236 8.58 -13.85 -23.44
C PHE A 236 8.37 -14.95 -22.40
N VAL A 237 9.18 -14.92 -21.35
CA VAL A 237 9.07 -15.81 -20.21
C VAL A 237 9.05 -14.97 -18.93
N ASN A 238 8.46 -15.51 -17.88
CA ASN A 238 8.34 -14.82 -16.61
C ASN A 238 9.01 -15.63 -15.51
N SER A 239 9.49 -14.92 -14.48
CA SER A 239 10.06 -15.60 -13.32
C SER A 239 9.01 -16.39 -12.57
N ASN A 240 7.79 -15.85 -12.50
CA ASN A 240 6.66 -16.57 -11.91
C ASN A 240 6.17 -17.62 -12.92
N ASN A 241 6.19 -18.89 -12.52
CA ASN A 241 5.76 -19.95 -13.42
C ASN A 241 4.25 -19.95 -13.65
N ASN A 242 3.48 -19.27 -12.79
CA ASN A 242 2.05 -19.15 -13.01
C ASN A 242 1.72 -18.18 -14.13
N MET A 243 2.62 -17.25 -14.44
CA MET A 243 2.42 -16.32 -15.54
C MET A 243 2.61 -17.03 -16.87
N PRO A 244 1.88 -16.63 -17.90
CA PRO A 244 1.98 -17.32 -19.19
C PRO A 244 3.21 -16.93 -19.98
N GLU A 245 3.73 -17.90 -20.73
CA GLU A 245 4.82 -17.68 -21.67
C GLU A 245 4.25 -17.47 -23.07
N ALA A 246 5.03 -16.85 -23.94
CA ALA A 246 4.50 -16.59 -25.27
C ALA A 246 5.63 -16.47 -26.28
N THR A 247 5.31 -16.78 -27.54
CA THR A 247 6.21 -16.56 -28.67
C THR A 247 5.48 -15.69 -29.68
N ARG A 248 5.94 -14.45 -29.83
CA ARG A 248 5.29 -13.46 -30.69
C ARG A 248 6.11 -13.23 -31.96
N VAL A 249 5.41 -13.20 -33.08
CA VAL A 249 5.99 -12.92 -34.40
C VAL A 249 5.29 -11.68 -34.95
N HIS A 250 6.07 -10.72 -35.44
CA HIS A 250 5.54 -9.44 -35.88
C HIS A 250 6.15 -9.08 -37.23
N PHE A 251 5.28 -8.65 -38.15
CA PHE A 251 5.65 -8.22 -39.49
C PHE A 251 4.95 -6.89 -39.76
N GLU A 252 5.72 -5.89 -40.17
CA GLU A 252 5.23 -4.51 -40.25
C GLU A 252 5.88 -3.82 -41.44
N PRO A 253 5.21 -3.83 -42.60
CA PRO A 253 5.66 -2.99 -43.71
C PRO A 253 5.06 -1.60 -43.64
N THR A 254 5.85 -0.62 -44.08
CA THR A 254 5.49 0.78 -43.96
C THR A 254 5.94 1.51 -45.23
N ILE A 255 4.96 2.01 -45.99
CA ILE A 255 5.23 2.81 -47.19
C ILE A 255 4.88 4.25 -46.87
N ASN A 256 5.75 5.18 -47.24
CA ASN A 256 5.61 6.58 -46.85
C ASN A 256 5.89 7.46 -48.06
N LEU A 257 4.94 8.31 -48.43
CA LEU A 257 5.12 9.23 -49.54
C LEU A 257 5.33 10.65 -49.03
N PRO A 258 6.56 11.18 -49.08
CA PRO A 258 6.78 12.55 -48.62
C PRO A 258 6.89 13.56 -49.77
N LEU A 259 6.10 14.62 -49.70
CA LEU A 259 6.13 15.71 -50.66
C LEU A 259 6.41 17.01 -49.94
N SER A 260 7.14 17.91 -50.59
CA SER A 260 7.48 19.18 -49.98
C SER A 260 7.87 20.17 -51.07
N ASN A 261 7.57 21.45 -50.81
CA ASN A 261 8.02 22.53 -51.68
C ASN A 261 8.76 23.58 -50.87
N GLY A 262 8.53 24.85 -51.19
CA GLY A 262 9.18 25.94 -50.47
C GLY A 262 8.58 26.23 -49.11
N TRP A 263 7.25 26.25 -49.02
CA TRP A 263 6.55 26.66 -47.80
C TRP A 263 5.92 25.51 -47.03
N GLY A 264 5.46 24.45 -47.71
CA GLY A 264 4.71 23.39 -47.06
C GLY A 264 5.42 22.05 -47.16
N SER A 265 4.86 21.07 -46.46
CA SER A 265 5.38 19.70 -46.49
C SER A 265 4.25 18.74 -46.10
N LEU A 266 3.79 17.96 -47.08
CA LEU A 266 2.71 17.00 -46.87
C LEU A 266 3.26 15.59 -47.03
N ASN A 267 3.12 14.77 -45.99
CA ASN A 267 3.70 13.43 -45.96
C ASN A 267 2.60 12.44 -45.59
N THR A 268 2.30 11.53 -46.50
CA THR A 268 1.33 10.46 -46.24
C THR A 268 2.05 9.17 -45.92
N GLU A 269 1.32 8.24 -45.29
CA GLU A 269 1.94 7.00 -44.82
C GLU A 269 0.87 5.93 -44.64
N ALA A 270 1.14 4.75 -45.20
CA ALA A 270 0.34 3.55 -44.99
C ALA A 270 1.20 2.50 -44.33
N LYS A 271 0.70 1.89 -43.26
CA LYS A 271 1.48 0.94 -42.49
C LYS A 271 0.61 -0.25 -42.11
N LEU A 272 1.15 -1.45 -42.26
CA LEU A 272 0.44 -2.67 -41.86
C LEU A 272 1.06 -3.24 -40.60
N LEU A 273 0.24 -3.89 -39.77
CA LEU A 273 0.65 -4.42 -38.47
C LEU A 273 0.13 -5.85 -38.35
N ALA A 274 0.92 -6.82 -38.80
CA ALA A 274 0.56 -8.23 -38.69
C ALA A 274 1.29 -8.84 -37.51
N THR A 275 0.54 -9.50 -36.62
CA THR A 275 1.11 -10.05 -35.40
C THR A 275 0.46 -11.39 -35.09
N HIS A 276 1.28 -12.33 -34.60
CA HIS A 276 0.83 -13.67 -34.24
C HIS A 276 1.43 -14.05 -32.90
N TYR A 277 0.62 -14.67 -32.06
CA TYR A 277 0.98 -15.05 -30.70
C TYR A 277 0.76 -16.54 -30.51
N GLN A 278 1.82 -17.23 -30.10
CA GLN A 278 1.78 -18.64 -29.69
C GLN A 278 1.99 -18.65 -28.18
N GLN A 279 0.89 -18.54 -27.44
CA GLN A 279 0.94 -18.45 -26.00
C GLN A 279 0.79 -19.83 -25.35
N SER A 280 1.20 -19.92 -24.09
CA SER A 280 1.18 -21.17 -23.36
C SER A 280 1.19 -20.89 -21.86
N ASN A 281 0.78 -21.90 -21.10
CA ASN A 281 0.67 -21.84 -19.64
C ASN A 281 -0.37 -20.79 -19.23
N LEU A 282 -1.61 -21.08 -19.59
CA LEU A 282 -2.71 -20.13 -19.49
C LEU A 282 -3.86 -20.55 -18.59
N ASP A 283 -3.95 -21.84 -18.23
CA ASP A 283 -5.11 -22.30 -17.48
C ASP A 283 -5.17 -21.68 -16.08
N LYS A 284 -4.04 -21.69 -15.36
CA LYS A 284 -4.04 -21.16 -14.00
C LYS A 284 -4.28 -19.66 -13.99
N TYR A 285 -3.64 -18.93 -14.91
CA TYR A 285 -3.82 -17.48 -14.95
C TYR A 285 -5.24 -17.10 -15.35
N ASN A 286 -5.83 -17.85 -16.29
CA ASN A 286 -7.23 -17.63 -16.64
C ASN A 286 -8.17 -18.02 -15.50
N ALA A 287 -7.72 -18.90 -14.60
CA ALA A 287 -8.52 -19.18 -13.41
C ALA A 287 -8.44 -18.04 -12.41
N ALA A 288 -7.25 -17.47 -12.20
CA ALA A 288 -7.08 -16.42 -11.21
C ALA A 288 -7.77 -15.13 -11.65
N ASN A 289 -7.51 -14.69 -12.88
CA ASN A 289 -8.06 -13.44 -13.39
C ASN A 289 -9.11 -13.72 -14.45
N GLY A 290 -10.08 -12.81 -14.56
CA GLY A 290 -11.12 -12.93 -15.56
C GLY A 290 -10.64 -12.58 -16.94
N THR A 291 -9.85 -13.46 -17.56
CA THR A 291 -9.26 -13.23 -18.86
C THR A 291 -9.59 -14.37 -19.80
N ASP A 292 -9.57 -14.07 -21.10
CA ASP A 292 -9.91 -15.02 -22.16
C ASP A 292 -8.70 -15.29 -23.05
N TYR A 293 -7.54 -15.46 -22.45
CA TYR A 293 -6.31 -15.68 -23.21
C TYR A 293 -6.33 -17.06 -23.85
N LYS A 294 -6.06 -17.12 -25.16
CA LYS A 294 -5.96 -18.36 -25.90
C LYS A 294 -4.52 -18.59 -26.35
N GLU A 295 -4.25 -19.82 -26.80
CA GLU A 295 -2.89 -20.20 -27.14
C GLU A 295 -2.44 -19.62 -28.48
N SER A 296 -3.33 -19.57 -29.46
CA SER A 296 -3.00 -19.07 -30.79
C SER A 296 -3.88 -17.86 -31.09
N VAL A 297 -3.27 -16.69 -31.24
CA VAL A 297 -4.00 -15.45 -31.48
C VAL A 297 -3.35 -14.69 -32.63
N SER A 298 -4.14 -14.32 -33.62
CA SER A 298 -3.66 -13.53 -34.76
C SER A 298 -4.35 -12.17 -34.77
N ARG A 299 -3.64 -11.17 -35.29
CA ARG A 299 -4.18 -9.81 -35.31
C ARG A 299 -3.47 -9.00 -36.38
N VAL A 300 -4.24 -8.48 -37.34
CA VAL A 300 -3.71 -7.68 -38.45
C VAL A 300 -4.46 -6.34 -38.49
N MET A 301 -3.71 -5.24 -38.46
CA MET A 301 -4.29 -3.92 -38.38
C MET A 301 -3.72 -3.01 -39.46
N PRO A 302 -4.55 -2.31 -40.22
CA PRO A 302 -4.05 -1.24 -41.09
C PRO A 302 -3.77 0.02 -40.28
N GLN A 303 -3.11 0.97 -40.93
CA GLN A 303 -2.83 2.26 -40.33
C GLN A 303 -2.64 3.30 -41.42
N PHE A 304 -3.38 4.39 -41.34
CA PHE A 304 -3.30 5.48 -42.31
C PHE A 304 -2.96 6.77 -41.56
N LYS A 305 -1.90 7.44 -41.97
CA LYS A 305 -1.49 8.67 -41.31
C LYS A 305 -1.10 9.71 -42.34
N VAL A 306 -1.56 10.94 -42.16
CA VAL A 306 -1.20 12.06 -43.03
C VAL A 306 -0.75 13.23 -42.17
N ASP A 307 0.36 13.86 -42.57
CA ASP A 307 1.00 14.91 -41.76
C ASP A 307 1.36 16.07 -42.67
N GLY A 308 0.71 17.21 -42.46
CA GLY A 308 0.99 18.43 -43.18
C GLY A 308 1.62 19.46 -42.26
N LYS A 309 2.60 20.20 -42.79
CA LYS A 309 3.32 21.22 -42.04
C LYS A 309 3.48 22.46 -42.91
N MET A 310 3.40 23.63 -42.29
CA MET A 310 3.64 24.90 -42.95
C MET A 310 4.61 25.73 -42.12
N VAL A 311 5.04 26.86 -42.69
CA VAL A 311 5.97 27.76 -42.02
C VAL A 311 5.73 29.18 -42.53
N PHE A 312 5.65 30.14 -41.60
CA PHE A 312 5.46 31.54 -41.94
C PHE A 312 6.49 32.36 -41.18
N GLU A 313 7.39 33.00 -41.91
CA GLU A 313 8.43 33.82 -41.30
C GLU A 313 7.92 35.25 -41.11
N ARG A 314 8.46 35.92 -40.10
CA ARG A 314 8.00 37.26 -39.72
C ARG A 314 9.17 38.02 -39.12
N ASP A 315 9.53 39.15 -39.72
CA ASP A 315 10.68 39.92 -39.28
C ASP A 315 10.28 40.93 -38.22
N LEU A 316 11.16 41.12 -37.23
CA LEU A 316 10.87 42.00 -36.10
C LEU A 316 11.91 43.11 -35.96
N GLN A 317 11.97 43.73 -34.78
CA GLN A 317 12.87 44.85 -34.57
C GLN A 317 14.32 44.40 -34.46
N GLU A 318 15.23 45.31 -34.80
CA GLU A 318 16.67 45.15 -34.59
C GLU A 318 17.23 43.90 -35.24
N GLY A 319 16.69 43.52 -36.39
CA GLY A 319 17.18 42.36 -37.11
C GLY A 319 16.75 41.02 -36.56
N PHE A 320 15.84 40.99 -35.58
CA PHE A 320 15.33 39.74 -35.06
C PHE A 320 14.27 39.17 -35.99
N THR A 321 14.21 37.84 -36.04
CA THR A 321 13.36 37.15 -37.02
C THR A 321 12.65 35.98 -36.34
N GLN A 322 11.33 36.07 -36.22
CA GLN A 322 10.54 34.98 -35.64
C GLN A 322 9.86 34.19 -36.75
N THR A 323 9.34 33.02 -36.38
CA THR A 323 8.69 32.13 -37.32
C THR A 323 7.55 31.40 -36.61
N LEU A 324 6.54 31.03 -37.39
CA LEU A 324 5.33 30.37 -36.90
C LEU A 324 5.02 29.19 -37.81
N GLU A 325 5.10 27.98 -37.26
CA GLU A 325 4.89 26.76 -38.03
C GLU A 325 3.67 26.01 -37.52
N PRO A 326 2.60 25.87 -38.33
CA PRO A 326 1.49 25.01 -37.96
C PRO A 326 1.64 23.60 -38.55
N ARG A 327 1.04 22.65 -37.85
CA ARG A 327 1.15 21.24 -38.20
C ARG A 327 -0.16 20.52 -37.90
N VAL A 328 -0.67 19.81 -38.90
CA VAL A 328 -1.92 19.05 -38.77
C VAL A 328 -1.63 17.61 -39.16
N GLN A 329 -2.26 16.67 -38.46
CA GLN A 329 -2.03 15.25 -38.72
C GLN A 329 -3.31 14.46 -38.46
N TYR A 330 -3.70 13.63 -39.40
CA TYR A 330 -4.83 12.73 -39.25
C TYR A 330 -4.36 11.30 -39.15
N LEU A 331 -4.95 10.54 -38.22
CA LEU A 331 -4.54 9.18 -37.93
C LEU A 331 -5.76 8.28 -37.88
N TYR A 332 -5.67 7.12 -38.52
CA TYR A 332 -6.76 6.15 -38.53
C TYR A 332 -6.20 4.74 -38.37
N VAL A 333 -6.67 4.05 -37.33
CA VAL A 333 -6.33 2.64 -37.07
C VAL A 333 -7.61 1.92 -36.67
N PRO A 334 -8.02 0.87 -37.37
CA PRO A 334 -9.24 0.16 -37.01
C PRO A 334 -9.12 -0.52 -35.65
N TYR A 335 -10.28 -0.86 -35.09
CA TYR A 335 -10.33 -1.51 -33.79
C TYR A 335 -10.17 -3.02 -33.92
N ARG A 336 -9.42 -3.60 -32.99
CA ARG A 336 -9.24 -5.04 -32.92
C ARG A 336 -9.38 -5.48 -31.47
N ASP A 337 -10.15 -6.53 -31.22
CA ASP A 337 -10.34 -7.05 -29.87
C ASP A 337 -9.08 -7.79 -29.46
N GLN A 338 -8.27 -7.17 -28.61
CA GLN A 338 -7.02 -7.75 -28.14
C GLN A 338 -7.14 -8.22 -26.69
N SER A 339 -8.29 -8.82 -26.34
CA SER A 339 -8.50 -9.33 -25.00
C SER A 339 -7.89 -10.71 -24.80
N GLU A 340 -7.67 -11.46 -25.88
CA GLU A 340 -7.04 -12.77 -25.80
C GLU A 340 -5.51 -12.70 -25.82
N ILE A 341 -4.94 -11.50 -25.96
CA ILE A 341 -3.50 -11.30 -26.01
C ILE A 341 -3.03 -10.83 -24.65
N GLY A 342 -1.90 -11.38 -24.19
CA GLY A 342 -1.31 -10.97 -22.93
C GLY A 342 -0.62 -9.62 -23.03
N ASN A 343 0.04 -9.26 -21.93
CA ASN A 343 0.78 -8.02 -21.83
C ASN A 343 2.22 -8.35 -21.45
N TYR A 344 3.16 -7.99 -22.31
CA TYR A 344 4.57 -8.32 -22.12
C TYR A 344 5.49 -7.12 -22.15
N ASP A 345 5.28 -6.18 -23.05
CA ASP A 345 6.10 -4.97 -23.10
C ASP A 345 5.28 -3.77 -23.56
N SER A 346 4.02 -3.71 -23.14
CA SER A 346 3.12 -2.62 -23.49
C SER A 346 2.74 -1.84 -22.24
N THR A 347 3.04 -0.54 -22.25
CA THR A 347 2.67 0.34 -21.16
C THR A 347 2.32 1.71 -21.73
N LEU A 348 1.50 2.46 -20.99
CA LEU A 348 1.03 3.76 -21.47
C LEU A 348 2.18 4.74 -21.58
N LEU A 349 2.19 5.48 -22.69
CA LEU A 349 3.23 6.46 -22.98
C LEU A 349 2.80 7.84 -22.47
N GLN A 350 3.78 8.74 -22.40
CA GLN A 350 3.54 10.13 -22.05
C GLN A 350 3.59 11.00 -23.31
N SER A 351 2.74 12.02 -23.35
CA SER A 351 2.56 12.84 -24.54
C SER A 351 3.38 14.12 -24.40
N ASP A 352 4.59 14.10 -24.96
CA ASP A 352 5.30 15.32 -25.23
C ASP A 352 4.59 16.06 -26.36
N TYR A 353 5.02 17.30 -26.64
CA TYR A 353 4.43 18.03 -27.75
C TYR A 353 4.58 17.26 -29.05
N THR A 354 5.79 16.76 -29.34
CA THR A 354 5.97 15.90 -30.49
C THR A 354 5.30 14.55 -30.29
N GLY A 355 5.17 14.12 -29.03
CA GLY A 355 4.46 12.88 -28.72
C GLY A 355 2.99 12.90 -29.05
N LEU A 356 2.40 14.10 -29.23
CA LEU A 356 1.01 14.17 -29.67
C LEU A 356 0.86 13.59 -31.07
N PHE A 357 1.86 13.79 -31.93
CA PHE A 357 1.83 13.30 -33.29
C PHE A 357 2.30 11.86 -33.41
N ARG A 358 2.66 11.22 -32.30
CA ARG A 358 3.05 9.81 -32.33
C ARG A 358 1.85 8.94 -32.66
N ASP A 359 2.11 7.85 -33.39
CA ASP A 359 1.07 6.93 -33.83
C ASP A 359 0.93 5.72 -32.91
N ARG A 360 1.38 5.83 -31.67
CA ARG A 360 1.30 4.73 -30.72
C ARG A 360 0.92 5.25 -29.35
N THR A 361 -0.07 4.61 -28.73
CA THR A 361 -0.46 4.95 -27.36
C THR A 361 0.36 4.18 -26.34
N TYR A 362 0.56 2.88 -26.57
CA TYR A 362 1.34 2.02 -25.69
C TYR A 362 2.71 1.74 -26.30
N SER A 363 3.59 1.18 -25.48
CA SER A 363 4.87 0.69 -25.94
C SER A 363 4.70 -0.71 -26.53
N GLY A 364 5.78 -1.24 -27.10
CA GLY A 364 5.79 -2.60 -27.56
C GLY A 364 4.77 -2.85 -28.67
N LEU A 365 4.23 -4.08 -28.69
CA LEU A 365 3.32 -4.49 -29.74
C LEU A 365 2.14 -5.32 -29.22
N ASP A 366 1.90 -5.32 -27.91
CA ASP A 366 0.82 -6.14 -27.34
C ASP A 366 -0.51 -5.40 -27.32
N ARG A 367 -0.50 -4.09 -27.06
CA ARG A 367 -1.71 -3.29 -26.97
C ARG A 367 -1.58 -2.13 -27.96
N ILE A 368 -2.15 -2.32 -29.15
CA ILE A 368 -2.20 -1.26 -30.16
C ILE A 368 -3.63 -0.72 -30.16
N ALA A 369 -3.78 0.53 -29.70
CA ALA A 369 -5.10 1.12 -29.56
C ALA A 369 -5.66 1.56 -30.91
N SER A 370 -6.98 1.53 -31.01
CA SER A 370 -7.64 2.05 -32.20
C SER A 370 -7.44 3.56 -32.30
N ALA A 371 -7.56 4.08 -33.51
CA ALA A 371 -7.30 5.50 -33.75
C ALA A 371 -8.29 6.06 -34.75
N ASN A 372 -8.76 7.27 -34.47
CA ASN A 372 -9.55 8.08 -35.39
C ASN A 372 -9.33 9.54 -35.02
N GLN A 373 -8.08 9.96 -35.04
CA GLN A 373 -7.64 11.17 -34.35
C GLN A 373 -7.23 12.25 -35.34
N VAL A 374 -7.32 13.51 -34.88
CA VAL A 374 -6.88 14.68 -35.62
C VAL A 374 -6.05 15.51 -34.66
N THR A 375 -4.73 15.42 -34.77
CA THR A 375 -3.81 16.21 -33.97
C THR A 375 -3.53 17.53 -34.69
N THR A 376 -3.58 18.63 -33.95
CA THR A 376 -3.25 19.94 -34.48
C THR A 376 -2.30 20.65 -33.52
N GLY A 377 -1.30 21.32 -34.07
CA GLY A 377 -0.28 21.96 -33.25
C GLY A 377 0.31 23.17 -33.94
N LEU A 378 0.94 24.01 -33.12
CA LEU A 378 1.51 25.26 -33.59
C LEU A 378 2.76 25.57 -32.77
N THR A 379 3.85 25.89 -33.46
CA THR A 379 5.09 26.28 -32.83
C THR A 379 5.49 27.69 -33.27
N SER A 380 6.18 28.40 -32.38
CA SER A 380 6.64 29.75 -32.67
C SER A 380 8.06 29.88 -32.13
N ARG A 381 9.01 30.18 -33.02
CA ARG A 381 10.40 30.35 -32.65
C ARG A 381 10.83 31.78 -32.95
N VAL A 382 11.96 32.20 -32.37
CA VAL A 382 12.56 33.49 -32.69
C VAL A 382 14.06 33.32 -32.86
N TYR A 383 14.68 34.28 -33.54
CA TYR A 383 16.10 34.27 -33.83
C TYR A 383 16.62 35.71 -33.74
N ASP A 384 17.90 35.84 -33.44
CA ASP A 384 18.55 37.14 -33.32
C ASP A 384 19.11 37.54 -34.68
N ALA A 385 20.00 38.54 -34.72
CA ALA A 385 20.60 38.96 -35.98
C ALA A 385 21.56 37.91 -36.53
N ALA A 386 22.17 37.11 -35.66
CA ALA A 386 23.09 36.05 -36.08
C ALA A 386 22.39 34.71 -36.29
N ALA A 387 21.06 34.72 -36.41
CA ALA A 387 20.25 33.53 -36.69
C ALA A 387 20.39 32.45 -35.62
N VAL A 388 20.66 32.83 -34.37
CA VAL A 388 20.74 31.88 -33.26
C VAL A 388 19.36 31.74 -32.65
N GLU A 389 18.88 30.50 -32.49
CA GLU A 389 17.56 30.24 -31.95
C GLU A 389 17.56 30.54 -30.45
N ARG A 390 16.80 31.55 -30.03
CA ARG A 390 16.79 31.98 -28.64
C ARG A 390 15.55 31.57 -27.87
N PHE A 391 14.37 31.63 -28.51
CA PHE A 391 13.11 31.43 -27.80
C PHE A 391 12.17 30.57 -28.62
N ASN A 392 11.48 29.65 -27.94
CA ASN A 392 10.61 28.66 -28.57
C ASN A 392 9.38 28.44 -27.71
N ILE A 393 8.22 28.34 -28.37
CA ILE A 393 6.96 27.97 -27.74
C ILE A 393 6.28 26.93 -28.62
N SER A 394 5.69 25.92 -28.01
CA SER A 394 4.97 24.87 -28.73
C SER A 394 3.67 24.56 -28.00
N VAL A 395 2.56 24.60 -28.72
CA VAL A 395 1.25 24.30 -28.16
C VAL A 395 0.51 23.35 -29.10
N GLY A 396 -0.05 22.28 -28.55
CA GLY A 396 -0.70 21.27 -29.37
C GLY A 396 -1.88 20.63 -28.67
N GLN A 397 -2.75 20.03 -29.47
CA GLN A 397 -3.97 19.38 -29.01
C GLN A 397 -4.27 18.21 -29.93
N ILE A 398 -5.11 17.29 -29.45
CA ILE A 398 -5.57 16.19 -30.29
C ILE A 398 -7.08 16.00 -30.08
N TYR A 399 -7.79 15.78 -31.19
CA TYR A 399 -9.25 15.63 -31.19
C TYR A 399 -9.59 14.20 -31.60
N TYR A 400 -10.43 13.54 -30.80
CA TYR A 400 -10.81 12.15 -31.03
C TYR A 400 -12.21 12.11 -31.63
N PHE A 401 -12.32 11.45 -32.80
CA PHE A 401 -13.64 11.24 -33.40
C PHE A 401 -14.37 10.09 -32.73
N THR A 402 -13.72 8.95 -32.59
CA THR A 402 -14.22 7.81 -31.84
C THR A 402 -13.22 7.47 -30.74
N GLU A 403 -13.67 6.67 -29.77
CA GLU A 403 -12.82 6.35 -28.64
C GLU A 403 -11.76 5.32 -29.03
N SER A 404 -10.61 5.41 -28.37
CA SER A 404 -9.46 4.55 -28.65
C SER A 404 -9.58 3.28 -27.81
N ARG A 405 -9.99 2.19 -28.45
CA ARG A 405 -10.19 0.92 -27.77
C ARG A 405 -9.06 -0.06 -28.10
N THR A 406 -8.81 -0.97 -27.17
CA THR A 406 -7.89 -2.08 -27.37
C THR A 406 -8.56 -3.44 -27.19
N GLY A 407 -9.74 -3.50 -26.60
CA GLY A 407 -10.34 -4.73 -26.16
C GLY A 407 -10.07 -5.06 -24.72
N ASP A 408 -9.20 -4.30 -24.06
CA ASP A 408 -8.87 -4.53 -22.65
C ASP A 408 -8.61 -3.19 -21.98
N ASP A 409 -9.48 -2.21 -22.23
CA ASP A 409 -9.33 -0.87 -21.68
C ASP A 409 -9.90 -0.84 -20.27
N ASN A 410 -9.02 -1.05 -19.30
CA ASN A 410 -9.37 -0.97 -17.88
C ASN A 410 -8.55 0.12 -17.19
N ILE A 411 -8.32 1.23 -17.90
CA ILE A 411 -7.62 2.37 -17.33
C ILE A 411 -8.67 3.21 -16.60
N ASN A 412 -8.64 3.18 -15.27
CA ASN A 412 -9.64 3.87 -14.48
C ASN A 412 -9.46 5.38 -14.54
N TRP A 413 -10.05 6.01 -15.56
CA TRP A 413 -10.04 7.46 -15.65
C TRP A 413 -10.97 8.06 -14.61
N GLU A 414 -10.85 9.37 -14.41
CA GLU A 414 -11.71 10.07 -13.45
C GLU A 414 -13.11 10.30 -14.01
N ASN A 415 -13.24 10.48 -15.33
CA ASN A 415 -14.53 10.64 -15.97
C ASN A 415 -14.52 9.88 -17.29
N ASN A 416 -15.71 9.70 -17.86
CA ASN A 416 -15.88 8.90 -19.07
C ASN A 416 -16.03 9.78 -20.30
N ASP A 417 -15.04 10.64 -20.53
CA ASP A 417 -14.98 11.48 -21.72
C ASP A 417 -14.21 10.71 -22.79
N THR A 418 -14.92 10.27 -23.83
CA THR A 418 -14.33 9.44 -24.87
C THR A 418 -13.92 10.21 -26.11
N THR A 419 -14.64 11.26 -26.47
CA THR A 419 -14.38 12.01 -27.70
C THR A 419 -14.14 13.48 -27.38
N GLY A 420 -13.59 14.19 -28.34
CA GLY A 420 -13.32 15.61 -28.24
C GLY A 420 -11.84 15.90 -28.06
N SER A 421 -11.55 17.18 -27.82
CA SER A 421 -10.18 17.63 -27.59
C SER A 421 -9.76 17.23 -26.18
N LEU A 422 -9.28 15.99 -26.07
CA LEU A 422 -8.95 15.43 -24.77
C LEU A 422 -7.55 15.86 -24.31
N VAL A 423 -6.54 15.57 -25.11
CA VAL A 423 -5.14 15.73 -24.70
C VAL A 423 -4.56 17.02 -25.29
N TRP A 424 -3.98 17.83 -24.42
CA TRP A 424 -3.25 19.04 -24.79
C TRP A 424 -1.82 18.92 -24.27
N ALA A 425 -0.89 19.62 -24.93
CA ALA A 425 0.50 19.60 -24.51
C ALA A 425 1.18 20.89 -24.95
N GLY A 426 2.29 21.20 -24.29
CA GLY A 426 3.03 22.41 -24.60
C GLY A 426 4.44 22.35 -24.06
N ASP A 427 5.36 23.02 -24.76
CA ASP A 427 6.76 23.11 -24.37
C ASP A 427 7.24 24.53 -24.63
N THR A 428 8.40 24.87 -24.06
CA THR A 428 8.95 26.20 -24.22
C THR A 428 10.42 26.20 -23.83
N TYR A 429 11.15 27.19 -24.37
CA TYR A 429 12.58 27.34 -24.11
C TYR A 429 12.95 28.80 -24.31
N TRP A 430 13.74 29.36 -23.38
CA TRP A 430 14.10 30.76 -23.44
C TRP A 430 15.57 30.91 -23.05
N ARG A 431 16.34 31.59 -23.92
CA ARG A 431 17.74 31.88 -23.65
C ARG A 431 17.94 33.39 -23.78
N ILE A 432 18.00 34.09 -22.65
CA ILE A 432 18.11 35.54 -22.68
C ILE A 432 19.52 35.98 -23.08
N ALA A 433 20.54 35.20 -22.75
CA ALA A 433 21.92 35.55 -23.08
C ALA A 433 22.76 34.28 -23.00
N ASP A 434 24.07 34.44 -22.88
CA ASP A 434 24.98 33.29 -22.83
C ASP A 434 24.96 32.59 -21.49
N GLU A 435 24.41 33.23 -20.45
CA GLU A 435 24.49 32.71 -19.08
C GLU A 435 23.16 32.13 -18.60
N TRP A 436 22.10 32.93 -18.58
CA TRP A 436 20.82 32.46 -18.06
C TRP A 436 20.16 31.50 -19.06
N GLY A 437 19.05 30.90 -18.62
CA GLY A 437 18.35 29.93 -19.42
C GLY A 437 17.07 29.49 -18.74
N LEU A 438 16.17 28.95 -19.55
CA LEU A 438 14.82 28.59 -19.12
C LEU A 438 14.28 27.54 -20.07
N ARG A 439 13.45 26.64 -19.53
CA ARG A 439 12.84 25.58 -20.31
C ARG A 439 11.66 25.01 -19.54
N GLY A 440 10.59 24.64 -20.24
CA GLY A 440 9.42 24.12 -19.56
C GLY A 440 8.55 23.29 -20.47
N GLY A 441 7.56 22.62 -19.86
CA GLY A 441 6.63 21.79 -20.57
C GLY A 441 5.51 21.27 -19.69
N ILE A 442 4.28 21.26 -20.20
CA ILE A 442 3.10 20.83 -19.44
C ILE A 442 2.18 20.04 -20.37
N GLN A 443 1.70 18.90 -19.89
CA GLN A 443 0.72 18.07 -20.59
C GLN A 443 -0.55 17.97 -19.76
N TYR A 444 -1.69 18.24 -20.39
CA TYR A 444 -2.99 18.27 -19.73
C TYR A 444 -3.93 17.28 -20.42
N ASP A 445 -4.84 16.72 -19.61
CA ASP A 445 -5.81 15.75 -20.11
C ASP A 445 -7.16 16.02 -19.45
N THR A 446 -8.21 16.08 -20.27
CA THR A 446 -9.55 16.35 -19.76
C THR A 446 -10.14 15.14 -19.05
N ARG A 447 -9.71 13.92 -19.39
CA ARG A 447 -10.18 12.73 -18.69
C ARG A 447 -9.71 12.70 -17.25
N LEU A 448 -8.63 13.41 -16.92
CA LEU A 448 -8.18 13.52 -15.54
C LEU A 448 -8.72 14.74 -14.84
N ASP A 449 -9.22 15.73 -15.60
CA ASP A 449 -9.70 17.00 -15.05
C ASP A 449 -8.61 17.75 -14.28
N ASN A 450 -7.36 17.52 -14.68
CA ASN A 450 -6.20 18.16 -14.06
C ASN A 450 -5.00 17.95 -14.97
N VAL A 451 -3.98 18.79 -14.80
CA VAL A 451 -2.77 18.68 -15.59
C VAL A 451 -2.06 17.37 -15.26
N ALA A 452 -1.81 16.56 -16.28
CA ALA A 452 -1.17 15.27 -16.06
C ALA A 452 0.30 15.44 -15.68
N THR A 453 1.07 16.10 -16.54
CA THR A 453 2.50 16.27 -16.33
C THR A 453 2.84 17.76 -16.37
N GLY A 454 3.84 18.16 -15.58
CA GLY A 454 4.27 19.53 -15.63
C GLY A 454 5.63 19.80 -15.02
N ASN A 455 6.61 20.15 -15.85
CA ASN A 455 7.96 20.46 -15.37
C ASN A 455 8.41 21.81 -15.90
N GLY A 456 9.17 22.52 -15.06
CA GLY A 456 9.74 23.80 -15.43
C GLY A 456 11.08 24.02 -14.76
N THR A 457 12.02 24.64 -15.46
CA THR A 457 13.38 24.77 -14.96
C THR A 457 14.00 26.05 -15.49
N ILE A 458 14.58 26.85 -14.59
CA ILE A 458 15.37 28.02 -14.95
C ILE A 458 16.76 27.84 -14.35
N GLU A 459 17.77 28.30 -15.09
CA GLU A 459 19.16 28.07 -14.69
C GLU A 459 20.01 29.30 -15.01
N TYR A 460 20.98 29.54 -14.13
CA TYR A 460 22.01 30.55 -14.31
C TYR A 460 23.34 29.83 -14.34
N ARG A 461 24.02 29.87 -15.49
CA ARG A 461 25.21 29.04 -15.74
C ARG A 461 26.34 29.93 -16.25
N ARG A 462 27.28 30.24 -15.36
CA ARG A 462 28.51 30.92 -15.77
C ARG A 462 29.49 29.92 -16.37
N ASP A 463 29.95 28.98 -15.54
CA ASP A 463 30.85 27.93 -16.00
C ASP A 463 30.67 26.70 -15.11
N GLU A 464 31.72 25.91 -14.94
CA GLU A 464 31.61 24.69 -14.16
C GLU A 464 31.50 24.96 -12.67
N ASN A 465 32.15 26.01 -12.17
CA ASN A 465 32.20 26.25 -10.74
C ASN A 465 31.12 27.21 -10.25
N ARG A 466 30.58 28.06 -11.12
CA ARG A 466 29.59 29.07 -10.73
C ARG A 466 28.29 28.79 -11.48
N LEU A 467 27.25 28.44 -10.73
CA LEU A 467 25.93 28.22 -11.31
C LEU A 467 24.90 28.10 -10.19
N VAL A 468 23.66 28.44 -10.52
CA VAL A 468 22.52 28.22 -9.63
C VAL A 468 21.33 27.80 -10.49
N GLN A 469 20.56 26.83 -10.03
CA GLN A 469 19.47 26.28 -10.80
C GLN A 469 18.24 26.09 -9.92
N LEU A 470 17.08 26.48 -10.45
CA LEU A 470 15.81 26.31 -9.76
C LEU A 470 14.86 25.56 -10.68
N ASN A 471 14.33 24.44 -10.21
CA ASN A 471 13.45 23.59 -11.01
C ASN A 471 12.22 23.21 -10.19
N TYR A 472 11.23 22.65 -10.89
CA TYR A 472 9.98 22.21 -10.27
C TYR A 472 9.33 21.17 -11.17
N ARG A 473 8.98 20.03 -10.58
CA ARG A 473 8.30 18.95 -11.30
C ARG A 473 7.00 18.61 -10.60
N TYR A 474 6.00 18.22 -11.39
CA TYR A 474 4.66 18.00 -10.89
C TYR A 474 3.98 16.89 -11.67
N ALA A 475 3.37 15.96 -10.93
CA ALA A 475 2.51 14.92 -11.50
C ALA A 475 1.30 14.78 -10.59
N SER A 476 0.10 14.84 -11.17
CA SER A 476 -1.14 14.85 -10.41
C SER A 476 -1.48 13.45 -9.90
N PRO A 477 -2.22 13.36 -8.79
CA PRO A 477 -2.70 12.04 -8.33
C PRO A 477 -3.55 11.33 -9.35
N GLU A 478 -4.29 12.07 -10.19
CA GLU A 478 -5.07 11.44 -11.24
C GLU A 478 -4.16 10.74 -12.25
N TYR A 479 -3.02 11.34 -12.56
CA TYR A 479 -2.08 10.73 -13.49
C TYR A 479 -1.53 9.42 -12.94
N ILE A 480 -1.13 9.42 -11.66
CA ILE A 480 -0.64 8.19 -11.05
C ILE A 480 -1.73 7.14 -10.98
N GLN A 481 -2.97 7.57 -10.73
CA GLN A 481 -4.09 6.64 -10.66
C GLN A 481 -4.35 6.00 -12.02
N ALA A 482 -4.20 6.77 -13.10
CA ALA A 482 -4.50 6.25 -14.43
C ALA A 482 -3.37 5.38 -14.95
N THR A 483 -2.12 5.84 -14.83
CA THR A 483 -0.98 5.16 -15.45
C THR A 483 -0.39 4.07 -14.56
N LEU A 484 -0.44 4.22 -13.25
CA LEU A 484 0.19 3.27 -12.31
C LEU A 484 -0.86 2.70 -11.37
N PRO A 485 -1.68 1.73 -11.83
CA PRO A 485 -2.65 1.11 -10.93
C PRO A 485 -2.05 0.03 -10.05
N SER A 486 -1.70 0.41 -8.81
CA SER A 486 -1.09 -0.40 -7.76
C SER A 486 -0.40 0.55 -6.80
N TYR A 487 0.14 1.64 -7.35
CA TYR A 487 0.83 2.67 -6.59
C TYR A 487 -0.11 3.73 -6.05
N SER A 488 -1.24 3.97 -6.72
CA SER A 488 -2.23 4.95 -6.26
C SER A 488 -3.00 4.46 -5.04
N THR A 489 -2.77 3.23 -4.58
CA THR A 489 -3.42 2.73 -3.37
C THR A 489 -2.57 2.98 -2.12
N ALA A 490 -1.26 2.75 -2.21
CA ALA A 490 -0.37 3.00 -1.09
C ALA A 490 -0.13 4.49 -0.91
N ALA A 491 0.10 4.89 0.34
CA ALA A 491 0.27 6.30 0.66
C ALA A 491 1.60 6.88 0.20
N GLN A 492 2.53 6.04 -0.27
CA GLN A 492 3.82 6.54 -0.72
C GLN A 492 3.72 7.24 -2.07
N TYR A 493 2.82 6.77 -2.94
CA TYR A 493 2.71 7.30 -4.29
C TYR A 493 1.32 7.84 -4.61
N LYS A 494 0.43 7.92 -3.63
CA LYS A 494 -0.96 8.27 -3.91
C LYS A 494 -1.11 9.73 -4.32
N GLN A 495 -0.49 10.64 -3.58
CA GLN A 495 -0.67 12.07 -3.79
C GLN A 495 0.12 12.62 -4.97
N GLY A 496 0.93 11.80 -5.63
CA GLY A 496 1.65 12.27 -6.80
C GLY A 496 2.94 12.97 -6.44
N ILE A 497 3.30 13.95 -7.27
CA ILE A 497 4.56 14.68 -7.09
C ILE A 497 4.31 16.17 -7.22
N SER A 498 4.93 16.94 -6.33
CA SER A 498 5.01 18.39 -6.45
C SER A 498 6.31 18.82 -5.78
N GLN A 499 7.42 18.72 -6.52
CA GLN A 499 8.75 18.79 -5.95
C GLN A 499 9.51 19.96 -6.55
N VAL A 500 9.96 20.88 -5.70
CA VAL A 500 10.82 21.97 -6.11
C VAL A 500 12.26 21.59 -5.80
N GLY A 501 13.20 22.19 -6.53
CA GLY A 501 14.60 21.89 -6.37
C GLY A 501 15.49 23.08 -6.60
N MET A 502 16.56 23.19 -5.81
CA MET A 502 17.51 24.29 -5.92
C MET A 502 18.91 23.72 -5.82
N THR A 503 19.68 23.84 -6.91
CA THR A 503 21.09 23.46 -6.92
C THR A 503 21.93 24.73 -6.98
N ALA A 504 23.12 24.68 -6.38
CA ALA A 504 23.97 25.87 -6.36
C ALA A 504 25.43 25.46 -6.19
N SER A 505 26.28 25.90 -7.10
CA SER A 505 27.73 25.79 -6.98
C SER A 505 28.31 27.19 -7.00
N TRP A 506 28.96 27.59 -5.90
CA TRP A 506 29.46 28.93 -5.72
C TRP A 506 30.72 28.92 -4.86
N PRO A 507 31.80 29.55 -5.30
CA PRO A 507 32.96 29.73 -4.42
C PRO A 507 32.83 30.98 -3.56
N ILE A 508 32.98 30.82 -2.25
CA ILE A 508 32.86 31.97 -1.34
C ILE A 508 34.14 32.80 -1.34
N VAL A 509 35.24 32.20 -0.88
CA VAL A 509 36.55 32.83 -0.93
C VAL A 509 37.22 32.42 -2.24
N ASP A 510 38.13 33.26 -2.73
CA ASP A 510 38.67 33.12 -4.08
C ASP A 510 39.24 31.73 -4.34
N ARG A 511 39.80 31.08 -3.33
CA ARG A 511 40.35 29.74 -3.50
C ARG A 511 39.44 28.64 -2.99
N TRP A 512 38.65 28.91 -1.96
CA TRP A 512 37.67 27.92 -1.49
C TRP A 512 36.54 27.77 -2.52
N SER A 513 35.79 26.67 -2.38
CA SER A 513 34.66 26.43 -3.25
C SER A 513 33.58 25.68 -2.46
N VAL A 514 32.32 26.08 -2.65
CA VAL A 514 31.21 25.47 -1.93
C VAL A 514 30.13 25.06 -2.93
N VAL A 515 29.44 23.97 -2.62
CA VAL A 515 28.35 23.48 -3.44
C VAL A 515 27.26 22.91 -2.53
N GLY A 516 26.02 22.95 -3.00
CA GLY A 516 24.90 22.46 -2.22
C GLY A 516 23.67 22.28 -3.07
N ALA A 517 22.74 21.49 -2.55
CA ALA A 517 21.48 21.20 -3.21
C ALA A 517 20.39 21.04 -2.17
N TYR A 518 19.15 21.30 -2.60
CA TYR A 518 18.02 21.24 -1.67
C TYR A 518 16.76 20.97 -2.47
N TYR A 519 16.13 19.83 -2.23
CA TYR A 519 14.86 19.47 -2.86
C TYR A 519 13.76 19.40 -1.81
N TYR A 520 12.56 19.85 -2.17
CA TYR A 520 11.48 20.05 -1.22
C TYR A 520 10.17 19.57 -1.82
N ASP A 521 9.42 18.80 -1.04
CA ASP A 521 8.10 18.32 -1.46
C ASP A 521 7.04 19.30 -1.01
N THR A 522 6.18 19.71 -1.96
CA THR A 522 5.14 20.69 -1.65
C THR A 522 3.95 20.08 -0.94
N ASN A 523 3.61 18.83 -1.26
CA ASN A 523 2.41 18.21 -0.69
C ASN A 523 2.60 17.90 0.79
N THR A 524 3.70 17.24 1.15
CA THR A 524 3.97 16.87 2.53
C THR A 524 4.74 17.92 3.30
N ARG A 525 5.15 19.02 2.64
CA ARG A 525 5.92 20.09 3.27
C ARG A 525 7.22 19.58 3.88
N LYS A 526 7.77 18.51 3.31
CA LYS A 526 8.99 17.90 3.81
C LYS A 526 10.06 17.90 2.72
N ALA A 527 11.32 17.79 3.16
CA ALA A 527 12.45 17.74 2.26
C ALA A 527 12.75 16.30 1.86
N ALA A 528 13.14 16.11 0.59
CA ALA A 528 13.48 14.80 0.06
C ALA A 528 14.99 14.54 0.04
N ASN A 529 15.79 15.55 -0.31
CA ASN A 529 17.23 15.40 -0.41
C ASN A 529 17.88 16.74 -0.15
N GLN A 530 18.90 16.75 0.71
CA GLN A 530 19.67 17.94 1.03
C GLN A 530 21.15 17.61 0.92
N MET A 531 21.94 18.59 0.49
CA MET A 531 23.37 18.37 0.31
C MET A 531 24.13 19.67 0.56
N LEU A 532 25.25 19.55 1.27
CA LEU A 532 26.17 20.66 1.50
C LEU A 532 27.59 20.13 1.50
N GLY A 533 28.47 20.77 0.74
CA GLY A 533 29.84 20.31 0.63
C GLY A 533 30.79 21.45 0.29
N VAL A 534 32.03 21.32 0.75
CA VAL A 534 33.08 22.30 0.48
C VAL A 534 34.29 21.56 -0.08
N GLN A 535 35.08 22.29 -0.86
CA GLN A 535 36.27 21.76 -1.51
C GLN A 535 37.30 22.87 -1.63
N TYR A 536 38.57 22.49 -1.55
CA TYR A 536 39.66 23.47 -1.64
C TYR A 536 40.89 22.79 -2.23
N ASN A 537 41.42 23.39 -3.29
CA ASN A 537 42.66 22.92 -3.93
C ASN A 537 43.82 23.71 -3.34
N SER A 538 44.54 23.08 -2.40
CA SER A 538 45.60 23.78 -1.69
C SER A 538 46.81 24.04 -2.58
N CYS A 539 47.29 23.00 -3.26
CA CYS A 539 48.46 23.13 -4.12
C CYS A 539 48.30 22.30 -5.38
N CYS A 540 48.28 20.97 -5.22
CA CYS A 540 48.10 20.05 -6.34
C CYS A 540 46.87 19.18 -6.18
N TYR A 541 46.69 18.54 -5.03
CA TYR A 541 45.55 17.68 -4.76
C TYR A 541 44.61 18.40 -3.80
N ALA A 542 43.33 18.44 -4.15
CA ALA A 542 42.33 19.15 -3.37
C ALA A 542 41.74 18.26 -2.29
N ILE A 543 41.28 18.89 -1.21
CA ILE A 543 40.52 18.21 -0.16
C ILE A 543 39.05 18.54 -0.34
N ARG A 544 38.20 17.57 -0.01
CA ARG A 544 36.78 17.66 -0.32
C ARG A 544 35.98 17.05 0.83
N LEU A 545 35.22 17.90 1.52
CA LEU A 545 34.29 17.47 2.57
C LEU A 545 32.85 17.61 2.06
N GLY A 546 32.00 16.68 2.46
CA GLY A 546 30.64 16.66 1.96
C GLY A 546 29.67 16.09 2.98
N TYR A 547 28.39 16.37 2.73
CA TYR A 547 27.29 15.96 3.60
C TYR A 547 26.02 15.85 2.78
N GLU A 548 25.28 14.76 3.00
CA GLU A 548 24.06 14.49 2.26
C GLU A 548 23.05 13.81 3.17
N ARG A 549 21.79 14.24 3.06
CA ARG A 549 20.67 13.61 3.73
C ARG A 549 19.60 13.30 2.67
N LYS A 550 19.04 12.10 2.73
CA LYS A 550 18.17 11.67 1.64
C LYS A 550 17.06 10.77 2.18
N VAL A 551 15.94 10.74 1.45
CA VAL A 551 14.92 9.74 1.72
C VAL A 551 15.41 8.38 1.21
N ASN A 552 15.39 7.39 2.10
CA ASN A 552 15.90 6.05 1.77
C ASN A 552 14.81 5.01 1.65
N GLY A 553 13.87 4.97 2.60
CA GLY A 553 12.82 3.98 2.56
C GLY A 553 11.48 4.52 3.04
N TRP A 554 10.57 3.62 3.41
CA TRP A 554 9.27 3.98 3.94
C TRP A 554 9.00 3.16 5.19
N ASN A 555 8.67 3.83 6.28
CA ASN A 555 8.52 3.19 7.58
C ASN A 555 7.07 2.82 7.80
N SER A 556 6.77 1.52 7.75
CA SER A 556 5.46 1.03 8.13
C SER A 556 5.33 1.04 9.65
N ASN A 557 4.13 0.68 10.13
CA ASN A 557 3.81 0.69 11.55
C ASN A 557 4.00 2.08 12.13
N ASP A 558 3.01 2.95 11.94
CA ASP A 558 3.04 4.31 12.46
C ASP A 558 1.62 4.80 12.66
N ASN A 559 1.39 6.09 12.52
CA ASN A 559 0.04 6.64 12.47
C ASN A 559 -0.39 6.89 11.03
N GLY A 560 -0.15 5.88 10.19
CA GLY A 560 -0.37 5.99 8.77
C GLY A 560 0.86 5.59 7.98
N GLY A 561 1.96 6.31 8.20
CA GLY A 561 3.21 6.02 7.52
C GLY A 561 4.14 7.21 7.45
N GLU A 562 5.44 6.96 7.50
CA GLU A 562 6.45 8.01 7.42
C GLU A 562 7.60 7.53 6.53
N SER A 563 8.46 8.48 6.17
CA SER A 563 9.61 8.21 5.32
C SER A 563 10.89 8.12 6.14
N LYS A 564 11.72 7.14 5.82
CA LYS A 564 13.00 6.97 6.49
C LYS A 564 14.06 7.86 5.85
N TYR A 565 14.89 8.48 6.70
CA TYR A 565 15.92 9.40 6.24
C TYR A 565 17.30 8.86 6.59
N ASP A 566 18.27 9.12 5.71
CA ASP A 566 19.65 8.70 5.91
C ASP A 566 20.56 9.92 5.82
N ASN A 567 21.46 10.04 6.79
CA ASN A 567 22.48 11.08 6.81
C ASN A 567 23.85 10.48 6.53
N THR A 568 24.74 11.27 5.96
CA THR A 568 26.09 10.81 5.68
C THR A 568 27.03 11.99 5.47
N PHE A 569 28.21 11.90 6.08
CA PHE A 569 29.30 12.84 5.87
C PHE A 569 30.46 12.10 5.23
N GLY A 570 31.22 12.79 4.41
CA GLY A 570 32.27 12.15 3.64
C GLY A 570 33.47 13.07 3.49
N ILE A 571 34.65 12.46 3.48
CA ILE A 571 35.89 13.19 3.31
C ILE A 571 36.72 12.43 2.28
N ASN A 572 37.09 13.13 1.21
CA ASN A 572 37.90 12.58 0.12
C ASN A 572 39.06 13.52 -0.17
N ILE A 573 40.24 12.93 -0.43
CA ILE A 573 41.43 13.69 -0.79
C ILE A 573 42.04 13.13 -2.07
N LEU A 584 42.09 16.02 -12.17
CA LEU A 584 42.02 16.16 -10.72
C LEU A 584 40.93 17.16 -10.32
N GLY A 585 41.03 18.38 -10.84
CA GLY A 585 40.06 19.41 -10.54
C GLY A 585 38.72 19.15 -11.19
N THR A 586 37.86 18.41 -10.51
CA THR A 586 36.55 18.04 -11.03
C THR A 586 35.51 18.13 -9.91
N GLN A 587 34.29 18.50 -10.27
CA GLN A 587 33.18 18.63 -9.33
C GLN A 587 32.22 17.46 -9.55
N GLN A 588 32.48 16.35 -8.85
CA GLN A 588 31.54 15.23 -8.80
C GLN A 588 30.47 15.41 -7.74
N MET A 589 30.54 16.48 -6.94
CA MET A 589 29.56 16.71 -5.89
C MET A 589 28.20 17.07 -6.47
N LEU A 590 28.17 17.68 -7.65
CA LEU A 590 26.91 18.02 -8.29
C LEU A 590 26.13 16.77 -8.69
N ARG A 591 26.82 15.71 -9.10
CA ARG A 591 26.19 14.47 -9.55
C ARG A 591 26.37 13.34 -8.56
N SER A 592 26.44 13.67 -7.27
CA SER A 592 26.58 12.67 -6.21
C SER A 592 25.29 12.46 -5.42
N ASN A 593 24.24 13.22 -5.72
CA ASN A 593 22.98 13.09 -5.01
C ASN A 593 22.10 12.01 -5.64
N ILE A 594 20.99 11.71 -4.97
CA ILE A 594 19.99 10.82 -5.56
C ILE A 594 19.22 11.51 -6.69
N LEU A 595 19.26 12.85 -6.73
CA LEU A 595 18.73 13.63 -7.85
C LEU A 595 19.89 14.43 -8.43
N PRO A 596 20.69 13.83 -9.30
CA PRO A 596 21.90 14.50 -9.79
C PRO A 596 21.57 15.76 -10.58
N TYR A 597 22.56 16.65 -10.65
CA TYR A 597 22.40 17.92 -11.35
C TYR A 597 22.62 17.74 -12.84
N GLN A 598 21.69 18.24 -13.63
CA GLN A 598 21.78 18.24 -15.08
C GLN A 598 21.63 19.66 -15.59
N SER A 599 22.57 20.09 -16.43
CA SER A 599 22.59 21.46 -16.95
C SER A 599 21.47 21.62 -17.99
N SER A 600 20.59 22.60 -17.76
CA SER A 600 19.54 22.92 -18.70
C SER A 600 19.88 24.13 -19.58
N LEU A 601 21.16 24.52 -19.62
CA LEU A 601 21.62 25.66 -20.40
C LEU A 601 20.89 26.95 -20.03
N GLY B 6 1.56 40.06 -48.10
CA GLY B 6 1.45 40.09 -46.65
C GLY B 6 2.76 39.80 -45.94
N TRP B 7 2.76 38.78 -45.10
CA TRP B 7 3.95 38.35 -44.37
C TRP B 7 4.63 37.22 -45.16
N HIS B 8 5.93 37.39 -45.40
CA HIS B 8 6.66 36.51 -46.31
C HIS B 8 6.72 35.08 -45.79
N LEU B 9 6.83 34.15 -46.73
CA LEU B 9 6.93 32.73 -46.44
C LEU B 9 8.35 32.25 -46.72
N ARG B 10 8.89 31.46 -45.79
CA ARG B 10 10.25 30.96 -45.93
C ARG B 10 10.33 29.92 -47.04
N VAL B 15 17.51 25.55 -45.19
CA VAL B 15 18.87 25.23 -45.63
C VAL B 15 19.31 26.18 -46.73
N PRO B 16 20.48 26.79 -46.56
CA PRO B 16 20.99 27.72 -47.57
C PRO B 16 21.31 27.02 -48.88
N THR B 17 21.55 27.83 -49.92
CA THR B 17 21.90 27.29 -51.22
C THR B 17 23.32 26.73 -51.23
N THR B 18 24.21 27.29 -50.41
CA THR B 18 25.58 26.78 -50.34
C THR B 18 25.62 25.34 -49.83
N MET B 19 24.70 24.97 -48.94
CA MET B 19 24.67 23.64 -48.35
C MET B 19 23.63 22.74 -48.98
N LYS B 20 23.23 23.01 -50.23
CA LYS B 20 22.36 22.08 -50.96
C LYS B 20 23.12 20.80 -51.30
N THR B 21 24.44 20.90 -51.50
CA THR B 21 25.32 19.76 -51.64
C THR B 21 26.29 19.76 -50.46
N MET B 22 26.38 18.61 -49.79
CA MET B 22 27.12 18.58 -48.52
C MET B 22 27.69 17.19 -48.29
N ILE B 23 28.72 17.13 -47.44
CA ILE B 23 29.37 15.89 -47.04
C ILE B 23 28.97 15.56 -45.61
N LEU B 24 28.80 14.27 -45.34
CA LEU B 24 28.48 13.79 -43.99
C LEU B 24 29.53 12.75 -43.61
N GLN B 25 30.33 13.06 -42.60
CA GLN B 25 31.42 12.19 -42.17
C GLN B 25 31.34 11.96 -40.66
N SER B 26 31.72 10.76 -40.25
CA SER B 26 31.71 10.36 -38.84
C SER B 26 32.46 9.04 -38.71
N SER B 27 32.98 8.79 -37.51
CA SER B 27 33.62 7.51 -37.22
C SER B 27 32.61 6.37 -37.14
N ASP B 28 31.34 6.68 -36.85
CA ASP B 28 30.26 5.69 -36.78
C ASP B 28 29.20 6.09 -37.79
N PRO B 29 29.40 5.75 -39.07
CA PRO B 29 28.45 6.20 -40.10
C PRO B 29 27.12 5.49 -40.07
N ASN B 30 27.04 4.29 -39.50
CA ASN B 30 25.80 3.53 -39.45
C ASN B 30 25.10 3.63 -38.10
N GLY B 31 25.56 4.52 -37.21
CA GLY B 31 24.97 4.68 -35.91
C GLY B 31 23.62 5.36 -35.98
N PRO B 32 22.91 5.40 -34.85
CA PRO B 32 21.58 6.04 -34.84
C PRO B 32 21.62 7.52 -35.16
N LEU B 33 22.57 8.26 -34.57
CA LEU B 33 22.67 9.69 -34.83
C LEU B 33 23.02 9.96 -36.29
N SER B 34 23.95 9.19 -36.85
CA SER B 34 24.37 9.41 -38.23
C SER B 34 23.22 9.17 -39.20
N ARG B 35 22.50 8.06 -39.03
CA ARG B 35 21.38 7.76 -39.92
C ARG B 35 20.24 8.76 -39.71
N ALA B 36 20.04 9.24 -38.48
CA ALA B 36 19.02 10.23 -38.22
C ALA B 36 19.33 11.55 -38.93
N VAL B 37 20.58 12.02 -38.81
CA VAL B 37 20.97 13.26 -39.47
C VAL B 37 20.89 13.11 -40.99
N ARG B 38 21.37 11.99 -41.52
CA ARG B 38 21.30 11.75 -42.96
C ARG B 38 19.86 11.77 -43.46
N ASN B 39 18.97 11.08 -42.74
CA ASN B 39 17.56 11.05 -43.13
C ASN B 39 16.95 12.45 -43.08
N GLN B 40 17.21 13.18 -42.00
CA GLN B 40 16.59 14.48 -41.82
C GLN B 40 17.06 15.47 -42.90
N LEU B 41 18.36 15.52 -43.15
CA LEU B 41 18.86 16.43 -44.18
C LEU B 41 18.45 15.98 -45.57
N ARG B 42 18.25 14.68 -45.77
CA ARG B 42 17.69 14.22 -47.05
C ARG B 42 16.27 14.72 -47.23
N LEU B 43 15.50 14.83 -46.13
CA LEU B 43 14.15 15.36 -46.25
C LEU B 43 14.16 16.81 -46.73
N ASN B 44 15.20 17.57 -46.39
CA ASN B 44 15.30 18.97 -46.80
C ASN B 44 15.81 19.15 -48.22
N GLY B 45 16.12 18.07 -48.92
CA GLY B 45 16.61 18.17 -50.29
C GLY B 45 18.10 18.35 -50.43
N VAL B 46 18.87 18.10 -49.37
CA VAL B 46 20.32 18.25 -49.42
C VAL B 46 20.93 17.01 -50.05
N ASP B 47 21.71 17.21 -51.10
CA ASP B 47 22.36 16.10 -51.79
C ASP B 47 23.62 15.67 -51.03
N LEU B 48 23.83 14.35 -50.96
CA LEU B 48 24.94 13.77 -50.22
C LEU B 48 25.94 13.14 -51.18
N ILE B 49 27.21 13.44 -50.99
CA ILE B 49 28.29 12.89 -51.80
C ILE B 49 29.40 12.42 -50.87
N ASP B 50 30.13 11.40 -51.31
CA ASP B 50 31.25 10.88 -50.55
C ASP B 50 32.46 11.80 -50.68
N ALA B 51 33.43 11.61 -49.79
CA ALA B 51 34.66 12.40 -49.82
C ALA B 51 35.61 11.98 -50.95
N SER B 52 35.29 10.92 -51.69
CA SER B 52 36.13 10.49 -52.80
C SER B 52 36.15 11.50 -53.94
N THR B 53 35.13 12.35 -54.04
CA THR B 53 35.14 13.43 -55.00
C THR B 53 36.28 14.40 -54.67
N LEU B 54 36.76 15.10 -55.70
CA LEU B 54 37.80 16.11 -55.50
C LEU B 54 37.42 17.05 -54.36
N ARG B 55 36.22 17.63 -54.42
CA ARG B 55 35.58 18.28 -53.29
C ARG B 55 36.43 19.38 -52.67
N LYS B 56 36.33 20.58 -53.23
CA LYS B 56 36.96 21.77 -52.63
C LYS B 56 35.94 22.81 -52.23
N ASP B 57 34.85 22.96 -52.98
CA ASP B 57 33.79 23.91 -52.67
C ASP B 57 32.68 23.33 -51.81
N VAL B 58 32.64 22.00 -51.66
CA VAL B 58 31.54 21.35 -50.94
C VAL B 58 31.84 21.40 -49.45
N PRO B 59 30.90 21.89 -48.63
CA PRO B 59 31.13 21.91 -47.18
C PRO B 59 30.92 20.54 -46.56
N SER B 60 31.41 20.40 -45.33
CA SER B 60 31.36 19.15 -44.59
C SER B 60 30.57 19.31 -43.31
N LEU B 61 29.96 18.22 -42.86
CA LEU B 61 29.22 18.17 -41.60
C LEU B 61 29.77 16.98 -40.80
N ARG B 62 30.67 17.25 -39.88
CA ARG B 62 31.33 16.21 -39.10
C ARG B 62 30.57 15.97 -37.80
N LEU B 63 30.32 14.71 -37.48
CA LEU B 63 29.68 14.32 -36.23
C LEU B 63 30.76 13.86 -35.26
N ASP B 64 31.02 14.69 -34.23
CA ASP B 64 32.13 14.41 -33.33
C ASP B 64 31.78 13.30 -32.34
N GLY B 65 30.62 13.39 -31.71
CA GLY B 65 30.22 12.36 -30.76
C GLY B 65 28.88 12.69 -30.16
N SER B 66 28.38 11.75 -29.37
CA SER B 66 27.10 11.91 -28.68
C SER B 66 27.07 10.99 -27.47
N SER B 67 26.27 11.36 -26.48
CA SER B 67 26.16 10.60 -25.25
C SER B 67 24.82 10.89 -24.59
N ILE B 68 24.29 9.88 -23.90
CA ILE B 68 23.04 9.99 -23.17
C ILE B 68 23.33 9.86 -21.69
N GLN B 69 22.70 10.72 -20.88
CA GLN B 69 22.87 10.74 -19.44
C GLN B 69 21.49 10.59 -18.80
N LYS B 70 21.26 9.44 -18.17
CA LYS B 70 19.97 9.12 -17.55
C LYS B 70 20.11 9.30 -16.04
N ASP B 71 19.49 10.35 -15.51
CA ASP B 71 19.52 10.64 -14.08
C ASP B 71 18.09 10.67 -13.53
N THR B 72 17.99 10.58 -12.21
CA THR B 72 16.70 10.60 -11.54
C THR B 72 16.19 12.04 -11.46
N ALA B 73 15.02 12.28 -12.04
CA ALA B 73 14.45 13.62 -12.07
C ALA B 73 13.66 13.94 -10.81
N SER B 74 12.81 13.01 -10.37
CA SER B 74 12.02 13.19 -9.17
C SER B 74 11.95 11.87 -8.41
N VAL B 75 11.59 11.95 -7.13
CA VAL B 75 11.58 10.80 -6.25
C VAL B 75 10.28 10.77 -5.46
N PHE B 76 9.79 9.57 -5.18
CA PHE B 76 8.58 9.38 -4.40
C PHE B 76 8.90 9.52 -2.91
N GLN B 77 7.86 9.39 -2.08
CA GLN B 77 8.03 9.52 -0.64
C GLN B 77 8.80 8.36 -0.03
N ASP B 78 8.88 7.22 -0.72
CA ASP B 78 9.59 6.05 -0.22
C ASP B 78 11.05 6.03 -0.65
N GLY B 79 11.49 7.00 -1.44
CA GLY B 79 12.89 7.05 -1.86
C GLY B 79 13.20 6.26 -3.11
N ARG B 80 12.21 6.09 -4.00
CA ARG B 80 12.39 5.37 -5.24
C ARG B 80 12.15 6.30 -6.43
N THR B 81 12.78 5.98 -7.55
CA THR B 81 12.66 6.83 -8.73
C THR B 81 11.23 6.85 -9.23
N ALA B 82 10.70 8.05 -9.44
CA ALA B 82 9.39 8.22 -10.04
C ALA B 82 9.49 8.41 -11.55
N GLU B 83 10.32 9.35 -11.99
CA GLU B 83 10.55 9.58 -13.42
C GLU B 83 12.01 9.91 -13.65
N TYR B 84 12.59 9.31 -14.68
CA TYR B 84 13.93 9.62 -15.12
C TYR B 84 13.90 10.74 -16.16
N GLN B 85 15.02 11.46 -16.27
CA GLN B 85 15.20 12.49 -17.27
C GLN B 85 16.48 12.20 -18.04
N MET B 86 16.33 11.84 -19.31
CA MET B 86 17.47 11.62 -20.19
C MET B 86 17.80 12.88 -20.96
N VAL B 87 19.10 13.15 -21.07
CA VAL B 87 19.64 14.34 -21.73
C VAL B 87 20.63 13.86 -22.79
N MET B 88 20.32 14.08 -24.06
CA MET B 88 21.19 13.70 -25.16
C MET B 88 22.02 14.91 -25.58
N THR B 89 23.33 14.81 -25.39
CA THR B 89 24.26 15.84 -25.81
C THR B 89 24.91 15.42 -27.13
N VAL B 90 24.83 16.28 -28.14
CA VAL B 90 25.33 15.99 -29.47
C VAL B 90 26.34 17.05 -29.85
N HIS B 91 27.54 16.61 -30.23
CA HIS B 91 28.63 17.46 -30.68
C HIS B 91 28.87 17.24 -32.16
N ALA B 92 28.87 18.33 -32.92
CA ALA B 92 29.15 18.29 -34.35
C ALA B 92 30.05 19.48 -34.69
N SER B 93 30.39 19.59 -35.99
CA SER B 93 31.19 20.69 -36.49
C SER B 93 31.12 20.80 -38.00
N VAL B 94 30.77 21.98 -38.50
CA VAL B 94 30.71 22.21 -39.95
C VAL B 94 32.09 22.66 -40.42
N LEU B 95 32.58 22.04 -41.48
CA LEU B 95 33.91 22.30 -42.03
C LEU B 95 33.74 22.98 -43.38
N ILE B 96 34.00 24.27 -43.44
CA ILE B 96 34.02 25.03 -44.69
C ILE B 96 35.47 25.07 -45.15
N PRO B 97 35.82 24.46 -46.29
CA PRO B 97 37.22 24.42 -46.72
C PRO B 97 37.78 25.82 -46.94
N GLY B 98 38.80 26.16 -46.16
CA GLY B 98 39.50 27.42 -46.28
C GLY B 98 39.09 28.46 -45.26
N HIS B 99 37.96 28.27 -44.58
CA HIS B 99 37.42 29.28 -43.67
C HIS B 99 37.31 28.73 -42.24
N ASP B 100 38.15 27.74 -41.92
CA ASP B 100 38.24 27.14 -40.59
C ASP B 100 36.96 26.41 -40.19
N ILE B 101 37.04 25.59 -39.14
CA ILE B 101 35.92 24.77 -38.71
C ILE B 101 35.04 25.56 -37.75
N TYR B 102 33.79 25.15 -37.63
CA TYR B 102 32.82 25.81 -36.74
C TYR B 102 32.10 24.75 -35.92
N PRO B 103 32.31 24.69 -34.60
CA PRO B 103 31.66 23.66 -33.80
C PRO B 103 30.22 24.00 -33.46
N ILE B 104 29.41 22.94 -33.35
CA ILE B 104 28.00 23.05 -33.00
C ILE B 104 27.72 22.06 -31.87
N THR B 105 26.91 22.47 -30.90
CA THR B 105 26.48 21.60 -29.82
C THR B 105 24.97 21.71 -29.66
N THR B 106 24.33 20.61 -29.27
CA THR B 106 22.90 20.66 -29.04
C THR B 106 22.52 19.65 -27.95
N LYS B 107 21.42 19.95 -27.26
CA LYS B 107 20.92 19.13 -26.17
C LYS B 107 19.47 18.75 -26.45
N VAL B 108 19.07 17.57 -25.96
CA VAL B 108 17.68 17.13 -26.03
C VAL B 108 17.30 16.62 -24.64
N TYR B 109 16.28 17.25 -24.04
CA TYR B 109 15.83 16.92 -22.70
C TYR B 109 14.48 16.23 -22.79
N ARG B 110 14.42 14.97 -22.34
CA ARG B 110 13.15 14.27 -22.24
C ARG B 110 13.10 13.53 -20.92
N SER B 111 11.90 13.10 -20.54
CA SER B 111 11.69 12.46 -19.25
C SER B 111 10.51 11.50 -19.35
N PHE B 112 10.51 10.48 -18.49
CA PHE B 112 9.43 9.50 -18.48
C PHE B 112 9.36 8.85 -17.12
N PHE B 113 8.15 8.45 -16.73
CA PHE B 113 7.92 7.82 -15.43
C PHE B 113 8.40 6.37 -15.46
N ASP B 114 8.91 5.91 -14.32
CA ASP B 114 9.43 4.56 -14.16
C ASP B 114 8.38 3.66 -13.52
N ASN B 115 8.54 2.35 -13.73
CA ASN B 115 7.63 1.36 -13.17
C ASN B 115 8.29 -0.01 -13.15
N PRO B 116 8.79 -0.46 -12.00
CA PRO B 116 9.47 -1.77 -11.95
C PRO B 116 8.55 -2.95 -12.15
N GLN B 117 7.23 -2.77 -12.00
CA GLN B 117 6.31 -3.89 -12.20
C GLN B 117 6.15 -4.26 -13.67
N ALA B 118 6.55 -3.37 -14.58
CA ALA B 118 6.53 -3.63 -16.02
C ALA B 118 7.87 -3.22 -16.64
N ALA B 119 8.96 -3.67 -16.00
CA ALA B 119 10.29 -3.22 -16.36
C ALA B 119 10.58 -3.40 -17.85
N LEU B 120 10.34 -4.61 -18.37
CA LEU B 120 10.53 -4.87 -19.80
C LEU B 120 9.79 -3.83 -20.64
N ALA B 121 8.51 -3.61 -20.33
CA ALA B 121 7.74 -2.59 -21.04
C ALA B 121 8.45 -1.24 -20.99
N LYS B 122 8.89 -0.84 -19.78
CA LYS B 122 9.58 0.44 -19.65
C LYS B 122 10.82 0.48 -20.51
N ASP B 123 11.54 -0.65 -20.62
CA ASP B 123 12.70 -0.72 -21.50
C ASP B 123 12.29 -0.42 -22.93
N ALA B 124 11.20 -1.04 -23.38
CA ALA B 124 10.69 -0.76 -24.72
C ALA B 124 10.33 0.72 -24.87
N GLU B 125 9.89 1.35 -23.78
CA GLU B 125 9.64 2.79 -23.83
C GLU B 125 10.96 3.56 -23.91
N GLN B 126 11.95 3.13 -23.13
CA GLN B 126 13.24 3.82 -23.12
C GLN B 126 13.91 3.74 -24.49
N ASP B 127 13.76 2.60 -25.17
CA ASP B 127 14.26 2.49 -26.53
C ASP B 127 13.46 3.37 -27.49
N MET B 128 12.17 3.56 -27.23
CA MET B 128 11.35 4.37 -28.14
C MET B 128 11.67 5.84 -27.99
N ILE B 129 11.90 6.31 -26.76
CA ILE B 129 12.21 7.71 -26.52
C ILE B 129 13.58 8.05 -27.10
N ILE B 130 14.59 7.25 -26.76
CA ILE B 130 15.96 7.49 -27.22
C ILE B 130 15.97 7.70 -28.73
N GLN B 131 15.36 6.77 -29.48
CA GLN B 131 15.26 6.91 -30.93
C GLN B 131 14.70 8.27 -31.31
N GLU B 132 13.54 8.62 -30.75
CA GLU B 132 12.94 9.92 -31.01
C GLU B 132 13.92 11.05 -30.72
N MET B 133 14.63 10.96 -29.60
CA MET B 133 15.62 11.97 -29.25
C MET B 133 16.67 12.09 -30.35
N TYR B 134 17.18 10.96 -30.83
CA TYR B 134 18.17 10.98 -31.91
C TYR B 134 17.64 11.72 -33.12
N ASP B 135 16.34 11.62 -33.39
CA ASP B 135 15.76 12.38 -34.48
C ASP B 135 15.68 13.86 -34.12
N LYS B 136 15.15 14.16 -32.92
CA LYS B 136 14.98 15.54 -32.51
C LYS B 136 16.31 16.29 -32.55
N ALA B 137 17.34 15.71 -31.93
CA ALA B 137 18.67 16.29 -31.97
C ALA B 137 19.09 16.59 -33.41
N ALA B 138 18.85 15.65 -34.32
CA ALA B 138 19.18 15.85 -35.73
C ALA B 138 18.57 17.14 -36.25
N GLU B 139 17.28 17.35 -35.98
CA GLU B 139 16.62 18.58 -36.38
C GLU B 139 17.34 19.79 -35.82
N GLN B 140 17.66 19.75 -34.52
CA GLN B 140 18.32 20.88 -33.87
C GLN B 140 19.72 21.10 -34.41
N LEU B 141 20.28 20.13 -35.13
CA LEU B 141 21.58 20.33 -35.78
C LEU B 141 21.42 21.05 -37.11
N ILE B 142 20.31 20.81 -37.82
CA ILE B 142 20.16 21.39 -39.15
C ILE B 142 19.63 22.81 -39.06
N ARG B 143 18.82 23.13 -38.05
CA ARG B 143 18.33 24.49 -37.87
C ARG B 143 19.42 25.45 -37.43
N LYS B 144 20.57 24.96 -36.99
CA LYS B 144 21.68 25.83 -36.60
C LYS B 144 22.66 26.09 -37.75
N LEU B 145 22.49 25.42 -38.88
CA LEU B 145 23.31 25.74 -40.05
C LEU B 145 23.14 27.19 -40.52
N PRO B 146 21.94 27.79 -40.52
CA PRO B 146 21.86 29.23 -40.82
C PRO B 146 22.75 30.09 -39.94
N SER B 147 22.85 29.77 -38.64
CA SER B 147 23.72 30.53 -37.76
C SER B 147 25.19 30.31 -38.07
N VAL B 148 25.54 29.18 -38.68
CA VAL B 148 26.94 28.94 -39.06
C VAL B 148 27.27 29.63 -40.37
N GLN B 149 26.29 29.74 -41.29
CA GLN B 149 26.56 30.43 -42.55
C GLN B 149 26.84 31.91 -42.33
N VAL B 150 26.06 32.56 -41.47
CA VAL B 150 26.26 33.98 -41.19
C VAL B 150 27.52 34.25 -40.37
N ALA B 151 28.11 33.21 -39.76
CA ALA B 151 29.36 33.38 -39.06
C ALA B 151 30.52 33.68 -40.01
N ASP B 152 30.38 33.36 -41.30
CA ASP B 152 31.40 33.68 -42.29
C ASP B 152 31.31 35.15 -42.64
N VAL B 153 32.15 35.97 -41.99
CA VAL B 153 32.20 37.40 -42.24
C VAL B 153 33.66 37.79 -42.46
N GLU B 154 33.85 38.93 -43.13
CA GLU B 154 35.19 39.41 -43.48
C GLU B 154 35.86 39.98 -42.23
N ALA B 155 36.94 39.35 -41.80
CA ALA B 155 37.70 39.81 -40.64
C ALA B 155 39.16 40.06 -41.01
N SER C 45 -9.88 -38.61 41.95
CA SER C 45 -10.63 -39.83 41.78
C SER C 45 -9.78 -40.93 41.14
N GLY C 46 -9.21 -40.62 39.98
CA GLY C 46 -8.37 -41.59 39.30
C GLY C 46 -7.98 -41.09 37.91
N PHE C 47 -7.55 -42.04 37.08
CA PHE C 47 -7.12 -41.71 35.72
C PHE C 47 -8.32 -41.52 34.81
N LEU C 48 -8.22 -40.53 33.92
CA LEU C 48 -9.21 -40.32 32.88
C LEU C 48 -8.85 -41.12 31.64
N ILE C 49 -9.69 -41.06 30.62
CA ILE C 49 -9.52 -41.88 29.43
C ILE C 49 -8.59 -41.15 28.45
N PRO C 50 -7.59 -41.83 27.88
CA PRO C 50 -6.61 -41.15 27.04
C PRO C 50 -7.19 -40.75 25.69
N ASN C 51 -6.40 -39.97 24.95
CA ASN C 51 -6.75 -39.58 23.60
C ASN C 51 -5.49 -39.48 22.76
N ALA C 52 -5.66 -39.63 21.45
CA ALA C 52 -4.56 -39.63 20.49
C ALA C 52 -4.93 -38.78 19.29
N LYS C 53 -3.91 -38.40 18.52
CA LYS C 53 -4.12 -37.58 17.32
C LYS C 53 -2.96 -37.82 16.36
N TYR C 54 -3.17 -37.41 15.11
CA TYR C 54 -2.14 -37.55 14.08
C TYR C 54 -2.21 -36.31 13.18
N SER C 55 -1.20 -35.44 13.29
CA SER C 55 -1.18 -34.18 12.56
C SER C 55 0.11 -34.07 11.75
N THR C 56 0.28 -32.92 11.08
CA THR C 56 1.44 -32.66 10.25
C THR C 56 2.57 -31.96 11.00
N LYS C 57 2.26 -31.26 12.10
CA LYS C 57 3.28 -30.67 12.94
C LYS C 57 3.55 -31.47 14.21
N ASN C 58 2.59 -32.31 14.62
CA ASN C 58 2.77 -33.24 15.72
C ASN C 58 2.56 -34.65 15.21
N GLY C 59 3.52 -35.53 15.47
CA GLY C 59 3.49 -36.88 14.93
C GLY C 59 2.31 -37.72 15.40
N VAL C 60 2.49 -38.41 16.52
CA VAL C 60 1.46 -39.29 17.07
C VAL C 60 1.18 -38.79 18.48
N GLU C 61 0.24 -37.85 18.60
CA GLU C 61 -0.11 -37.29 19.90
C GLU C 61 -0.76 -38.36 20.77
N PHE C 62 -0.25 -38.53 21.99
CA PHE C 62 -0.81 -39.48 22.94
C PHE C 62 -0.80 -38.87 24.33
N SER C 63 -1.98 -38.70 24.93
CA SER C 63 -2.07 -38.02 26.22
C SER C 63 -2.73 -38.93 27.26
N LEU C 64 -2.45 -38.63 28.54
CA LEU C 64 -2.99 -39.40 29.66
C LEU C 64 -3.41 -38.46 30.79
N PRO C 65 -4.65 -37.98 30.77
CA PRO C 65 -5.10 -37.08 31.84
C PRO C 65 -5.37 -37.83 33.14
N TYR C 66 -4.77 -37.34 34.22
CA TYR C 66 -4.98 -37.86 35.57
C TYR C 66 -5.73 -36.81 36.37
N TYR C 67 -6.95 -37.15 36.78
CA TYR C 67 -7.83 -36.26 37.53
C TYR C 67 -7.54 -36.40 39.02
N TRP C 68 -7.16 -35.30 39.65
CA TRP C 68 -6.71 -35.28 41.05
C TRP C 68 -7.56 -34.28 41.82
N ASN C 69 -8.36 -34.79 42.75
CA ASN C 69 -9.15 -33.96 43.65
C ASN C 69 -8.40 -33.79 44.97
N ILE C 70 -8.13 -32.54 45.37
CA ILE C 70 -7.31 -32.30 46.54
C ILE C 70 -8.13 -31.74 47.69
N ALA C 71 -9.20 -31.04 47.40
CA ALA C 71 -10.01 -30.38 48.42
C ALA C 71 -11.46 -30.37 47.97
N PRO C 72 -12.39 -30.03 48.87
CA PRO C 72 -13.80 -29.94 48.47
C PRO C 72 -14.07 -29.02 47.30
N ASN C 73 -13.36 -27.89 47.22
CA ASN C 73 -13.56 -26.93 46.14
C ASN C 73 -12.23 -26.52 45.51
N PHE C 74 -11.31 -27.48 45.39
CA PHE C 74 -10.06 -27.28 44.69
C PHE C 74 -9.83 -28.46 43.76
N ASP C 75 -9.41 -28.18 42.52
CA ASP C 75 -9.31 -29.20 41.49
C ASP C 75 -7.92 -29.19 40.88
N ALA C 76 -7.47 -30.37 40.43
CA ALA C 76 -6.20 -30.50 39.75
C ALA C 76 -6.31 -31.58 38.69
N THR C 77 -5.51 -31.43 37.63
CA THR C 77 -5.53 -32.39 36.53
C THR C 77 -4.16 -32.36 35.85
N ILE C 78 -3.40 -33.45 35.97
CA ILE C 78 -2.06 -33.54 35.41
C ILE C 78 -2.13 -34.43 34.16
N THR C 79 -1.73 -33.89 33.02
CA THR C 79 -1.92 -34.56 31.73
C THR C 79 -0.61 -34.61 30.95
N PRO C 80 0.14 -35.70 31.03
CA PRO C 80 1.28 -35.88 30.11
C PRO C 80 0.82 -36.07 28.69
N HIS C 81 1.57 -35.48 27.75
CA HIS C 81 1.21 -35.40 26.33
C HIS C 81 2.46 -35.70 25.51
N TYR C 82 2.65 -36.97 25.18
CA TYR C 82 3.80 -37.40 24.40
C TYR C 82 3.58 -37.10 22.92
N MET C 83 4.60 -36.54 22.28
CA MET C 83 4.63 -36.26 20.86
C MET C 83 5.82 -36.96 20.22
N ASN C 84 5.61 -37.47 19.00
CA ASN C 84 6.61 -38.30 18.33
C ASN C 84 7.67 -37.51 17.58
N LYS C 85 7.28 -36.42 16.92
CA LYS C 85 8.24 -35.66 16.12
C LYS C 85 9.23 -34.92 17.00
N ARG C 86 8.77 -34.37 18.13
CA ARG C 86 9.65 -33.64 19.03
C ARG C 86 10.40 -34.57 19.99
N GLY C 87 9.92 -35.81 20.17
CA GLY C 87 10.56 -36.74 21.06
C GLY C 87 10.52 -36.30 22.51
N GLY C 88 9.33 -35.93 22.97
CA GLY C 88 9.19 -35.41 24.33
C GLY C 88 7.80 -35.64 24.88
N VAL C 89 7.71 -35.55 26.20
CA VAL C 89 6.47 -35.63 26.94
C VAL C 89 6.18 -34.25 27.52
N MET C 90 5.09 -33.64 27.06
CA MET C 90 4.71 -32.29 27.49
C MET C 90 3.73 -32.40 28.64
N TRP C 91 4.15 -31.94 29.83
CA TRP C 91 3.31 -32.02 31.02
C TRP C 91 2.34 -30.83 31.02
N GLU C 92 1.06 -31.12 30.77
CA GLU C 92 0.01 -30.11 30.78
C GLU C 92 -0.68 -30.16 32.14
N ASN C 93 -0.42 -29.17 32.98
CA ASN C 93 -0.96 -29.12 34.34
C ASN C 93 -2.15 -28.18 34.40
N GLU C 94 -3.15 -28.56 35.18
CA GLU C 94 -4.38 -27.79 35.36
C GLU C 94 -4.75 -27.74 36.83
N PHE C 95 -5.38 -26.63 37.22
CA PHE C 95 -5.68 -26.38 38.63
C PHE C 95 -6.83 -25.39 38.71
N ARG C 96 -7.97 -25.83 39.24
CA ARG C 96 -9.14 -24.98 39.45
C ARG C 96 -9.29 -24.65 40.93
N TYR C 97 -9.99 -23.54 41.19
CA TYR C 97 -10.24 -23.10 42.56
C TYR C 97 -11.51 -22.26 42.61
N LEU C 98 -12.23 -22.39 43.74
CA LEU C 98 -13.44 -21.62 44.02
C LEU C 98 -13.35 -21.16 45.48
N THR C 99 -12.46 -20.21 45.74
CA THR C 99 -12.25 -19.71 47.09
C THR C 99 -13.22 -18.57 47.38
N GLN C 100 -13.01 -17.87 48.50
CA GLN C 100 -13.88 -16.77 48.87
C GLN C 100 -13.65 -15.55 47.99
N LEU C 101 -12.41 -15.34 47.53
CA LEU C 101 -12.11 -14.17 46.70
C LEU C 101 -12.69 -14.29 45.30
N GLY C 102 -12.92 -15.50 44.81
CA GLY C 102 -13.47 -15.69 43.48
C GLY C 102 -13.16 -17.06 42.95
N SER C 103 -13.65 -17.32 41.75
CA SER C 103 -13.44 -18.58 41.05
C SER C 103 -12.46 -18.37 39.90
N GLY C 104 -11.64 -19.39 39.63
CA GLY C 104 -10.64 -19.25 38.59
C GLY C 104 -10.18 -20.52 37.94
N LEU C 105 -9.08 -20.44 37.18
CA LEU C 105 -8.53 -21.57 36.45
C LEU C 105 -7.10 -21.24 36.08
N THR C 106 -6.18 -22.17 36.34
CA THR C 106 -4.76 -21.99 36.05
C THR C 106 -4.24 -23.21 35.31
N GLU C 107 -3.36 -22.98 34.33
CA GLU C 107 -2.78 -24.05 33.54
C GLU C 107 -1.32 -23.76 33.25
N PHE C 108 -0.49 -24.80 33.29
CA PHE C 108 0.95 -24.67 33.06
C PHE C 108 1.42 -25.89 32.26
N ASP C 109 1.72 -25.68 30.98
CA ASP C 109 2.25 -26.72 30.10
C ASP C 109 3.76 -26.58 30.00
N TYR C 110 4.47 -27.70 30.00
CA TYR C 110 5.93 -27.69 30.03
C TYR C 110 6.47 -28.84 29.20
N LEU C 111 7.16 -28.51 28.11
CA LEU C 111 7.92 -29.44 27.30
C LEU C 111 9.40 -29.08 27.42
N PRO C 112 10.24 -30.02 27.88
CA PRO C 112 11.63 -29.69 28.22
C PRO C 112 12.51 -29.40 27.02
N SER C 113 12.58 -30.33 26.07
CA SER C 113 13.47 -30.21 24.91
C SER C 113 12.69 -30.46 23.64
N ASP C 114 12.86 -29.57 22.66
CA ASP C 114 12.11 -29.58 21.41
C ASP C 114 13.10 -29.52 20.25
N LYS C 115 13.40 -30.68 19.65
CA LYS C 115 14.34 -30.69 18.54
C LYS C 115 13.74 -30.11 17.27
N VAL C 116 12.43 -30.22 17.09
CA VAL C 116 11.78 -29.56 15.96
C VAL C 116 11.94 -28.04 16.08
N TYR C 117 11.99 -27.53 17.31
CA TYR C 117 12.24 -26.11 17.52
C TYR C 117 13.74 -25.79 17.50
N GLU C 118 14.59 -26.77 17.81
CA GLU C 118 16.03 -26.52 17.85
C GLU C 118 16.61 -26.37 16.45
N ASP C 119 16.18 -27.22 15.51
CA ASP C 119 16.73 -27.14 14.15
C ASP C 119 16.32 -25.86 13.43
N ASP C 120 15.24 -25.21 13.88
CA ASP C 120 14.89 -23.90 13.34
C ASP C 120 15.68 -22.78 14.01
N HIS C 121 15.84 -22.86 15.33
CA HIS C 121 16.56 -21.85 16.12
C HIS C 121 17.64 -22.56 16.93
N SER C 122 18.82 -22.72 16.31
CA SER C 122 19.93 -23.42 16.94
C SER C 122 21.02 -22.47 17.42
N SER C 123 20.69 -21.18 17.61
CA SER C 123 21.70 -20.21 18.04
C SER C 123 21.98 -20.34 19.52
N ASP C 124 20.96 -20.14 20.36
CA ASP C 124 21.11 -20.21 21.80
C ASP C 124 20.77 -21.61 22.31
N SER C 125 20.87 -21.78 23.62
CA SER C 125 20.62 -23.07 24.28
C SER C 125 19.17 -23.23 24.71
N ASN C 126 18.31 -22.26 24.43
CA ASN C 126 16.92 -22.31 24.89
C ASN C 126 16.12 -23.30 24.05
N SER C 127 15.63 -24.36 24.71
CA SER C 127 14.74 -25.33 24.07
C SER C 127 13.50 -25.57 24.92
N ARG C 128 13.15 -24.59 25.76
CA ARG C 128 12.01 -24.68 26.66
C ARG C 128 10.75 -24.29 25.91
N ARG C 129 9.70 -25.12 26.02
CA ARG C 129 8.43 -24.85 25.37
C ARG C 129 7.30 -24.95 26.39
N TRP C 130 6.80 -23.81 26.87
CA TRP C 130 5.86 -23.82 27.98
C TRP C 130 4.73 -22.82 27.73
N LEU C 131 3.67 -22.96 28.53
CA LEU C 131 2.52 -22.07 28.50
C LEU C 131 2.03 -21.84 29.93
N PHE C 132 1.66 -20.61 30.25
CA PHE C 132 1.14 -20.26 31.56
C PHE C 132 -0.13 -19.43 31.38
N TYR C 133 -1.25 -19.94 31.86
CA TYR C 133 -2.55 -19.28 31.76
C TYR C 133 -3.17 -19.17 33.14
N TRP C 134 -3.81 -18.03 33.40
CA TRP C 134 -4.47 -17.80 34.69
C TRP C 134 -5.66 -16.88 34.47
N ASN C 135 -6.87 -17.39 34.70
CA ASN C 135 -8.09 -16.61 34.66
C ASN C 135 -8.73 -16.58 36.05
N HIS C 136 -9.24 -15.41 36.42
CA HIS C 136 -9.83 -15.25 37.75
C HIS C 136 -10.96 -14.23 37.67
N SER C 137 -12.07 -14.55 38.35
CA SER C 137 -13.21 -13.63 38.40
C SER C 137 -13.90 -13.79 39.74
N GLY C 138 -14.17 -12.67 40.40
CA GLY C 138 -14.85 -12.70 41.68
C GLY C 138 -15.43 -11.36 42.09
N VAL C 139 -16.64 -11.40 42.63
CA VAL C 139 -17.34 -10.19 43.10
C VAL C 139 -17.67 -10.43 44.57
N ILE C 140 -16.79 -10.00 45.46
CA ILE C 140 -16.98 -10.21 46.89
C ILE C 140 -17.64 -8.97 47.49
N ASP C 141 -18.49 -9.21 48.50
CA ASP C 141 -19.29 -8.19 49.15
C ASP C 141 -20.16 -7.41 48.16
N GLN C 142 -20.45 -8.02 47.01
CA GLN C 142 -21.27 -7.43 45.95
C GLN C 142 -20.67 -6.16 45.36
N VAL C 143 -19.50 -5.73 45.82
CA VAL C 143 -18.94 -4.45 45.40
C VAL C 143 -17.49 -4.60 44.93
N TRP C 144 -16.69 -5.37 45.66
CA TRP C 144 -15.28 -5.51 45.32
C TRP C 144 -15.11 -6.50 44.18
N ARG C 145 -14.63 -6.02 43.04
CA ARG C 145 -14.45 -6.83 41.84
C ARG C 145 -12.99 -7.15 41.64
N LEU C 146 -12.67 -8.43 41.45
CA LEU C 146 -11.32 -8.90 41.19
C LEU C 146 -11.33 -9.74 39.93
N ASN C 147 -10.51 -9.35 38.95
CA ASN C 147 -10.45 -10.05 37.67
C ASN C 147 -9.00 -10.20 37.24
N ALA C 148 -8.73 -11.26 36.49
CA ALA C 148 -7.38 -11.54 36.00
C ALA C 148 -7.47 -12.37 34.74
N ASP C 149 -6.66 -12.01 33.74
CA ASP C 149 -6.58 -12.73 32.46
C ASP C 149 -5.12 -12.66 32.01
N TYR C 150 -4.34 -13.67 32.41
CA TYR C 150 -2.93 -13.73 32.13
C TYR C 150 -2.64 -14.90 31.20
N THR C 151 -1.86 -14.64 30.15
CA THR C 151 -1.49 -15.66 29.18
C THR C 151 -0.07 -15.38 28.71
N LYS C 152 0.83 -16.33 28.92
CA LYS C 152 2.22 -16.17 28.54
C LYS C 152 2.74 -17.46 27.91
N VAL C 153 3.64 -17.30 26.95
CA VAL C 153 4.26 -18.42 26.24
C VAL C 153 5.76 -18.17 26.17
N SER C 154 6.50 -19.23 25.81
CA SER C 154 7.95 -19.17 25.77
C SER C 154 8.47 -18.44 24.53
N ASP C 155 7.74 -18.51 23.42
CA ASP C 155 8.18 -17.95 22.16
C ASP C 155 6.96 -17.51 21.36
N PRO C 156 7.14 -16.65 20.35
CA PRO C 156 5.99 -16.24 19.52
C PRO C 156 5.34 -17.39 18.78
N ASP C 157 6.02 -18.52 18.60
CA ASP C 157 5.52 -19.64 17.81
C ASP C 157 5.08 -20.82 18.69
N TYR C 158 4.45 -20.53 19.83
CA TYR C 158 3.91 -21.59 20.67
C TYR C 158 2.54 -22.03 20.17
N PHE C 159 1.58 -21.10 20.12
CA PHE C 159 0.23 -21.42 19.66
C PHE C 159 0.18 -21.82 18.20
N ASN C 160 1.27 -21.62 17.44
CA ASN C 160 1.27 -21.99 16.03
C ASN C 160 1.15 -23.50 15.84
N ASP C 161 1.60 -24.29 16.82
CA ASP C 161 1.55 -25.74 16.69
C ASP C 161 1.09 -26.45 17.96
N PHE C 162 0.72 -25.73 19.01
CA PHE C 162 0.28 -26.32 20.27
C PHE C 162 -1.12 -25.85 20.62
N SER C 163 -1.79 -26.65 21.47
CA SER C 163 -3.05 -26.30 22.09
C SER C 163 -4.20 -26.15 21.10
N SER C 164 -5.42 -26.03 21.63
CA SER C 164 -6.62 -25.79 20.83
C SER C 164 -7.44 -24.70 21.50
N LYS C 165 -8.06 -25.02 22.63
CA LYS C 165 -8.58 -23.97 23.50
C LYS C 165 -7.43 -23.27 24.20
N TYR C 166 -7.75 -22.16 24.87
CA TYR C 166 -6.79 -21.20 25.42
C TYR C 166 -6.11 -20.38 24.33
N GLY C 167 -5.76 -21.03 23.21
CA GLY C 167 -5.15 -20.32 22.11
C GLY C 167 -4.81 -21.28 20.98
N SER C 168 -4.57 -20.70 19.81
CA SER C 168 -4.23 -21.45 18.62
C SER C 168 -3.45 -20.53 17.67
N SER C 169 -3.15 -21.02 16.47
CA SER C 169 -2.36 -20.25 15.51
C SER C 169 -3.07 -18.98 15.05
N THR C 170 -4.38 -18.88 15.29
CA THR C 170 -5.10 -17.67 14.91
C THR C 170 -4.63 -16.46 15.71
N ASP C 171 -4.32 -16.64 16.98
CA ASP C 171 -3.98 -15.53 17.85
C ASP C 171 -2.66 -14.88 17.42
N GLY C 172 -2.65 -13.54 17.43
CA GLY C 172 -1.47 -12.79 17.06
C GLY C 172 -0.74 -12.21 18.25
N TYR C 173 -1.36 -12.30 19.43
CA TYR C 173 -0.74 -11.81 20.66
C TYR C 173 -1.42 -12.47 21.85
N ALA C 174 -0.74 -12.38 23.00
CA ALA C 174 -1.23 -12.91 24.26
C ALA C 174 -1.55 -11.78 25.21
N THR C 175 -2.68 -11.90 25.90
CA THR C 175 -3.16 -10.87 26.82
C THR C 175 -2.72 -11.18 28.24
N GLN C 176 -2.22 -10.15 28.94
CA GLN C 176 -1.74 -10.28 30.32
C GLN C 176 -2.22 -9.06 31.11
N LYS C 177 -3.41 -9.14 31.68
CA LYS C 177 -3.96 -7.99 32.39
C LYS C 177 -4.59 -8.44 33.71
N PHE C 178 -4.44 -7.60 34.74
CA PHE C 178 -5.09 -7.76 36.03
C PHE C 178 -5.96 -6.55 36.33
N SER C 179 -6.97 -6.75 37.16
CA SER C 179 -7.90 -5.68 37.48
C SER C 179 -8.48 -5.89 38.88
N ALA C 180 -8.56 -4.80 39.64
CA ALA C 180 -9.15 -4.81 40.97
C ALA C 180 -9.85 -3.47 41.19
N GLY C 181 -11.11 -3.51 41.59
CA GLY C 181 -11.88 -2.28 41.73
C GLY C 181 -13.04 -2.42 42.70
N TYR C 182 -13.77 -1.31 42.84
CA TYR C 182 -14.87 -1.16 43.78
C TYR C 182 -15.99 -0.39 43.10
N VAL C 183 -17.14 -1.02 42.94
CA VAL C 183 -18.27 -0.49 42.19
C VAL C 183 -19.52 -0.60 43.03
N ASN C 184 -20.48 0.29 42.79
CA ASN C 184 -21.76 0.27 43.49
C ASN C 184 -22.67 1.28 42.79
N GLN C 185 -23.34 0.79 41.74
CA GLN C 185 -24.40 1.51 41.03
C GLN C 185 -23.94 2.85 40.46
N ASN C 186 -23.88 3.87 41.29
CA ASN C 186 -23.59 5.22 40.83
C ASN C 186 -22.13 5.62 41.02
N PHE C 187 -21.26 4.67 41.36
CA PHE C 187 -19.84 4.97 41.53
C PHE C 187 -19.02 3.72 41.28
N ASP C 188 -17.88 3.88 40.61
CA ASP C 188 -16.96 2.78 40.37
C ASP C 188 -15.55 3.31 40.19
N ALA C 189 -14.60 2.68 40.88
CA ALA C 189 -13.19 3.03 40.79
C ALA C 189 -12.39 1.76 40.63
N THR C 190 -11.64 1.65 39.53
CA THR C 190 -10.95 0.43 39.18
C THR C 190 -9.50 0.71 38.84
N VAL C 191 -8.58 -0.04 39.46
CA VAL C 191 -7.17 -0.04 39.12
C VAL C 191 -6.88 -1.28 38.29
N SER C 192 -6.04 -1.14 37.27
CA SER C 192 -5.80 -2.24 36.35
C SER C 192 -4.42 -2.10 35.72
N THR C 193 -3.83 -3.24 35.37
CA THR C 193 -2.57 -3.28 34.64
C THR C 193 -2.73 -4.16 33.41
N LYS C 194 -2.15 -3.72 32.30
CA LYS C 194 -2.33 -4.39 31.02
C LYS C 194 -1.00 -4.49 30.28
N GLN C 195 -0.66 -5.70 29.84
CA GLN C 195 0.50 -5.97 29.01
C GLN C 195 0.10 -6.95 27.92
N PHE C 196 0.82 -6.91 26.80
CA PHE C 196 0.49 -7.74 25.64
C PHE C 196 1.77 -8.27 25.03
N GLN C 197 1.85 -9.60 24.90
CA GLN C 197 3.01 -10.26 24.29
C GLN C 197 2.67 -10.52 22.82
N VAL C 198 3.21 -9.69 21.94
CA VAL C 198 2.90 -9.78 20.51
C VAL C 198 3.75 -10.88 19.89
N PHE C 199 3.15 -11.62 18.96
CA PHE C 199 3.80 -12.80 18.35
C PHE C 199 4.38 -12.39 16.99
N ASP C 200 5.56 -11.77 17.04
CA ASP C 200 6.35 -11.51 15.85
C ASP C 200 7.78 -11.21 16.28
N ARG C 201 8.74 -11.78 15.56
CA ARG C 201 10.15 -11.69 15.92
C ARG C 201 10.85 -10.47 15.33
N GLU C 202 10.13 -9.66 14.55
CA GLU C 202 10.69 -8.44 13.97
C GLU C 202 10.32 -7.19 14.76
N SER C 203 9.04 -7.05 15.11
CA SER C 203 8.57 -5.86 15.83
C SER C 203 8.41 -6.16 17.32
N SER C 204 7.21 -6.59 17.72
CA SER C 204 6.88 -6.83 19.13
C SER C 204 7.10 -5.56 19.96
N ASN C 205 6.58 -4.45 19.47
CA ASN C 205 6.69 -3.14 20.13
C ASN C 205 5.28 -2.63 20.40
N SER C 206 4.72 -3.07 21.53
CA SER C 206 3.37 -2.70 21.94
C SER C 206 3.42 -2.00 23.29
N TYR C 207 2.49 -1.06 23.49
CA TYR C 207 2.42 -0.32 24.74
C TYR C 207 1.74 -1.16 25.82
N SER C 208 1.85 -0.66 27.05
CA SER C 208 1.35 -1.38 28.22
C SER C 208 0.99 -0.37 29.30
N ALA C 209 -0.23 -0.47 29.82
CA ALA C 209 -0.70 0.41 30.88
C ALA C 209 -0.28 -0.18 32.22
N GLU C 210 0.68 0.46 32.88
CA GLU C 210 1.17 -0.01 34.18
C GLU C 210 1.40 1.14 35.14
N PRO C 211 0.38 1.52 35.91
CA PRO C 211 -0.99 1.01 35.81
C PRO C 211 -1.94 2.04 35.22
N GLN C 212 -3.24 1.80 35.32
CA GLN C 212 -4.24 2.79 34.96
C GLN C 212 -5.40 2.72 35.93
N LEU C 213 -5.96 3.88 36.24
CA LEU C 213 -7.05 4.04 37.21
C LEU C 213 -8.21 4.73 36.52
N ASP C 214 -9.36 4.07 36.50
CA ASP C 214 -10.59 4.60 35.92
C ASP C 214 -11.58 4.90 37.05
N VAL C 215 -12.16 6.09 37.02
CA VAL C 215 -13.08 6.56 38.04
C VAL C 215 -14.32 7.11 37.35
N ASN C 216 -15.50 6.62 37.76
CA ASN C 216 -16.77 7.05 37.20
C ASN C 216 -17.74 7.32 38.34
N TYR C 217 -18.38 8.49 38.31
CA TYR C 217 -19.41 8.83 39.28
C TYR C 217 -20.64 9.36 38.55
N TYR C 218 -21.82 8.97 39.03
CA TYR C 218 -23.08 9.32 38.39
C TYR C 218 -24.03 9.96 39.39
N GLN C 219 -24.89 10.85 38.88
CA GLN C 219 -26.01 11.38 39.64
C GLN C 219 -27.18 11.52 38.69
N ASN C 220 -28.35 11.01 39.08
CA ASN C 220 -29.45 10.87 38.13
C ASN C 220 -30.43 12.03 38.16
N ASP C 221 -30.63 12.67 39.31
CA ASP C 221 -31.67 13.70 39.46
C ASP C 221 -31.05 14.96 40.07
N VAL C 222 -30.15 15.60 39.31
CA VAL C 222 -29.63 16.93 39.67
C VAL C 222 -30.55 17.93 38.98
N GLY C 223 -31.70 18.16 39.60
CA GLY C 223 -32.76 18.91 38.97
C GLY C 223 -33.35 18.11 37.82
N PRO C 224 -33.23 18.64 36.61
CA PRO C 224 -33.58 17.87 35.40
C PRO C 224 -32.40 17.16 34.74
N PHE C 225 -31.20 17.23 35.31
CA PHE C 225 -29.99 16.78 34.66
C PHE C 225 -29.53 15.42 35.15
N ASP C 226 -28.84 14.69 34.27
CA ASP C 226 -28.10 13.49 34.62
C ASP C 226 -26.61 13.80 34.48
N THR C 227 -25.89 13.74 35.59
CA THR C 227 -24.48 14.06 35.65
C THR C 227 -23.64 12.79 35.62
N HIS C 228 -22.58 12.81 34.80
CA HIS C 228 -21.64 11.70 34.70
C HIS C 228 -20.23 12.28 34.64
N LEU C 229 -19.45 12.06 35.70
CA LEU C 229 -18.08 12.54 35.79
C LEU C 229 -17.13 11.34 35.63
N TYR C 230 -16.24 11.43 34.65
CA TYR C 230 -15.27 10.39 34.38
C TYR C 230 -13.87 10.95 34.53
N GLY C 231 -12.93 10.09 34.93
CA GLY C 231 -11.55 10.48 35.08
C GLY C 231 -10.64 9.28 35.01
N GLN C 232 -9.45 9.49 34.46
CA GLN C 232 -8.52 8.37 34.30
C GLN C 232 -7.08 8.85 34.49
N VAL C 233 -6.26 7.98 35.06
CA VAL C 233 -4.82 8.23 35.21
C VAL C 233 -4.07 7.01 34.70
N ALA C 234 -3.27 7.20 33.66
CA ALA C 234 -2.61 6.06 33.02
C ALA C 234 -1.13 6.33 32.86
N HIS C 235 -0.31 5.29 33.05
CA HIS C 235 1.12 5.33 32.81
C HIS C 235 1.44 4.32 31.73
N PHE C 236 1.89 4.80 30.57
CA PHE C 236 2.12 3.95 29.41
C PHE C 236 3.60 3.66 29.26
N VAL C 237 3.95 2.38 29.09
CA VAL C 237 5.33 1.95 28.91
C VAL C 237 5.38 0.91 27.80
N ASN C 238 6.35 1.05 26.90
CA ASN C 238 6.49 0.16 25.77
C ASN C 238 7.66 -0.80 25.98
N SER C 239 7.61 -1.93 25.28
CA SER C 239 8.69 -2.90 25.37
C SER C 239 9.97 -2.35 24.76
N ASN C 240 9.86 -1.62 23.66
CA ASN C 240 11.03 -1.00 23.05
C ASN C 240 11.42 0.26 23.82
N ASN C 241 12.73 0.51 23.87
CA ASN C 241 13.24 1.69 24.57
C ASN C 241 13.28 2.93 23.69
N ASN C 242 13.17 2.77 22.36
CA ASN C 242 13.14 3.91 21.47
C ASN C 242 11.80 4.63 21.49
N MET C 243 10.73 3.95 21.90
CA MET C 243 9.39 4.51 21.93
C MET C 243 9.23 5.49 23.09
N PRO C 244 8.35 6.48 22.97
CA PRO C 244 8.14 7.44 24.05
C PRO C 244 7.47 6.80 25.26
N GLU C 245 7.61 7.49 26.39
CA GLU C 245 6.94 7.13 27.63
C GLU C 245 6.11 8.31 28.10
N ALA C 246 5.03 8.05 28.82
CA ALA C 246 4.15 9.15 29.21
C ALA C 246 3.23 8.75 30.36
N THR C 247 2.83 9.77 31.12
CA THR C 247 1.77 9.68 32.11
C THR C 247 0.66 10.63 31.68
N ARG C 248 -0.54 10.09 31.48
CA ARG C 248 -1.69 10.85 31.03
C ARG C 248 -2.72 10.97 32.14
N VAL C 249 -3.25 12.18 32.32
CA VAL C 249 -4.30 12.46 33.29
C VAL C 249 -5.48 13.07 32.55
N HIS C 250 -6.67 12.52 32.80
CA HIS C 250 -7.84 12.89 32.00
C HIS C 250 -9.06 13.11 32.90
N PHE C 251 -9.80 14.16 32.59
CA PHE C 251 -11.04 14.50 33.27
C PHE C 251 -12.11 14.78 32.21
N GLU C 252 -13.32 14.28 32.46
CA GLU C 252 -14.40 14.36 31.47
C GLU C 252 -15.72 14.54 32.20
N PRO C 253 -16.15 15.78 32.39
CA PRO C 253 -17.49 16.03 32.96
C PRO C 253 -18.56 16.06 31.88
N THR C 254 -19.70 15.41 32.17
CA THR C 254 -20.78 15.27 31.21
C THR C 254 -22.10 15.60 31.89
N ILE C 255 -22.73 16.70 31.46
CA ILE C 255 -24.07 17.06 31.89
C ILE C 255 -25.05 16.65 30.81
N ASN C 256 -26.17 16.06 31.21
CA ASN C 256 -27.14 15.53 30.26
C ASN C 256 -28.54 15.98 30.63
N LEU C 257 -29.37 16.17 29.61
CA LEU C 257 -30.75 16.61 29.78
C LEU C 257 -31.63 15.72 28.91
N PRO C 258 -32.27 14.71 29.50
CA PRO C 258 -33.15 13.83 28.71
C PRO C 258 -34.61 14.24 28.80
N LEU C 259 -35.22 14.52 27.65
CA LEU C 259 -36.63 14.82 27.57
C LEU C 259 -37.34 13.69 26.82
N SER C 260 -38.56 13.39 27.24
CA SER C 260 -39.32 12.30 26.64
C SER C 260 -40.81 12.58 26.80
N ASN C 261 -41.59 12.02 25.88
CA ASN C 261 -43.05 12.08 25.98
C ASN C 261 -43.66 10.78 25.45
N GLY C 262 -44.80 10.90 24.80
CA GLY C 262 -45.51 9.74 24.28
C GLY C 262 -44.86 9.05 23.10
N TRP C 263 -44.53 9.80 22.04
CA TRP C 263 -44.08 9.20 20.78
C TRP C 263 -42.57 9.21 20.60
N GLY C 264 -41.86 10.21 21.14
CA GLY C 264 -40.44 10.29 20.93
C GLY C 264 -39.64 10.77 22.12
N SER C 265 -38.41 11.23 21.89
CA SER C 265 -37.56 11.72 22.95
C SER C 265 -36.49 12.62 22.36
N LEU C 266 -36.03 13.58 23.16
CA LEU C 266 -35.01 14.55 22.77
C LEU C 266 -34.02 14.68 23.92
N ASN C 267 -32.82 14.14 23.73
CA ASN C 267 -31.79 14.08 24.76
C ASN C 267 -30.60 14.94 24.34
N THR C 268 -30.34 16.01 25.10
CA THR C 268 -29.25 16.93 24.79
C THR C 268 -28.12 16.73 25.78
N GLU C 269 -26.88 16.62 25.27
CA GLU C 269 -25.73 16.31 26.10
C GLU C 269 -24.61 17.31 25.86
N ALA C 270 -24.04 17.82 26.95
CA ALA C 270 -22.90 18.72 26.92
C ALA C 270 -21.76 18.10 27.71
N LYS C 271 -20.57 18.09 27.13
CA LYS C 271 -19.43 17.37 27.69
C LYS C 271 -18.18 18.21 27.57
N LEU C 272 -17.24 18.00 28.49
CA LEU C 272 -15.93 18.61 28.40
C LEU C 272 -14.86 17.54 28.44
N LEU C 273 -13.78 17.77 27.70
CA LEU C 273 -12.66 16.82 27.60
C LEU C 273 -11.38 17.55 27.96
N ALA C 274 -10.94 17.37 29.21
CA ALA C 274 -9.70 17.95 29.71
C ALA C 274 -8.65 16.85 29.83
N THR C 275 -7.46 17.12 29.29
CA THR C 275 -6.42 16.10 29.25
C THR C 275 -5.06 16.77 29.44
N HIS C 276 -4.17 16.05 30.11
CA HIS C 276 -2.77 16.45 30.28
C HIS C 276 -1.87 15.27 30.01
N TYR C 277 -0.77 15.53 29.29
CA TYR C 277 0.23 14.53 28.96
C TYR C 277 1.57 15.01 29.50
N GLN C 278 2.20 14.19 30.35
CA GLN C 278 3.58 14.38 30.79
C GLN C 278 4.40 13.30 30.10
N GLN C 279 5.09 13.68 29.03
CA GLN C 279 5.81 12.74 28.19
C GLN C 279 7.32 12.85 28.41
N SER C 280 8.03 11.84 27.92
CA SER C 280 9.47 11.71 28.11
C SER C 280 10.00 10.69 27.12
N ASN C 281 11.33 10.68 26.97
CA ASN C 281 12.03 9.83 26.00
C ASN C 281 11.53 10.12 24.59
N LEU C 282 11.65 11.40 24.20
CA LEU C 282 11.10 11.91 22.96
C LEU C 282 12.15 12.25 21.90
N ASP C 283 13.38 12.57 22.31
CA ASP C 283 14.37 13.09 21.36
C ASP C 283 14.72 12.06 20.31
N LYS C 284 14.92 10.81 20.71
CA LYS C 284 15.26 9.75 19.74
C LYS C 284 14.11 9.52 18.76
N TYR C 285 12.88 9.41 19.28
CA TYR C 285 11.74 9.13 18.43
C TYR C 285 11.43 10.29 17.51
N ASN C 286 11.59 11.52 18.01
CA ASN C 286 11.42 12.70 17.15
C ASN C 286 12.54 12.83 16.14
N ALA C 287 13.71 12.23 16.40
CA ALA C 287 14.77 12.22 15.42
C ALA C 287 14.47 11.22 14.30
N ALA C 288 14.04 10.01 14.67
CA ALA C 288 13.74 8.99 13.67
C ALA C 288 12.48 9.34 12.88
N ASN C 289 11.37 9.54 13.57
CA ASN C 289 10.09 9.85 12.94
C ASN C 289 9.88 11.37 12.92
N GLY C 290 9.28 11.85 11.84
CA GLY C 290 8.99 13.27 11.71
C GLY C 290 7.84 13.70 12.60
N THR C 291 8.09 13.79 13.90
CA THR C 291 7.07 14.14 14.88
C THR C 291 7.54 15.31 15.70
N ASP C 292 6.61 15.89 16.47
CA ASP C 292 6.86 17.07 17.29
C ASP C 292 6.30 16.88 18.69
N TYR C 293 6.59 15.73 19.29
CA TYR C 293 6.08 15.43 20.63
C TYR C 293 6.79 16.30 21.67
N LYS C 294 6.00 16.83 22.61
CA LYS C 294 6.52 17.68 23.68
C LYS C 294 6.29 17.00 25.02
N GLU C 295 7.11 17.41 26.01
CA GLU C 295 7.09 16.79 27.33
C GLU C 295 5.90 17.21 28.18
N SER C 296 5.18 18.27 27.79
CA SER C 296 4.04 18.75 28.57
C SER C 296 2.98 19.26 27.60
N VAL C 297 1.84 18.57 27.54
CA VAL C 297 0.77 18.93 26.61
C VAL C 297 -0.55 19.02 27.38
N SER C 298 -1.35 20.03 27.06
CA SER C 298 -2.69 20.17 27.59
C SER C 298 -3.70 20.17 26.44
N ARG C 299 -4.92 19.76 26.73
CA ARG C 299 -5.95 19.65 25.70
C ARG C 299 -7.32 19.86 26.32
N VAL C 300 -8.07 20.83 25.78
CA VAL C 300 -9.43 21.14 26.21
C VAL C 300 -10.33 21.07 24.99
N MET C 301 -11.35 20.22 25.05
CA MET C 301 -12.26 20.02 23.92
C MET C 301 -13.70 19.98 24.43
N PRO C 302 -14.50 21.01 24.18
CA PRO C 302 -15.94 20.89 24.47
C PRO C 302 -16.63 20.02 23.43
N GLN C 303 -17.76 19.45 23.84
CA GLN C 303 -18.55 18.58 22.98
C GLN C 303 -20.02 18.85 23.19
N PHE C 304 -20.75 19.06 22.10
CA PHE C 304 -22.19 19.31 22.13
C PHE C 304 -22.88 18.27 21.27
N LYS C 305 -23.89 17.62 21.83
CA LYS C 305 -24.62 16.56 21.13
C LYS C 305 -26.11 16.72 21.37
N VAL C 306 -26.90 16.44 20.34
CA VAL C 306 -28.35 16.49 20.42
C VAL C 306 -28.92 15.24 19.74
N ASP C 307 -29.41 14.30 20.55
CA ASP C 307 -30.13 13.14 20.04
C ASP C 307 -31.62 13.41 20.05
N GLY C 308 -32.31 12.84 19.07
CA GLY C 308 -33.75 12.96 18.97
C GLY C 308 -34.33 11.82 18.16
N LYS C 309 -35.46 11.26 18.59
CA LYS C 309 -36.03 10.12 17.89
C LYS C 309 -37.54 10.10 18.09
N MET C 310 -38.22 9.46 17.13
CA MET C 310 -39.66 9.28 17.21
C MET C 310 -40.00 7.83 16.91
N VAL C 311 -41.25 7.46 17.19
CA VAL C 311 -41.71 6.08 17.00
C VAL C 311 -43.09 6.11 16.36
N PHE C 312 -43.17 5.76 15.09
CA PHE C 312 -44.45 5.53 14.44
C PHE C 312 -44.86 4.07 14.59
N GLU C 313 -46.13 3.79 14.29
CA GLU C 313 -46.66 2.44 14.47
C GLU C 313 -47.91 2.27 13.64
N ARG C 314 -48.11 1.05 13.13
CA ARG C 314 -49.30 0.73 12.35
C ARG C 314 -49.62 -0.75 12.52
N ASP C 315 -50.86 -1.10 12.17
CA ASP C 315 -51.33 -2.47 12.22
C ASP C 315 -51.29 -3.10 10.83
N LEU C 316 -51.05 -4.41 10.79
CA LEU C 316 -50.92 -5.16 9.56
C LEU C 316 -51.98 -6.26 9.48
N GLN C 317 -51.90 -7.07 8.44
CA GLN C 317 -52.81 -8.19 8.26
C GLN C 317 -52.55 -9.27 9.30
N GLU C 318 -53.61 -10.00 9.64
CA GLU C 318 -53.58 -11.16 10.53
C GLU C 318 -53.37 -10.75 11.98
N GLY C 319 -52.86 -9.55 12.22
CA GLY C 319 -52.58 -9.07 13.57
C GLY C 319 -51.15 -8.63 13.81
N PHE C 320 -50.29 -8.66 12.80
CA PHE C 320 -48.92 -8.19 12.95
C PHE C 320 -48.89 -6.69 13.16
N THR C 321 -47.83 -6.22 13.83
CA THR C 321 -47.66 -4.79 14.10
C THR C 321 -46.27 -4.36 13.65
N GLN C 322 -46.21 -3.21 13.00
CA GLN C 322 -44.96 -2.66 12.48
C GLN C 322 -44.68 -1.31 13.13
N THR C 323 -43.42 -1.08 13.47
CA THR C 323 -42.99 0.17 14.10
C THR C 323 -41.84 0.77 13.32
N LEU C 324 -42.00 2.04 12.92
CA LEU C 324 -40.95 2.80 12.25
C LEU C 324 -40.36 3.79 13.23
N GLU C 325 -39.03 3.83 13.29
CA GLU C 325 -38.30 4.61 14.29
C GLU C 325 -37.28 5.52 13.61
N PRO C 326 -37.62 6.78 13.37
CA PRO C 326 -36.63 7.73 12.85
C PRO C 326 -35.80 8.35 13.97
N ARG C 327 -34.52 8.56 13.67
CA ARG C 327 -33.56 9.05 14.65
C ARG C 327 -32.58 10.01 13.98
N VAL C 328 -32.36 11.15 14.63
CA VAL C 328 -31.46 12.20 14.16
C VAL C 328 -30.59 12.64 15.33
N GLN C 329 -29.30 12.88 15.07
CA GLN C 329 -28.36 13.29 16.10
C GLN C 329 -27.36 14.27 15.52
N TYR C 330 -27.16 15.41 16.18
CA TYR C 330 -26.15 16.36 15.77
C TYR C 330 -25.00 16.36 16.76
N LEU C 331 -23.77 16.42 16.24
CA LEU C 331 -22.58 16.35 17.07
C LEU C 331 -21.59 17.42 16.64
N TYR C 332 -21.01 18.11 17.63
CA TYR C 332 -20.04 19.17 17.38
C TYR C 332 -18.94 19.13 18.42
N VAL C 333 -17.70 18.95 17.94
CA VAL C 333 -16.50 19.03 18.77
C VAL C 333 -15.49 19.88 18.00
N PRO C 334 -15.03 21.01 18.53
CA PRO C 334 -14.10 21.85 17.79
C PRO C 334 -12.76 21.17 17.56
N TYR C 335 -12.02 21.70 16.61
CA TYR C 335 -10.75 21.10 16.18
C TYR C 335 -9.63 21.46 17.16
N ARG C 336 -8.80 20.47 17.46
CA ARG C 336 -7.61 20.64 18.28
C ARG C 336 -6.44 19.95 17.60
N ASP C 337 -5.34 20.68 17.42
CA ASP C 337 -4.15 20.13 16.79
C ASP C 337 -3.45 19.21 17.81
N GLN C 338 -3.60 17.90 17.60
CA GLN C 338 -3.05 16.92 18.54
C GLN C 338 -1.85 16.20 17.94
N SER C 339 -0.94 16.94 17.31
CA SER C 339 0.29 16.38 16.76
C SER C 339 1.39 16.23 17.80
N GLU C 340 1.37 17.03 18.86
CA GLU C 340 2.36 16.93 19.93
C GLU C 340 2.02 15.83 20.92
N ILE C 341 0.91 15.12 20.73
CA ILE C 341 0.50 14.02 21.60
C ILE C 341 0.84 12.71 20.93
N GLY C 342 1.38 11.77 21.71
CA GLY C 342 1.66 10.45 21.19
C GLY C 342 0.44 9.55 21.19
N ASN C 343 0.50 8.50 20.38
CA ASN C 343 -0.57 7.52 20.29
C ASN C 343 -0.24 6.33 21.19
N TYR C 344 -1.21 5.91 21.99
CA TYR C 344 -0.97 4.85 22.96
C TYR C 344 -2.04 3.77 22.88
N ASP C 345 -3.32 4.16 22.98
CA ASP C 345 -4.42 3.19 22.95
C ASP C 345 -5.57 3.72 22.09
N SER C 346 -5.25 4.32 20.96
CA SER C 346 -6.25 4.88 20.04
C SER C 346 -6.10 4.23 18.67
N THR C 347 -7.11 3.47 18.26
CA THR C 347 -7.16 2.87 16.94
C THR C 347 -8.49 3.21 16.28
N LEU C 348 -8.56 3.03 14.97
CA LEU C 348 -9.75 3.39 14.21
C LEU C 348 -10.87 2.43 14.50
N LEU C 349 -12.04 2.97 14.85
CA LEU C 349 -13.22 2.17 15.19
C LEU C 349 -14.06 1.88 13.96
N GLN C 350 -14.76 0.75 14.00
CA GLN C 350 -15.75 0.43 12.98
C GLN C 350 -17.08 1.09 13.34
N SER C 351 -18.03 1.02 12.41
CA SER C 351 -19.31 1.70 12.55
C SER C 351 -20.45 0.74 12.25
N ASP C 352 -21.02 0.15 13.31
CA ASP C 352 -22.30 -0.51 13.19
C ASP C 352 -23.39 0.54 13.04
N TYR C 353 -24.65 0.09 12.87
CA TYR C 353 -25.74 1.03 12.81
C TYR C 353 -25.83 1.87 14.07
N THR C 354 -25.71 1.22 15.24
CA THR C 354 -25.63 1.97 16.49
C THR C 354 -24.29 2.68 16.63
N GLY C 355 -23.23 2.11 16.05
CA GLY C 355 -21.93 2.77 16.00
C GLY C 355 -21.89 4.05 15.19
N LEU C 356 -22.89 4.29 14.34
CA LEU C 356 -22.96 5.56 13.63
C LEU C 356 -23.26 6.71 14.57
N PHE C 357 -23.94 6.44 15.68
CA PHE C 357 -24.37 7.49 16.59
C PHE C 357 -23.40 7.73 17.74
N ARG C 358 -22.34 6.92 17.87
CA ARG C 358 -21.38 7.13 18.94
C ARG C 358 -20.56 8.40 18.67
N ASP C 359 -20.07 9.00 19.76
CA ASP C 359 -19.43 10.30 19.72
C ASP C 359 -17.91 10.22 19.64
N ARG C 360 -17.36 9.10 19.16
CA ARG C 360 -15.92 8.92 19.08
C ARG C 360 -15.56 8.24 17.77
N THR C 361 -14.51 8.75 17.12
CA THR C 361 -13.97 8.14 15.91
C THR C 361 -12.90 7.10 16.25
N TYR C 362 -11.98 7.44 17.15
CA TYR C 362 -10.95 6.54 17.61
C TYR C 362 -11.34 5.93 18.96
N SER C 363 -10.68 4.83 19.30
CA SER C 363 -10.77 4.30 20.65
C SER C 363 -9.86 5.10 21.57
N GLY C 364 -9.95 4.80 22.87
CA GLY C 364 -9.07 5.45 23.82
C GLY C 364 -9.28 6.95 23.90
N LEU C 365 -8.20 7.65 24.28
CA LEU C 365 -8.26 9.08 24.58
C LEU C 365 -7.21 9.91 23.85
N ASP C 366 -6.42 9.30 22.96
CA ASP C 366 -5.27 10.01 22.40
C ASP C 366 -5.67 10.91 21.23
N ARG C 367 -6.47 10.38 20.29
CA ARG C 367 -6.86 11.11 19.08
C ARG C 367 -8.37 11.31 19.12
N ILE C 368 -8.80 12.48 19.59
CA ILE C 368 -10.21 12.86 19.64
C ILE C 368 -10.47 13.69 18.38
N ALA C 369 -11.11 13.08 17.40
CA ALA C 369 -11.36 13.77 16.14
C ALA C 369 -12.42 14.85 16.30
N SER C 370 -12.26 15.93 15.54
CA SER C 370 -13.24 17.00 15.54
C SER C 370 -14.56 16.50 14.95
N ALA C 371 -15.65 17.08 15.42
CA ALA C 371 -16.98 16.68 15.00
C ALA C 371 -17.76 17.91 14.54
N ASN C 372 -18.61 17.70 13.53
CA ASN C 372 -19.51 18.73 13.02
C ASN C 372 -20.49 18.04 12.08
N GLN C 373 -21.16 17.00 12.57
CA GLN C 373 -21.87 16.07 11.71
C GLN C 373 -23.31 15.88 12.19
N VAL C 374 -24.15 15.42 11.28
CA VAL C 374 -25.53 15.06 11.57
C VAL C 374 -25.75 13.63 11.10
N THR C 375 -26.01 12.73 12.05
CA THR C 375 -26.31 11.34 11.75
C THR C 375 -27.82 11.16 11.69
N THR C 376 -28.29 10.61 10.58
CA THR C 376 -29.70 10.33 10.39
C THR C 376 -29.88 8.86 10.04
N GLY C 377 -30.94 8.25 10.58
CA GLY C 377 -31.21 6.86 10.27
C GLY C 377 -32.58 6.47 10.73
N LEU C 378 -33.05 5.33 10.24
CA LEU C 378 -34.34 4.80 10.64
C LEU C 378 -34.24 3.30 10.87
N THR C 379 -35.15 2.81 11.72
CA THR C 379 -35.19 1.41 12.14
C THR C 379 -36.63 0.93 12.07
N SER C 380 -36.90 -0.04 11.21
CA SER C 380 -38.22 -0.64 11.09
C SER C 380 -38.24 -2.01 11.76
N ARG C 381 -39.32 -2.30 12.47
CA ARG C 381 -39.47 -3.57 13.18
C ARG C 381 -40.86 -4.14 12.93
N VAL C 382 -40.94 -5.47 12.94
CA VAL C 382 -42.19 -6.19 12.67
C VAL C 382 -42.35 -7.29 13.71
N TYR C 383 -43.46 -7.22 14.46
CA TYR C 383 -43.87 -8.22 15.43
C TYR C 383 -45.15 -8.90 14.96
N ASP C 384 -45.41 -10.09 15.52
CA ASP C 384 -46.58 -10.88 15.19
C ASP C 384 -47.69 -10.63 16.20
N ALA C 385 -48.72 -11.47 16.17
CA ALA C 385 -49.84 -11.34 17.11
C ALA C 385 -49.44 -11.71 18.54
N ALA C 386 -48.43 -12.56 18.70
CA ALA C 386 -47.92 -12.93 20.01
C ALA C 386 -46.94 -11.90 20.58
N ALA C 387 -46.75 -10.78 19.87
CA ALA C 387 -45.93 -9.66 20.34
C ALA C 387 -44.45 -10.03 20.51
N VAL C 388 -43.96 -10.99 19.73
CA VAL C 388 -42.55 -11.35 19.71
C VAL C 388 -41.95 -10.82 18.43
N GLU C 389 -40.73 -10.27 18.53
CA GLU C 389 -40.10 -9.60 17.39
C GLU C 389 -39.64 -10.62 16.37
N ARG C 390 -40.16 -10.50 15.14
CA ARG C 390 -39.78 -11.38 14.05
C ARG C 390 -38.89 -10.73 13.01
N PHE C 391 -38.95 -9.41 12.85
CA PHE C 391 -38.14 -8.75 11.83
C PHE C 391 -37.68 -7.38 12.31
N ASN C 392 -36.51 -6.96 11.82
CA ASN C 392 -36.04 -5.60 12.04
C ASN C 392 -34.95 -5.29 11.02
N ILE C 393 -34.93 -4.05 10.53
CA ILE C 393 -33.94 -3.59 9.57
C ILE C 393 -33.62 -2.13 9.90
N SER C 394 -32.34 -1.78 9.78
CA SER C 394 -31.88 -0.45 10.17
C SER C 394 -30.96 0.10 9.10
N VAL C 395 -31.16 1.37 8.75
CA VAL C 395 -30.31 2.06 7.77
C VAL C 395 -29.94 3.43 8.33
N GLY C 396 -28.65 3.77 8.23
CA GLY C 396 -28.15 5.02 8.76
C GLY C 396 -27.22 5.71 7.79
N GLN C 397 -26.78 6.91 8.19
CA GLN C 397 -25.97 7.78 7.36
C GLN C 397 -25.40 8.89 8.22
N ILE C 398 -24.15 9.27 7.98
CA ILE C 398 -23.54 10.41 8.67
C ILE C 398 -23.18 11.47 7.64
N TYR C 399 -23.68 12.68 7.84
CA TYR C 399 -23.38 13.83 6.97
C TYR C 399 -22.42 14.75 7.68
N TYR C 400 -21.24 14.96 7.09
CA TYR C 400 -20.20 15.80 7.68
C TYR C 400 -20.26 17.19 7.07
N PHE C 401 -20.39 18.22 7.92
CA PHE C 401 -20.36 19.59 7.43
C PHE C 401 -18.94 20.08 7.22
N THR C 402 -18.04 19.75 8.14
CA THR C 402 -16.62 20.08 8.02
C THR C 402 -15.80 18.81 8.18
N GLU C 403 -14.50 18.93 7.94
CA GLU C 403 -13.61 17.78 7.97
C GLU C 403 -13.33 17.36 9.42
N SER C 404 -13.42 16.06 9.69
CA SER C 404 -13.12 15.51 11.00
C SER C 404 -11.62 15.30 11.10
N ARG C 405 -10.94 16.20 11.82
CA ARG C 405 -9.49 16.20 11.91
C ARG C 405 -9.03 15.99 13.34
N THR C 406 -7.82 15.46 13.49
CA THR C 406 -7.15 15.37 14.77
C THR C 406 -5.88 16.18 14.85
N GLY C 407 -5.41 16.74 13.72
CA GLY C 407 -4.09 17.32 13.65
C GLY C 407 -3.00 16.33 13.30
N ASP C 408 -3.35 15.07 13.11
CA ASP C 408 -2.37 14.02 12.80
C ASP C 408 -3.04 12.98 11.90
N ASP C 409 -3.77 13.43 10.89
CA ASP C 409 -4.53 12.56 10.01
C ASP C 409 -3.66 12.13 8.84
N ASN C 410 -3.28 10.86 8.82
CA ASN C 410 -2.60 10.26 7.68
C ASN C 410 -3.28 8.94 7.31
N ILE C 411 -4.61 8.92 7.36
CA ILE C 411 -5.37 7.73 7.01
C ILE C 411 -5.36 7.57 5.49
N ASN C 412 -4.96 6.40 5.02
CA ASN C 412 -4.80 6.14 3.59
C ASN C 412 -6.17 5.86 2.98
N TRP C 413 -6.91 6.95 2.75
CA TRP C 413 -8.18 6.84 2.06
C TRP C 413 -7.96 6.67 0.56
N GLU C 414 -8.98 6.14 -0.12
CA GLU C 414 -8.87 5.93 -1.56
C GLU C 414 -8.98 7.24 -2.33
N ASN C 415 -9.81 8.17 -1.85
CA ASN C 415 -9.99 9.46 -2.48
C ASN C 415 -9.99 10.54 -1.41
N ASN C 416 -10.09 11.79 -1.84
CA ASN C 416 -10.00 12.93 -0.93
C ASN C 416 -11.36 13.58 -0.71
N ASP C 417 -12.38 12.77 -0.44
CA ASP C 417 -13.68 13.31 -0.06
C ASP C 417 -13.67 13.69 1.41
N THR C 418 -14.18 14.88 1.72
CA THR C 418 -14.09 15.42 3.07
C THR C 418 -15.43 15.76 3.70
N THR C 419 -16.44 16.12 2.92
CA THR C 419 -17.74 16.50 3.46
C THR C 419 -18.84 15.72 2.74
N GLY C 420 -20.05 15.84 3.28
CA GLY C 420 -21.20 15.16 2.72
C GLY C 420 -21.49 13.84 3.43
N SER C 421 -22.44 13.11 2.85
CA SER C 421 -22.78 11.79 3.38
C SER C 421 -21.65 10.80 3.09
N LEU C 422 -20.68 10.72 4.01
CA LEU C 422 -19.49 9.92 3.77
C LEU C 422 -19.71 8.45 4.12
N VAL C 423 -20.24 8.17 5.31
CA VAL C 423 -20.32 6.81 5.83
C VAL C 423 -21.79 6.41 5.99
N TRP C 424 -22.10 5.19 5.53
CA TRP C 424 -23.40 4.56 5.65
C TRP C 424 -23.24 3.21 6.33
N ALA C 425 -24.31 2.72 6.93
CA ALA C 425 -24.31 1.41 7.57
C ALA C 425 -25.74 0.92 7.70
N GLY C 426 -25.90 -0.40 7.77
CA GLY C 426 -27.22 -1.00 7.89
C GLY C 426 -27.15 -2.39 8.44
N ASP C 427 -28.19 -2.77 9.18
CA ASP C 427 -28.28 -4.09 9.80
C ASP C 427 -29.63 -4.71 9.46
N THR C 428 -29.69 -6.03 9.55
CA THR C 428 -30.91 -6.78 9.19
C THR C 428 -31.02 -8.03 10.04
N TYR C 429 -32.24 -8.33 10.47
CA TYR C 429 -32.55 -9.52 11.26
C TYR C 429 -33.94 -9.99 10.87
N TRP C 430 -34.02 -11.21 10.34
CA TRP C 430 -35.24 -11.73 9.73
C TRP C 430 -35.45 -13.17 10.16
N ARG C 431 -36.68 -13.49 10.57
CA ARG C 431 -37.04 -14.80 11.10
C ARG C 431 -38.30 -15.29 10.40
N ILE C 432 -38.25 -16.52 9.90
CA ILE C 432 -39.38 -17.08 9.15
C ILE C 432 -40.15 -18.04 10.05
N ALA C 433 -39.49 -19.09 10.50
CA ALA C 433 -40.09 -20.12 11.34
C ALA C 433 -39.35 -20.19 12.67
N ASP C 434 -39.71 -21.19 13.48
CA ASP C 434 -39.03 -21.41 14.75
C ASP C 434 -37.61 -21.93 14.56
N GLU C 435 -37.32 -22.56 13.42
CA GLU C 435 -36.03 -23.18 13.19
C GLU C 435 -35.30 -22.59 11.98
N TRP C 436 -35.73 -21.45 11.48
CA TRP C 436 -35.05 -20.72 10.41
C TRP C 436 -34.67 -19.33 10.91
N GLY C 437 -33.53 -18.84 10.42
CA GLY C 437 -33.05 -17.53 10.85
C GLY C 437 -32.13 -16.93 9.81
N LEU C 438 -32.10 -15.60 9.78
CA LEU C 438 -31.27 -14.87 8.83
C LEU C 438 -30.83 -13.55 9.45
N ARG C 439 -29.55 -13.24 9.36
CA ARG C 439 -28.99 -11.99 9.87
C ARG C 439 -28.03 -11.40 8.84
N GLY C 440 -27.83 -10.08 8.94
CA GLY C 440 -26.92 -9.41 8.02
C GLY C 440 -26.53 -8.04 8.53
N GLY C 441 -25.43 -7.54 7.97
CA GLY C 441 -24.94 -6.21 8.30
C GLY C 441 -23.90 -5.71 7.31
N ILE C 442 -23.83 -4.40 7.10
CA ILE C 442 -22.94 -3.83 6.09
C ILE C 442 -22.55 -2.42 6.50
N GLN C 443 -21.31 -2.04 6.15
CA GLN C 443 -20.77 -0.72 6.41
C GLN C 443 -20.05 -0.24 5.17
N TYR C 444 -20.52 0.89 4.61
CA TYR C 444 -20.01 1.47 3.39
C TYR C 444 -19.43 2.86 3.66
N ASP C 445 -18.42 3.23 2.87
CA ASP C 445 -17.77 4.54 3.02
C ASP C 445 -17.46 5.08 1.63
N THR C 446 -17.84 6.33 1.38
CA THR C 446 -17.59 6.95 0.08
C THR C 446 -16.13 7.27 -0.14
N ARG C 447 -15.35 7.44 0.94
CA ARG C 447 -13.92 7.68 0.80
C ARG C 447 -13.17 6.45 0.30
N LEU C 448 -13.82 5.29 0.23
CA LEU C 448 -13.27 4.10 -0.39
C LEU C 448 -14.02 3.70 -1.66
N ASP C 449 -15.02 4.49 -2.07
CA ASP C 449 -16.03 4.15 -3.08
C ASP C 449 -16.31 2.65 -3.16
N ASN C 450 -16.40 2.01 -1.99
CA ASN C 450 -16.65 0.57 -1.88
C ASN C 450 -17.01 0.28 -0.43
N VAL C 451 -17.74 -0.81 -0.24
CA VAL C 451 -18.19 -1.17 1.11
C VAL C 451 -16.98 -1.49 1.98
N ALA C 452 -16.96 -0.91 3.18
CA ALA C 452 -15.85 -1.15 4.10
C ALA C 452 -15.90 -2.57 4.65
N THR C 453 -17.01 -2.94 5.28
CA THR C 453 -17.15 -4.27 5.84
C THR C 453 -18.55 -4.80 5.55
N GLY C 454 -18.72 -6.11 5.70
CA GLY C 454 -20.01 -6.72 5.48
C GLY C 454 -20.08 -8.18 5.90
N ASN C 455 -21.07 -8.52 6.72
CA ASN C 455 -21.26 -9.88 7.18
C ASN C 455 -22.69 -10.34 6.90
N GLY C 456 -22.85 -11.63 6.70
CA GLY C 456 -24.15 -12.21 6.46
C GLY C 456 -24.19 -13.62 6.98
N THR C 457 -25.38 -14.04 7.43
CA THR C 457 -25.55 -15.40 7.95
C THR C 457 -26.99 -15.83 7.72
N ILE C 458 -27.17 -17.11 7.42
CA ILE C 458 -28.48 -17.74 7.32
C ILE C 458 -28.35 -19.16 7.88
N GLU C 459 -29.25 -19.53 8.78
CA GLU C 459 -29.09 -20.76 9.53
C GLU C 459 -30.43 -21.45 9.75
N TYR C 460 -30.44 -22.76 9.53
CA TYR C 460 -31.58 -23.62 9.85
C TYR C 460 -31.14 -24.57 10.96
N ARG C 461 -31.65 -24.33 12.17
CA ARG C 461 -31.26 -25.10 13.35
C ARG C 461 -32.51 -25.69 14.00
N ARG C 462 -32.61 -27.02 14.00
CA ARG C 462 -33.71 -27.68 14.69
C ARG C 462 -33.42 -27.84 16.17
N ASP C 463 -32.25 -28.40 16.51
CA ASP C 463 -31.85 -28.57 17.90
C ASP C 463 -30.32 -28.56 17.94
N GLU C 464 -29.74 -29.19 18.96
CA GLU C 464 -28.30 -29.17 19.12
C GLU C 464 -27.60 -30.09 18.14
N ASN C 465 -28.21 -31.23 17.79
CA ASN C 465 -27.58 -32.23 16.94
C ASN C 465 -28.11 -32.22 15.52
N ARG C 466 -28.65 -31.09 15.05
CA ARG C 466 -29.09 -30.96 13.67
C ARG C 466 -29.17 -29.47 13.33
N LEU C 467 -28.23 -29.01 12.51
CA LEU C 467 -28.18 -27.60 12.13
C LEU C 467 -27.39 -27.46 10.84
N VAL C 468 -27.71 -26.41 10.07
CA VAL C 468 -27.05 -26.08 8.81
C VAL C 468 -26.90 -24.56 8.77
N GLN C 469 -25.66 -24.08 8.85
CA GLN C 469 -25.37 -22.65 8.84
C GLN C 469 -24.56 -22.30 7.60
N LEU C 470 -24.87 -21.14 7.02
CA LEU C 470 -24.17 -20.63 5.85
C LEU C 470 -23.95 -19.14 6.03
N ASN C 471 -22.68 -18.72 6.10
CA ASN C 471 -22.34 -17.32 6.33
C ASN C 471 -21.35 -16.84 5.30
N TYR C 472 -21.21 -15.51 5.23
CA TYR C 472 -20.30 -14.86 4.28
C TYR C 472 -19.72 -13.62 4.94
N ARG C 473 -18.39 -13.49 4.86
CA ARG C 473 -17.67 -12.34 5.40
C ARG C 473 -16.92 -11.64 4.27
N TYR C 474 -16.98 -10.31 4.26
CA TYR C 474 -16.36 -9.51 3.21
C TYR C 474 -15.76 -8.24 3.78
N ALA C 475 -14.52 -7.95 3.42
CA ALA C 475 -13.82 -6.74 3.80
C ALA C 475 -12.93 -6.32 2.64
N SER C 476 -13.14 -5.11 2.13
CA SER C 476 -12.54 -4.68 0.89
C SER C 476 -11.06 -4.34 1.10
N PRO C 477 -10.25 -4.39 0.04
CA PRO C 477 -8.84 -4.01 0.17
C PRO C 477 -8.62 -2.58 0.60
N GLU C 478 -9.50 -1.65 0.21
CA GLU C 478 -9.32 -0.26 0.60
C GLU C 478 -9.46 -0.09 2.11
N TYR C 479 -10.32 -0.87 2.75
CA TYR C 479 -10.46 -0.80 4.20
C TYR C 479 -9.17 -1.26 4.88
N ILE C 480 -8.56 -2.34 4.39
CA ILE C 480 -7.29 -2.79 4.94
C ILE C 480 -6.22 -1.73 4.73
N GLN C 481 -6.21 -1.10 3.54
CA GLN C 481 -5.23 -0.06 3.26
C GLN C 481 -5.42 1.15 4.17
N ALA C 482 -6.65 1.41 4.60
CA ALA C 482 -6.92 2.58 5.44
C ALA C 482 -6.60 2.30 6.90
N THR C 483 -7.10 1.17 7.43
CA THR C 483 -6.97 0.88 8.85
C THR C 483 -5.66 0.18 9.21
N LEU C 484 -5.15 -0.69 8.34
CA LEU C 484 -3.92 -1.44 8.59
C LEU C 484 -2.91 -1.11 7.49
N PRO C 485 -2.19 0.01 7.62
CA PRO C 485 -1.26 0.40 6.54
C PRO C 485 -0.12 -0.58 6.35
N SER C 486 0.38 -1.19 7.42
CA SER C 486 1.50 -2.11 7.29
C SER C 486 1.09 -3.41 6.61
N TYR C 487 -0.17 -3.82 6.77
CA TYR C 487 -0.65 -5.08 6.19
C TYR C 487 -0.90 -4.96 4.69
N SER C 488 -1.21 -3.77 4.19
CA SER C 488 -1.66 -3.63 2.80
C SER C 488 -0.57 -4.01 1.80
N THR C 489 0.70 -3.76 2.12
CA THR C 489 1.77 -4.06 1.17
C THR C 489 2.02 -5.56 1.06
N ALA C 490 1.75 -6.32 2.12
CA ALA C 490 1.92 -7.77 2.09
C ALA C 490 0.87 -8.42 1.21
N ALA C 491 1.27 -9.51 0.54
CA ALA C 491 0.39 -10.17 -0.41
C ALA C 491 -0.75 -10.92 0.27
N GLN C 492 -0.52 -11.49 1.45
CA GLN C 492 -1.56 -12.25 2.13
C GLN C 492 -2.65 -11.38 2.72
N TYR C 493 -2.38 -10.09 2.92
CA TYR C 493 -3.36 -9.16 3.48
C TYR C 493 -3.92 -8.17 2.47
N LYS C 494 -3.29 -8.05 1.29
CA LYS C 494 -3.65 -6.99 0.36
C LYS C 494 -5.06 -7.15 -0.19
N GLN C 495 -5.47 -8.39 -0.46
CA GLN C 495 -6.76 -8.65 -1.08
C GLN C 495 -7.94 -8.50 -0.13
N GLY C 496 -7.69 -8.35 1.17
CA GLY C 496 -8.78 -8.24 2.11
C GLY C 496 -9.35 -9.60 2.47
N ILE C 497 -10.64 -9.63 2.78
CA ILE C 497 -11.34 -10.85 3.18
C ILE C 497 -12.57 -11.02 2.30
N SER C 498 -12.87 -12.27 1.95
CA SER C 498 -14.08 -12.58 1.20
C SER C 498 -14.35 -14.07 1.25
N GLN C 499 -14.73 -14.58 2.43
CA GLN C 499 -14.82 -16.00 2.66
C GLN C 499 -16.27 -16.43 2.90
N VAL C 500 -16.59 -17.64 2.42
CA VAL C 500 -17.89 -18.26 2.58
C VAL C 500 -17.73 -19.46 3.50
N GLY C 501 -18.54 -19.51 4.55
CA GLY C 501 -18.49 -20.59 5.52
C GLY C 501 -19.77 -21.41 5.50
N MET C 502 -19.62 -22.72 5.67
CA MET C 502 -20.74 -23.65 5.70
C MET C 502 -20.49 -24.66 6.80
N THR C 503 -21.32 -24.64 7.84
CA THR C 503 -21.23 -25.56 8.96
C THR C 503 -22.46 -26.45 8.97
N ALA C 504 -22.30 -27.72 9.36
CA ALA C 504 -23.40 -28.67 9.34
C ALA C 504 -23.25 -29.68 10.46
N SER C 505 -24.39 -30.23 10.90
CA SER C 505 -24.39 -31.26 11.94
C SER C 505 -25.71 -32.03 11.80
N TRP C 506 -25.64 -33.23 11.23
CA TRP C 506 -26.81 -34.05 10.96
C TRP C 506 -26.59 -35.46 11.44
N PRO C 507 -27.65 -36.16 11.88
CA PRO C 507 -27.55 -37.60 12.12
C PRO C 507 -28.03 -38.42 10.93
N ILE C 508 -27.11 -39.10 10.25
CA ILE C 508 -27.49 -39.85 9.06
C ILE C 508 -28.14 -41.19 9.43
N VAL C 509 -27.70 -41.82 10.53
CA VAL C 509 -28.27 -43.06 11.01
C VAL C 509 -28.69 -42.84 12.47
N ASP C 510 -29.66 -43.65 12.91
CA ASP C 510 -30.24 -43.48 14.24
C ASP C 510 -29.20 -43.46 15.35
N ARG C 511 -28.12 -44.22 15.19
CA ARG C 511 -27.15 -44.36 16.28
C ARG C 511 -26.12 -43.22 16.27
N TRP C 512 -25.24 -43.18 15.28
CA TRP C 512 -24.16 -42.21 15.26
C TRP C 512 -24.60 -40.89 14.63
N SER C 513 -23.77 -39.87 14.79
CA SER C 513 -24.06 -38.53 14.29
C SER C 513 -22.87 -38.01 13.50
N VAL C 514 -23.12 -36.95 12.72
CA VAL C 514 -22.12 -36.37 11.84
C VAL C 514 -21.99 -34.88 12.12
N VAL C 515 -20.77 -34.35 11.95
CA VAL C 515 -20.45 -32.96 12.17
C VAL C 515 -19.44 -32.52 11.10
N GLY C 516 -19.56 -31.29 10.64
CA GLY C 516 -18.65 -30.80 9.62
C GLY C 516 -18.66 -29.29 9.51
N ALA C 517 -17.61 -28.77 8.87
CA ALA C 517 -17.47 -27.34 8.61
C ALA C 517 -16.55 -27.14 7.42
N TYR C 518 -16.70 -26.01 6.74
CA TYR C 518 -15.96 -25.75 5.51
C TYR C 518 -15.96 -24.25 5.22
N TYR C 519 -14.80 -23.61 5.33
CA TYR C 519 -14.61 -22.21 5.02
C TYR C 519 -13.72 -22.07 3.79
N TYR C 520 -14.18 -21.29 2.81
CA TYR C 520 -13.58 -21.23 1.49
C TYR C 520 -13.47 -19.77 1.04
N ASP C 521 -12.26 -19.35 0.68
CA ASP C 521 -12.04 -17.98 0.22
C ASP C 521 -12.39 -17.86 -1.26
N THR C 522 -13.04 -16.75 -1.61
CA THR C 522 -13.52 -16.55 -2.98
C THR C 522 -12.52 -15.80 -3.86
N ASN C 523 -11.69 -14.94 -3.27
CA ASN C 523 -10.72 -14.18 -4.07
C ASN C 523 -9.63 -15.08 -4.62
N THR C 524 -8.95 -15.82 -3.74
CA THR C 524 -7.88 -16.71 -4.15
C THR C 524 -8.36 -18.08 -4.62
N ARG C 525 -9.66 -18.36 -4.49
CA ARG C 525 -10.26 -19.61 -4.99
C ARG C 525 -9.65 -20.84 -4.33
N LYS C 526 -9.35 -20.73 -3.04
CA LYS C 526 -8.79 -21.84 -2.28
C LYS C 526 -9.46 -21.91 -0.91
N ALA C 527 -9.42 -23.10 -0.33
CA ALA C 527 -10.11 -23.35 0.94
C ALA C 527 -9.32 -22.78 2.11
N ALA C 528 -10.04 -22.22 3.08
CA ALA C 528 -9.41 -21.65 4.25
C ALA C 528 -9.40 -22.60 5.44
N ASN C 529 -10.43 -23.46 5.55
CA ASN C 529 -10.51 -24.41 6.64
C ASN C 529 -11.51 -25.49 6.27
N GLN C 530 -11.32 -26.68 6.82
CA GLN C 530 -12.31 -27.73 6.62
C GLN C 530 -12.18 -28.77 7.72
N MET C 531 -13.32 -29.21 8.25
CA MET C 531 -13.35 -30.20 9.34
C MET C 531 -14.47 -31.20 9.10
N LEU C 532 -14.18 -32.47 9.37
CA LEU C 532 -15.16 -33.53 9.26
C LEU C 532 -15.03 -34.46 10.47
N GLY C 533 -16.15 -34.77 11.10
CA GLY C 533 -16.15 -35.62 12.28
C GLY C 533 -17.41 -36.45 12.37
N VAL C 534 -17.30 -37.55 13.11
CA VAL C 534 -18.40 -38.50 13.29
C VAL C 534 -18.37 -39.01 14.73
N GLN C 535 -19.54 -39.10 15.36
CA GLN C 535 -19.65 -39.42 16.77
C GLN C 535 -20.47 -40.70 16.96
N TYR C 536 -19.83 -41.72 17.55
CA TYR C 536 -20.53 -42.90 18.01
C TYR C 536 -21.20 -42.62 19.35
N ASN C 537 -22.50 -42.98 19.46
CA ASN C 537 -23.31 -42.72 20.65
C ASN C 537 -24.23 -43.92 20.87
N SER C 538 -23.63 -45.07 21.19
CA SER C 538 -24.37 -46.31 21.40
C SER C 538 -24.82 -46.50 22.84
N CYS C 539 -24.26 -45.76 23.79
CA CYS C 539 -24.62 -45.89 25.20
C CYS C 539 -24.55 -44.51 25.84
N CYS C 540 -24.42 -44.47 27.17
CA CYS C 540 -24.29 -43.19 27.86
C CYS C 540 -22.96 -42.51 27.52
N TYR C 541 -21.92 -43.30 27.28
CA TYR C 541 -20.63 -42.77 26.87
C TYR C 541 -20.53 -42.74 25.35
N ALA C 542 -19.84 -41.73 24.83
CA ALA C 542 -19.76 -41.50 23.40
C ALA C 542 -18.31 -41.32 22.96
N ILE C 543 -18.04 -41.73 21.72
CA ILE C 543 -16.72 -41.59 21.12
C ILE C 543 -16.87 -40.67 19.92
N ARG C 544 -15.77 -40.01 19.53
CA ARG C 544 -15.81 -39.14 18.37
C ARG C 544 -14.50 -39.18 17.61
N LEU C 545 -14.62 -39.29 16.29
CA LEU C 545 -13.50 -39.25 15.35
C LEU C 545 -13.52 -37.89 14.66
N GLY C 546 -12.42 -37.16 14.76
CA GLY C 546 -12.33 -35.80 14.25
C GLY C 546 -11.19 -35.61 13.29
N TYR C 547 -11.43 -34.81 12.25
CA TYR C 547 -10.45 -34.43 11.25
C TYR C 547 -10.54 -32.94 11.01
N GLU C 548 -9.38 -32.27 10.97
CA GLU C 548 -9.33 -30.83 10.84
C GLU C 548 -8.18 -30.42 9.92
N ARG C 549 -8.41 -29.39 9.12
CA ARG C 549 -7.42 -28.86 8.18
C ARG C 549 -7.49 -27.35 8.20
N LYS C 550 -6.38 -26.72 8.57
CA LYS C 550 -6.33 -25.28 8.85
C LYS C 550 -5.17 -24.65 8.11
N VAL C 551 -5.18 -23.31 8.07
CA VAL C 551 -4.09 -22.52 7.51
C VAL C 551 -3.19 -22.07 8.65
N ASN C 552 -1.89 -22.28 8.51
CA ASN C 552 -0.93 -22.05 9.59
C ASN C 552 0.00 -20.88 9.33
N GLY C 553 0.71 -20.89 8.20
CA GLY C 553 1.71 -19.86 7.95
C GLY C 553 1.73 -19.33 6.53
N TRP C 554 2.90 -18.84 6.11
CA TRP C 554 3.05 -18.21 4.80
C TRP C 554 4.53 -18.16 4.45
N ASN C 555 4.82 -18.28 3.15
CA ASN C 555 6.18 -18.16 2.65
C ASN C 555 6.20 -17.25 1.42
N SER C 556 7.36 -16.65 1.17
CA SER C 556 7.52 -15.68 0.10
C SER C 556 8.46 -16.25 -0.97
N ASN C 557 7.92 -17.18 -1.76
CA ASN C 557 8.67 -17.76 -2.86
C ASN C 557 8.59 -16.86 -4.09
N ASP C 558 9.30 -17.26 -5.15
CA ASP C 558 9.34 -16.44 -6.36
C ASP C 558 8.03 -16.48 -7.14
N ASN C 559 7.18 -17.47 -6.90
CA ASN C 559 5.91 -17.62 -7.63
C ASN C 559 4.78 -16.90 -6.89
N GLY C 560 4.93 -15.58 -6.78
CA GLY C 560 3.93 -14.76 -6.13
C GLY C 560 3.88 -14.95 -4.63
N GLY C 561 3.29 -16.07 -4.19
CA GLY C 561 3.19 -16.37 -2.79
C GLY C 561 2.03 -17.28 -2.45
N GLU C 562 2.29 -18.30 -1.64
CA GLU C 562 1.26 -19.26 -1.21
C GLU C 562 1.35 -19.43 0.29
N SER C 563 0.43 -20.24 0.84
CA SER C 563 0.32 -20.45 2.26
C SER C 563 0.39 -21.94 2.58
N LYS C 564 1.07 -22.27 3.68
CA LYS C 564 1.17 -23.66 4.13
C LYS C 564 -0.04 -24.03 4.97
N TYR C 565 -0.45 -25.29 4.85
CA TYR C 565 -1.60 -25.81 5.56
C TYR C 565 -1.16 -26.89 6.53
N ASP C 566 -1.99 -27.12 7.55
CA ASP C 566 -1.75 -28.15 8.54
C ASP C 566 -2.98 -29.04 8.65
N ASN C 567 -2.76 -30.36 8.67
CA ASN C 567 -3.81 -31.35 8.80
C ASN C 567 -3.73 -32.02 10.15
N THR C 568 -4.82 -32.67 10.55
CA THR C 568 -4.86 -33.43 11.78
C THR C 568 -6.06 -34.36 11.76
N PHE C 569 -5.93 -35.48 12.47
CA PHE C 569 -6.87 -36.59 12.35
C PHE C 569 -6.70 -37.49 13.56
N GLY C 570 -7.76 -37.69 14.34
CA GLY C 570 -7.62 -38.52 15.51
C GLY C 570 -8.93 -38.78 16.22
N ILE C 571 -8.84 -39.56 17.29
CA ILE C 571 -9.98 -39.98 18.10
C ILE C 571 -9.91 -39.27 19.45
N ASN C 572 -11.06 -38.79 19.92
CA ASN C 572 -11.17 -38.17 21.24
C ASN C 572 -12.13 -39.01 22.08
N ILE C 573 -11.59 -39.69 23.10
CA ILE C 573 -12.41 -40.49 23.99
C ILE C 573 -12.72 -39.70 25.25
N GLN C 588 -19.50 -34.36 20.68
CA GLN C 588 -19.83 -33.35 19.70
C GLN C 588 -19.17 -32.03 20.05
N MET C 589 -18.30 -31.54 19.15
CA MET C 589 -17.57 -30.29 19.38
C MET C 589 -17.48 -29.53 18.06
N LEU C 590 -18.40 -28.59 17.86
CA LEU C 590 -18.27 -27.60 16.81
C LEU C 590 -17.30 -26.49 17.18
N ARG C 591 -16.89 -26.43 18.45
CA ARG C 591 -15.98 -25.40 18.93
C ARG C 591 -14.54 -25.65 18.50
N SER C 592 -14.19 -26.89 18.17
CA SER C 592 -12.82 -27.27 17.86
C SER C 592 -12.30 -26.71 16.54
N ASN C 593 -13.13 -26.01 15.77
CA ASN C 593 -12.68 -25.43 14.52
C ASN C 593 -11.70 -24.29 14.76
N ILE C 594 -10.92 -23.98 13.73
CA ILE C 594 -10.08 -22.78 13.77
C ILE C 594 -10.94 -21.53 13.65
N LEU C 595 -12.14 -21.68 13.06
CA LEU C 595 -13.17 -20.64 13.03
C LEU C 595 -14.39 -21.24 13.72
N PRO C 596 -14.51 -21.06 15.04
CA PRO C 596 -15.55 -21.78 15.79
C PRO C 596 -16.95 -21.42 15.34
N TYR C 597 -17.88 -22.36 15.53
CA TYR C 597 -19.27 -22.16 15.17
C TYR C 597 -19.99 -21.37 16.25
N GLN C 598 -20.82 -20.41 15.83
CA GLN C 598 -21.64 -19.61 16.73
C GLN C 598 -23.06 -19.61 16.22
N SER C 599 -24.01 -19.99 17.07
CA SER C 599 -25.39 -20.20 16.68
C SER C 599 -26.04 -18.83 16.44
N SER C 600 -25.90 -18.36 15.21
CA SER C 600 -26.51 -17.12 14.73
C SER C 600 -27.96 -17.42 14.39
N LEU C 601 -28.76 -17.58 15.44
CA LEU C 601 -30.18 -17.91 15.34
C LEU C 601 -30.40 -19.20 14.55
N GLY D 6 -53.42 2.29 9.37
CA GLY D 6 -52.57 3.36 8.90
C GLY D 6 -51.49 3.74 9.88
N TRP D 7 -50.57 4.60 9.45
CA TRP D 7 -49.47 5.05 10.29
C TRP D 7 -49.98 6.06 11.33
N HIS D 8 -49.41 5.98 12.54
CA HIS D 8 -49.76 6.91 13.60
C HIS D 8 -48.66 6.86 14.65
N LEU D 9 -48.54 7.97 15.38
CA LEU D 9 -47.52 8.07 16.43
C LEU D 9 -47.84 7.14 17.59
N ARG D 10 -46.79 6.72 18.29
CA ARG D 10 -46.96 5.85 19.45
C ARG D 10 -47.55 6.64 20.62
N SER D 11 -48.57 6.06 21.25
CA SER D 11 -49.21 6.72 22.37
C SER D 11 -48.33 6.64 23.61
N THR D 12 -48.79 7.26 24.70
CA THR D 12 -48.06 7.26 25.96
C THR D 12 -48.38 5.95 26.70
N THR D 13 -47.88 4.86 26.13
CA THR D 13 -48.11 3.55 26.72
C THR D 13 -46.83 2.75 26.92
N LYS D 14 -45.87 2.84 26.00
CA LYS D 14 -44.64 2.04 25.97
C LYS D 14 -44.84 0.64 26.53
N VAL D 15 -44.08 0.28 27.55
CA VAL D 15 -44.21 -1.02 28.22
C VAL D 15 -45.53 -1.04 28.99
N PRO D 16 -46.16 -2.20 29.17
CA PRO D 16 -47.52 -2.24 29.73
C PRO D 16 -47.63 -1.53 31.07
N THR D 17 -48.83 -1.00 31.35
CA THR D 17 -49.06 -0.25 32.57
C THR D 17 -49.01 -1.13 33.81
N THR D 18 -49.14 -2.44 33.65
CA THR D 18 -48.95 -3.35 34.78
C THR D 18 -47.50 -3.31 35.26
N MET D 19 -46.57 -2.99 34.37
CA MET D 19 -45.14 -2.92 34.69
C MET D 19 -44.66 -1.47 34.85
N LYS D 20 -45.56 -0.55 35.23
CA LYS D 20 -45.12 0.80 35.55
C LYS D 20 -44.27 0.83 36.81
N THR D 21 -44.50 -0.12 37.72
CA THR D 21 -43.66 -0.34 38.89
C THR D 21 -43.04 -1.73 38.76
N MET D 22 -41.77 -1.85 39.10
CA MET D 22 -41.08 -3.11 38.91
C MET D 22 -39.94 -3.26 39.90
N ILE D 23 -39.63 -4.52 40.24
CA ILE D 23 -38.50 -4.88 41.08
C ILE D 23 -37.39 -5.39 40.17
N LEU D 24 -36.13 -5.18 40.59
CA LEU D 24 -34.97 -5.62 39.82
C LEU D 24 -34.13 -6.53 40.71
N GLN D 25 -34.21 -7.84 40.48
CA GLN D 25 -33.46 -8.82 41.24
C GLN D 25 -32.26 -9.30 40.44
N SER D 26 -31.13 -9.47 41.12
CA SER D 26 -29.89 -9.89 40.46
C SER D 26 -28.91 -10.39 41.51
N SER D 27 -28.15 -11.42 41.14
CA SER D 27 -27.08 -11.91 42.01
C SER D 27 -25.91 -10.95 42.05
N ASP D 28 -25.72 -10.16 40.99
CA ASP D 28 -24.69 -9.14 40.89
C ASP D 28 -25.38 -7.81 40.61
N PRO D 29 -25.86 -7.13 41.65
CA PRO D 29 -26.67 -5.92 41.43
C PRO D 29 -25.87 -4.73 40.90
N ASN D 30 -24.56 -4.69 41.12
CA ASN D 30 -23.74 -3.58 40.67
C ASN D 30 -22.97 -3.89 39.39
N GLY D 31 -23.16 -5.07 38.81
CA GLY D 31 -22.50 -5.45 37.59
C GLY D 31 -22.95 -4.61 36.41
N PRO D 32 -22.22 -4.71 35.29
CA PRO D 32 -22.57 -3.91 34.11
C PRO D 32 -23.94 -4.23 33.55
N LEU D 33 -24.35 -5.50 33.58
CA LEU D 33 -25.67 -5.86 33.05
C LEU D 33 -26.78 -5.28 33.93
N SER D 34 -26.64 -5.39 35.25
CA SER D 34 -27.66 -4.86 36.14
C SER D 34 -27.78 -3.35 36.03
N ARG D 35 -26.64 -2.66 35.89
CA ARG D 35 -26.68 -1.21 35.75
C ARG D 35 -27.28 -0.81 34.41
N ALA D 36 -26.96 -1.55 33.34
CA ALA D 36 -27.52 -1.25 32.02
C ALA D 36 -29.03 -1.46 32.02
N VAL D 37 -29.50 -2.56 32.61
CA VAL D 37 -30.94 -2.82 32.66
C VAL D 37 -31.64 -1.79 33.54
N ARG D 38 -31.00 -1.41 34.65
CA ARG D 38 -31.59 -0.39 35.52
C ARG D 38 -31.73 0.94 34.81
N ASN D 39 -30.67 1.37 34.12
CA ASN D 39 -30.73 2.65 33.40
C ASN D 39 -31.75 2.59 32.28
N GLN D 40 -31.76 1.50 31.51
CA GLN D 40 -32.71 1.37 30.40
C GLN D 40 -34.14 1.36 30.91
N LEU D 41 -34.40 0.68 32.02
CA LEU D 41 -35.73 0.68 32.61
C LEU D 41 -36.11 2.08 33.08
N ARG D 42 -35.16 2.82 33.63
CA ARG D 42 -35.44 4.18 34.06
C ARG D 42 -35.74 5.09 32.88
N LEU D 43 -35.16 4.81 31.71
CA LEU D 43 -35.46 5.62 30.53
C LEU D 43 -36.89 5.44 30.04
N ASN D 44 -37.55 4.34 30.40
CA ASN D 44 -38.93 4.10 30.00
C ASN D 44 -39.94 4.53 31.06
N GLY D 45 -39.50 5.26 32.08
CA GLY D 45 -40.40 5.73 33.11
C GLY D 45 -40.87 4.67 34.08
N VAL D 46 -40.11 3.60 34.25
CA VAL D 46 -40.47 2.52 35.17
C VAL D 46 -39.86 2.81 36.53
N ASP D 47 -40.71 2.85 37.56
CA ASP D 47 -40.25 3.08 38.92
C ASP D 47 -39.80 1.75 39.54
N LEU D 48 -38.57 1.73 40.04
CA LEU D 48 -38.00 0.51 40.61
C LEU D 48 -38.21 0.48 42.11
N ILE D 49 -38.49 -0.72 42.63
CA ILE D 49 -38.76 -0.94 44.05
C ILE D 49 -37.96 -2.15 44.50
N ASP D 50 -37.45 -2.11 45.73
CA ASP D 50 -36.71 -3.22 46.27
C ASP D 50 -37.65 -4.37 46.62
N ALA D 51 -37.07 -5.55 46.84
CA ALA D 51 -37.85 -6.75 47.17
C ALA D 51 -38.33 -6.77 48.61
N SER D 52 -37.95 -5.78 49.43
CA SER D 52 -38.35 -5.71 50.82
C SER D 52 -39.63 -4.93 51.04
N THR D 53 -40.38 -4.63 49.98
CA THR D 53 -41.61 -3.86 50.12
C THR D 53 -42.69 -4.69 50.81
N LEU D 54 -43.77 -4.01 51.21
CA LEU D 54 -44.86 -4.62 51.95
C LEU D 54 -45.94 -5.18 51.03
N ARG D 55 -45.59 -5.61 49.83
CA ARG D 55 -46.55 -6.15 48.87
C ARG D 55 -45.92 -7.28 48.10
N LYS D 56 -46.78 -8.11 47.50
CA LYS D 56 -46.36 -9.22 46.65
C LYS D 56 -47.31 -9.33 45.46
N ASP D 57 -47.37 -8.27 44.66
CA ASP D 57 -48.18 -8.30 43.45
C ASP D 57 -47.53 -7.54 42.30
N VAL D 58 -46.26 -7.16 42.41
CA VAL D 58 -45.56 -6.37 41.41
C VAL D 58 -44.59 -7.27 40.66
N PRO D 59 -44.48 -7.15 39.34
CA PRO D 59 -43.50 -7.96 38.61
C PRO D 59 -42.08 -7.69 39.08
N SER D 60 -41.25 -8.72 39.05
CA SER D 60 -39.86 -8.64 39.46
C SER D 60 -38.99 -9.27 38.39
N LEU D 61 -38.14 -8.45 37.75
CA LEU D 61 -37.25 -8.91 36.69
C LEU D 61 -35.97 -9.46 37.34
N ARG D 62 -35.83 -10.78 37.30
CA ARG D 62 -34.63 -11.44 37.81
C ARG D 62 -33.64 -11.67 36.68
N LEU D 63 -32.41 -11.20 36.87
CA LEU D 63 -31.33 -11.41 35.92
C LEU D 63 -30.60 -12.69 36.27
N ASP D 64 -30.68 -13.69 35.39
CA ASP D 64 -30.11 -15.00 35.70
C ASP D 64 -28.60 -14.99 35.56
N GLY D 65 -28.08 -14.50 34.44
CA GLY D 65 -26.65 -14.45 34.23
C GLY D 65 -26.33 -13.96 32.84
N SER D 66 -25.03 -13.87 32.57
CA SER D 66 -24.55 -13.41 31.28
C SER D 66 -23.21 -14.07 30.98
N SER D 67 -22.87 -14.09 29.69
CA SER D 67 -21.62 -14.71 29.25
C SER D 67 -21.26 -14.17 27.87
N ILE D 68 -19.96 -13.99 27.64
CA ILE D 68 -19.43 -13.52 26.37
C ILE D 68 -18.31 -14.46 25.93
N GLN D 69 -18.28 -14.77 24.64
CA GLN D 69 -17.26 -15.64 24.07
C GLN D 69 -16.70 -14.99 22.81
N LYS D 70 -15.38 -14.87 22.74
CA LYS D 70 -14.70 -14.25 21.61
C LYS D 70 -14.10 -15.36 20.73
N ASP D 71 -14.56 -15.43 19.48
CA ASP D 71 -14.10 -16.43 18.54
C ASP D 71 -13.62 -15.75 17.26
N THR D 72 -12.72 -16.43 16.56
CA THR D 72 -12.20 -15.92 15.30
C THR D 72 -13.27 -16.08 14.22
N ALA D 73 -13.74 -14.95 13.68
CA ALA D 73 -14.77 -15.01 12.64
C ALA D 73 -14.19 -15.30 11.27
N SER D 74 -13.08 -14.66 10.93
CA SER D 74 -12.44 -14.86 9.64
C SER D 74 -10.95 -14.61 9.79
N VAL D 75 -10.16 -15.29 8.95
CA VAL D 75 -8.71 -15.25 9.04
C VAL D 75 -8.13 -14.68 7.75
N PHE D 76 -6.89 -14.20 7.84
CA PHE D 76 -6.14 -13.80 6.66
C PHE D 76 -5.69 -15.04 5.88
N GLN D 77 -4.97 -14.81 4.80
CA GLN D 77 -4.44 -15.91 3.99
C GLN D 77 -3.25 -16.60 4.64
N ASP D 78 -2.65 -16.01 5.67
CA ASP D 78 -1.52 -16.60 6.37
C ASP D 78 -1.92 -17.34 7.64
N GLY D 79 -3.20 -17.32 8.01
CA GLY D 79 -3.69 -18.02 9.17
C GLY D 79 -3.95 -17.14 10.38
N ARG D 80 -3.50 -15.89 10.37
CA ARG D 80 -3.70 -15.01 11.51
C ARG D 80 -5.16 -14.56 11.63
N THR D 81 -5.51 -14.12 12.83
CA THR D 81 -6.87 -13.61 13.06
C THR D 81 -7.03 -12.24 12.40
N ALA D 82 -8.13 -12.08 11.67
CA ALA D 82 -8.49 -10.80 11.08
C ALA D 82 -9.66 -10.16 11.81
N GLU D 83 -10.79 -10.87 11.92
CA GLU D 83 -11.99 -10.34 12.55
C GLU D 83 -12.36 -11.23 13.73
N TYR D 84 -12.33 -10.66 14.93
CA TYR D 84 -12.95 -11.28 16.08
C TYR D 84 -14.45 -11.02 16.06
N GLN D 85 -15.23 -11.98 16.57
CA GLN D 85 -16.66 -11.83 16.72
C GLN D 85 -17.05 -12.19 18.14
N MET D 86 -17.62 -11.22 18.86
CA MET D 86 -18.09 -11.42 20.22
C MET D 86 -19.60 -11.55 20.21
N VAL D 87 -20.10 -12.60 20.85
CA VAL D 87 -21.53 -12.87 20.95
C VAL D 87 -21.88 -12.93 22.44
N MET D 88 -22.74 -12.01 22.87
CA MET D 88 -23.13 -11.89 24.27
C MET D 88 -24.50 -12.52 24.46
N THR D 89 -24.57 -13.52 25.34
CA THR D 89 -25.81 -14.20 25.68
C THR D 89 -26.23 -13.79 27.09
N VAL D 90 -27.48 -13.38 27.25
CA VAL D 90 -28.01 -13.02 28.56
C VAL D 90 -29.32 -13.77 28.81
N HIS D 91 -29.42 -14.34 30.01
CA HIS D 91 -30.60 -15.05 30.48
C HIS D 91 -31.28 -14.22 31.57
N ALA D 92 -32.61 -14.09 31.46
CA ALA D 92 -33.40 -13.40 32.45
C ALA D 92 -34.71 -14.15 32.63
N SER D 93 -35.45 -13.77 33.68
CA SER D 93 -36.75 -14.36 33.95
C SER D 93 -37.59 -13.31 34.66
N VAL D 94 -38.77 -13.04 34.12
CA VAL D 94 -39.70 -12.07 34.72
C VAL D 94 -40.68 -12.83 35.60
N LEU D 95 -40.86 -12.35 36.83
CA LEU D 95 -41.64 -13.05 37.86
C LEU D 95 -42.85 -12.20 38.22
N ILE D 96 -44.02 -12.59 37.71
CA ILE D 96 -45.29 -11.99 38.10
C ILE D 96 -45.88 -12.85 39.21
N PRO D 97 -46.15 -12.30 40.40
CA PRO D 97 -46.62 -13.13 41.52
C PRO D 97 -47.93 -13.83 41.19
N GLY D 98 -47.95 -15.16 41.38
CA GLY D 98 -49.13 -15.96 41.14
C GLY D 98 -49.39 -16.28 39.68
N HIS D 99 -48.44 -16.03 38.79
CA HIS D 99 -48.64 -16.27 37.37
C HIS D 99 -47.40 -16.89 36.72
N ASP D 100 -46.58 -17.57 37.53
CA ASP D 100 -45.42 -18.32 37.07
C ASP D 100 -44.32 -17.43 36.52
N ILE D 101 -43.09 -17.94 36.48
CA ILE D 101 -41.96 -17.21 35.91
C ILE D 101 -41.99 -17.35 34.39
N TYR D 102 -41.44 -16.35 33.71
CA TYR D 102 -41.31 -16.38 32.25
C TYR D 102 -39.85 -16.18 31.87
N PRO D 103 -39.17 -17.20 31.35
CA PRO D 103 -37.78 -17.03 30.92
C PRO D 103 -37.68 -16.29 29.59
N ILE D 104 -36.70 -15.40 29.51
CA ILE D 104 -36.39 -14.67 28.30
C ILE D 104 -34.87 -14.66 28.12
N THR D 105 -34.43 -14.90 26.89
CA THR D 105 -33.00 -14.94 26.58
C THR D 105 -32.75 -14.13 25.34
N THR D 106 -31.64 -13.37 25.31
CA THR D 106 -31.32 -12.65 24.10
C THR D 106 -29.81 -12.56 23.92
N LYS D 107 -29.39 -12.37 22.67
CA LYS D 107 -27.98 -12.44 22.29
C LYS D 107 -27.65 -11.30 21.34
N VAL D 108 -26.59 -10.56 21.67
CA VAL D 108 -26.10 -9.47 20.83
C VAL D 108 -24.87 -9.97 20.08
N TYR D 109 -24.74 -9.58 18.82
CA TYR D 109 -23.66 -10.01 17.94
C TYR D 109 -22.86 -8.80 17.50
N ARG D 110 -21.56 -8.81 17.78
CA ARG D 110 -20.67 -7.75 17.34
C ARG D 110 -19.39 -8.37 16.80
N SER D 111 -18.62 -7.56 16.08
CA SER D 111 -17.37 -8.02 15.48
C SER D 111 -16.47 -6.82 15.23
N PHE D 112 -15.16 -7.09 15.19
CA PHE D 112 -14.19 -6.03 15.01
C PHE D 112 -12.90 -6.62 14.47
N PHE D 113 -12.13 -5.80 13.76
CA PHE D 113 -10.85 -6.24 13.22
C PHE D 113 -9.77 -6.20 14.30
N ASP D 114 -8.82 -7.12 14.18
CA ASP D 114 -7.72 -7.24 15.13
C ASP D 114 -6.47 -6.56 14.59
N ASN D 115 -5.60 -6.13 15.51
CA ASN D 115 -4.36 -5.45 15.15
C ASN D 115 -3.34 -5.68 16.26
N PRO D 116 -2.46 -6.66 16.11
CA PRO D 116 -1.43 -6.91 17.16
C PRO D 116 -0.46 -5.77 17.34
N GLN D 117 -0.25 -4.94 16.31
CA GLN D 117 0.69 -3.82 16.44
C GLN D 117 0.18 -2.74 17.38
N ALA D 118 -1.12 -2.71 17.64
CA ALA D 118 -1.74 -1.77 18.57
C ALA D 118 -2.67 -2.50 19.52
N ALA D 119 -2.16 -3.56 20.16
CA ALA D 119 -2.99 -4.41 21.01
C ALA D 119 -3.66 -3.61 22.11
N LEU D 120 -2.89 -2.78 22.83
CA LEU D 120 -3.44 -1.97 23.91
C LEU D 120 -4.57 -1.08 23.39
N ALA D 121 -4.48 -0.65 22.14
CA ALA D 121 -5.58 0.09 21.53
C ALA D 121 -6.80 -0.81 21.33
N LYS D 122 -6.60 -1.95 20.69
CA LYS D 122 -7.72 -2.85 20.41
C LYS D 122 -8.38 -3.33 21.70
N ASP D 123 -7.60 -3.51 22.77
CA ASP D 123 -8.19 -3.82 24.07
C ASP D 123 -9.18 -2.75 24.47
N ALA D 124 -8.75 -1.49 24.39
CA ALA D 124 -9.67 -0.38 24.67
C ALA D 124 -10.87 -0.42 23.75
N GLU D 125 -10.72 -0.96 22.54
CA GLU D 125 -11.86 -1.12 21.65
C GLU D 125 -12.80 -2.19 22.18
N GLN D 126 -12.25 -3.33 22.62
CA GLN D 126 -13.07 -4.40 23.18
C GLN D 126 -13.89 -3.90 24.35
N ASP D 127 -13.22 -3.33 25.36
CA ASP D 127 -13.92 -2.73 26.49
C ASP D 127 -14.98 -1.74 26.04
N MET D 128 -14.76 -1.06 24.92
CA MET D 128 -15.79 -0.19 24.38
C MET D 128 -16.94 -1.01 23.81
N ILE D 129 -16.64 -1.93 22.89
CA ILE D 129 -17.67 -2.70 22.20
C ILE D 129 -18.49 -3.49 23.21
N ILE D 130 -17.80 -4.16 24.14
CA ILE D 130 -18.49 -4.88 25.21
C ILE D 130 -19.46 -3.94 25.94
N GLN D 131 -18.97 -2.74 26.29
CA GLN D 131 -19.82 -1.78 26.98
C GLN D 131 -21.07 -1.47 26.17
N GLU D 132 -20.94 -1.40 24.86
CA GLU D 132 -22.12 -1.16 24.03
C GLU D 132 -23.02 -2.38 24.00
N MET D 133 -22.43 -3.58 23.94
CA MET D 133 -23.23 -4.80 23.93
C MET D 133 -24.11 -4.88 25.18
N TYR D 134 -23.50 -4.70 26.36
CA TYR D 134 -24.26 -4.65 27.61
C TYR D 134 -25.44 -3.69 27.51
N ASP D 135 -25.25 -2.57 26.82
CA ASP D 135 -26.36 -1.64 26.64
C ASP D 135 -27.42 -2.22 25.72
N LYS D 136 -27.00 -2.70 24.55
CA LYS D 136 -27.98 -3.21 23.58
C LYS D 136 -28.72 -4.41 24.15
N ALA D 137 -28.00 -5.31 24.83
CA ALA D 137 -28.64 -6.46 25.46
C ALA D 137 -29.72 -6.03 26.44
N ALA D 138 -29.55 -4.87 27.06
CA ALA D 138 -30.59 -4.35 27.95
C ALA D 138 -31.81 -3.94 27.15
N GLU D 139 -31.62 -3.19 26.06
CA GLU D 139 -32.74 -2.73 25.26
C GLU D 139 -33.55 -3.90 24.73
N GLN D 140 -32.87 -4.92 24.20
CA GLN D 140 -33.58 -6.07 23.65
C GLN D 140 -34.36 -6.81 24.73
N LEU D 141 -33.96 -6.67 25.99
CA LEU D 141 -34.73 -7.26 27.08
C LEU D 141 -36.00 -6.46 27.36
N ILE D 142 -35.92 -5.13 27.26
CA ILE D 142 -37.08 -4.30 27.53
C ILE D 142 -38.08 -4.41 26.38
N ARG D 143 -37.59 -4.65 25.17
CA ARG D 143 -38.46 -4.79 24.01
C ARG D 143 -39.27 -6.08 24.05
N LYS D 144 -38.87 -7.05 24.88
CA LYS D 144 -39.55 -8.34 24.96
C LYS D 144 -40.45 -8.47 26.18
N LEU D 145 -40.69 -7.38 26.91
CA LEU D 145 -41.63 -7.40 28.02
C LEU D 145 -43.07 -7.44 27.52
N PRO D 146 -43.43 -6.71 26.46
CA PRO D 146 -44.76 -6.94 25.86
C PRO D 146 -45.00 -8.38 25.44
N SER D 147 -43.94 -9.12 25.11
CA SER D 147 -44.10 -10.52 24.72
C SER D 147 -44.49 -11.39 25.91
N VAL D 148 -44.00 -11.08 27.11
CA VAL D 148 -44.40 -11.82 28.29
C VAL D 148 -45.71 -11.28 28.89
N GLN D 149 -46.11 -10.05 28.53
CA GLN D 149 -47.41 -9.55 28.99
C GLN D 149 -48.57 -10.25 28.30
N VAL D 150 -48.37 -10.70 27.04
CA VAL D 150 -49.47 -11.28 26.28
C VAL D 150 -49.86 -12.66 26.79
N ALA D 151 -48.97 -13.35 27.51
CA ALA D 151 -49.26 -14.68 28.04
C ALA D 151 -50.22 -14.54 29.23
N ASP D 152 -51.51 -14.71 28.97
CA ASP D 152 -52.55 -14.54 29.98
C ASP D 152 -53.12 -15.90 30.39
N VAL D 153 -53.86 -15.88 31.49
CA VAL D 153 -54.37 -17.09 32.12
C VAL D 153 -55.75 -17.42 31.56
N GLU D 154 -56.04 -18.71 31.47
CA GLU D 154 -57.34 -19.22 31.02
C GLU D 154 -57.80 -18.61 29.69
C1 C8E E . -4.54 1.22 -46.23
C2 C8E E . -3.55 0.83 -45.14
C3 C8E E . -2.98 -0.56 -45.39
C4 C8E E . -1.58 -0.70 -44.81
C5 C8E E . -0.51 -0.73 -45.89
C6 C8E E . -0.23 -2.15 -46.36
C7 C8E E . 0.83 -2.17 -47.44
C8 C8E E . 1.13 -3.60 -47.90
O9 C8E E . 2.20 -3.60 -48.82
C10 C8E E . 3.45 -3.72 -48.18
C11 C8E E . 4.55 -3.81 -49.24
O12 C8E E . 5.73 -3.17 -48.80
C13 C8E E . 6.89 -3.89 -49.13
C14 C8E E . 8.02 -3.58 -48.14
O15 C8E E . 8.73 -2.43 -48.60
C16 C8E E . 10.05 -2.74 -49.02
C17 C8E E . 11.01 -2.73 -47.83
O18 C8E E . 12.08 -3.61 -48.11
C19 C8E E . 13.04 -3.08 -49.00
C20 C8E E . 14.35 -3.83 -48.83
O21 C8E E . 15.41 -2.92 -48.64
C1 C8E F . 36.52 -14.22 -20.27
C2 C8E F . 36.80 -13.08 -21.25
C3 C8E F . 38.20 -13.21 -21.84
C4 C8E F . 38.18 -12.87 -23.33
C5 C8E F . 39.19 -11.79 -23.69
C6 C8E F . 39.86 -12.11 -25.02
C7 C8E F . 39.93 -10.87 -25.91
C8 C8E F . 40.82 -11.14 -27.12
O9 C8E F . 40.41 -10.36 -28.21
C10 C8E F . 40.90 -9.04 -28.13
C11 C8E F . 41.30 -8.58 -29.53
O12 C8E F . 41.55 -7.19 -29.55
C13 C8E F . 42.90 -6.87 -29.34
C14 C8E F . 42.99 -5.53 -28.62
O15 C8E F . 43.87 -4.69 -29.31
C16 C8E F . 44.25 -3.58 -28.53
C17 C8E F . 43.09 -2.57 -28.51
O18 C8E F . 43.46 -1.43 -29.26
C19 C8E F . 43.54 -1.69 -30.64
C20 C8E F . 43.01 -0.49 -31.41
O21 C8E F . 42.15 -0.92 -32.45
C1 C8E G . -6.36 14.77 -44.85
C2 C8E G . -7.43 15.13 -43.82
C3 C8E G . -7.07 16.43 -43.10
C4 C8E G . -8.32 17.15 -42.61
C5 C8E G . -8.40 17.16 -41.09
C6 C8E G . -9.73 16.63 -40.57
C7 C8E G . -10.05 15.23 -41.10
C8 C8E G . -11.31 14.71 -40.41
O9 C8E G . -12.01 13.84 -41.27
C10 C8E G . -11.86 12.48 -40.93
C11 C8E G . -12.80 11.66 -41.79
O12 C8E G . -13.08 10.42 -41.18
C13 C8E G . -14.27 10.47 -40.44
C14 C8E G . -14.39 9.24 -39.55
O15 C8E G . -15.70 8.73 -39.65
C16 C8E G . -16.12 8.06 -38.48
C17 C8E G . -15.59 6.64 -38.46
O18 C8E G . -16.32 5.80 -39.34
C19 C8E G . -15.80 5.80 -40.65
C20 C8E G . -14.95 4.54 -40.84
O21 C8E G . -15.57 3.68 -41.78
C1 C8E H . -28.03 22.39 26.86
C2 C8E H . -29.20 23.37 26.78
C3 C8E H . -30.43 22.68 26.22
C4 C8E H . -31.70 23.20 26.88
C5 C8E H . -32.84 23.30 25.86
C6 C8E H . -33.74 22.06 25.93
C7 C8E H . -33.99 21.49 24.54
C8 C8E H . -32.70 21.24 23.78
O9 C8E H . -32.97 20.73 22.49
C10 C8E H . -33.49 21.73 21.64
C11 C8E H . -32.87 21.62 20.25
O12 C8E H . -33.54 20.65 19.48
C13 C8E H . -34.31 21.23 18.46
C14 C8E H . -35.62 20.46 18.28
O15 C8E H . -36.71 21.23 18.72
C16 C8E H . -37.55 20.52 19.60
C17 C8E H . -38.18 19.34 18.87
O18 C8E H . -39.04 18.63 19.73
C19 C8E H . -40.24 19.33 20.00
C20 C8E H . -41.39 18.67 19.24
O21 C8E H . -42.32 18.15 20.15
C1 C8E I . -36.78 21.72 11.52
C2 C8E I . -35.32 21.55 11.90
C3 C8E I . -35.01 22.19 13.24
C4 C8E I . -33.85 21.48 13.94
C5 C8E I . -32.60 22.34 13.84
C6 C8E I . -31.77 22.29 15.12
C7 C8E I . -30.34 22.71 14.81
C8 C8E I . -29.42 22.68 16.02
O9 C8E I . -28.16 22.22 15.59
C10 C8E I . -27.53 23.13 14.73
C11 C8E I . -26.92 22.36 13.56
O12 C8E I . -26.51 23.27 12.56
C13 C8E I . -25.42 22.78 11.81
C14 C8E I . -24.13 23.47 12.25
O15 C8E I . -23.81 24.51 11.35
C16 C8E I . -22.46 24.45 10.93
C17 C8E I . -21.52 24.42 12.13
O18 C8E I . -20.20 24.58 11.71
C19 C8E I . -19.77 25.93 11.81
C20 C8E I . -18.53 25.99 12.71
O21 C8E I . -18.82 26.77 13.86
C1 C8E J . -39.52 17.71 12.73
C2 C8E J . -40.07 16.78 13.80
C3 C8E J . -40.83 17.57 14.87
C4 C8E J . -41.92 16.71 15.50
C5 C8E J . -43.29 17.34 15.30
C6 C8E J . -44.29 16.30 14.81
C7 C8E J . -45.66 16.50 15.43
C8 C8E J . -46.70 15.66 14.72
O9 C8E J . -47.59 15.09 15.65
C10 C8E J . -48.56 16.01 16.09
C11 C8E J . -49.90 15.27 16.25
O12 C8E J . -49.71 14.14 17.07
C13 C8E J . -50.43 14.25 18.27
C14 C8E J . -49.51 14.69 19.39
O15 C8E J . -49.82 13.99 20.58
C16 C8E J . -50.32 14.84 21.59
C17 C8E J . -49.36 16.00 21.82
O18 C8E J . -49.40 16.40 23.18
C19 C8E J . -48.85 15.42 24.02
C20 C8E J . -47.37 15.75 24.27
O21 C8E J . -46.62 14.55 24.30
C1 C8E K . -36.03 13.48 10.23
C2 C8E K . -37.05 13.73 11.34
C3 C8E K . -36.90 12.70 12.46
C4 C8E K . -37.38 13.26 13.79
C5 C8E K . -36.22 13.47 14.75
C6 C8E K . -36.70 13.70 16.18
C7 C8E K . -37.39 15.06 16.30
C8 C8E K . -37.51 15.53 17.75
O9 C8E K . -38.69 15.04 18.33
C10 C8E K . -38.44 14.36 19.55
C11 C8E K . -39.77 14.13 20.27
O12 C8E K . -39.61 14.27 21.67
C13 C8E K . -40.21 15.45 22.14
C14 C8E K . -39.63 15.85 23.49
O15 C8E K . -40.67 15.78 24.45
C16 C8E K . -41.28 17.02 24.68
C17 C8E K . -40.58 17.74 25.83
O18 C8E K . -41.49 17.91 26.90
C19 C8E K . -41.68 16.71 27.63
C20 C8E K . -41.43 16.99 29.11
O21 C8E K . -40.47 16.09 29.61
C1 C8E L . -40.51 22.13 12.02
C2 C8E L . -41.58 22.01 10.95
C3 C8E L . -42.82 21.29 11.48
C4 C8E L . -42.76 19.80 11.19
C5 C8E L . -43.75 19.40 10.10
C6 C8E L . -44.98 18.73 10.69
C7 C8E L . -46.19 18.87 9.76
C8 C8E L . -47.43 18.24 10.39
O9 C8E L . -48.06 17.35 9.50
C10 C8E L . -47.31 16.18 9.27
C11 C8E L . -48.19 14.94 9.46
O12 C8E L . -49.40 15.05 8.74
C13 C8E L . -49.44 14.17 7.63
C14 C8E L . -50.37 14.75 6.56
O15 C8E L . -51.26 13.75 6.12
C16 C8E L . -51.64 13.91 4.77
C17 C8E L . -52.67 15.03 4.66
O18 C8E L . -53.95 14.52 4.34
C19 C8E L . -54.52 13.81 5.41
C20 C8E L . -55.66 14.63 6.00
O21 C8E L . -56.85 13.87 5.98
#